data_4EGO
#
_entry.id   4EGO
#
_cell.length_a   106.862
_cell.length_b   143.674
_cell.length_c   172.881
_cell.angle_alpha   90.00
_cell.angle_beta   90.00
_cell.angle_gamma   90.00
#
_symmetry.space_group_name_H-M   'P 21 21 21'
#
loop_
_entity.id
_entity.type
_entity.pdbx_description
1 polymer 'Cytochrome P450'
2 non-polymer 'PROTOPORPHYRIN IX CONTAINING FE'
3 non-polymer '1H-indole-6-carboxylic acid'
4 non-polymer 'SULFATE ION'
5 non-polymer GLYCEROL
6 non-polymer 'CHLORIDE ION'
7 water water
#
_entity_poly.entity_id   1
_entity_poly.type   'polypeptide(L)'
_entity_poly.pdbx_seq_one_letter_code
;MISNSSAESISAPPNDSTIPHLAIDPFSLDFFDDPYPDQQTLRDAGPVVYLDKWNVYGVARYAEVHAVLNDPTTFCSSRG
VGLSDFKKEKPWRPPSLILEADPPAHTRPRAVLSKVLSPATMKTIRDGFAAAADAKVDELLQRGCIDAIADLAEAYPLSV
FPDAMGLKQEGREHLLPYAGLVFNAFGPPNELRQTAIERSAPHQAYVNEQCQRPNLAPGGFGACIHAFTDTGEITPDEAP
LLVRSLLSAGLDTTVNGIGAAVYCLARFPGELQRLRSDPTLARNAFEEAVRFESPVQTFFRTTTREVELGGAVIGEGEKV
LMFLGSANRDPRRWSDPDLYDITRKTSGHVGFGSGVHMCVGQLVARLEGEVMLSALARKVAAIDIDGPVKRRFNNTLRGL
ESLPVKLTPA
;
_entity_poly.pdbx_strand_id   A,B,C,D
#
loop_
_chem_comp.id
_chem_comp.type
_chem_comp.name
_chem_comp.formula
1F1 non-polymer '1H-indole-6-carboxylic acid' 'C9 H7 N O2'
CL non-polymer 'CHLORIDE ION' 'Cl -1'
GOL non-polymer GLYCEROL 'C3 H8 O3'
HEM non-polymer 'PROTOPORPHYRIN IX CONTAINING FE' 'C34 H32 Fe N4 O4'
SO4 non-polymer 'SULFATE ION' 'O4 S -2'
#
# COMPACT_ATOMS: atom_id res chain seq x y z
N THR A 18 31.94 20.99 2.06
CA THR A 18 31.43 20.32 0.82
C THR A 18 31.45 18.76 0.97
N ILE A 19 30.36 18.14 0.52
CA ILE A 19 30.26 16.67 0.68
C ILE A 19 30.47 16.12 -0.74
N PRO A 20 31.37 15.17 -0.96
CA PRO A 20 31.48 14.67 -2.36
C PRO A 20 30.16 14.03 -2.90
N HIS A 21 29.84 14.20 -4.17
CA HIS A 21 28.60 13.58 -4.77
C HIS A 21 29.08 12.40 -5.56
N LEU A 22 28.42 11.23 -5.45
CA LEU A 22 28.82 10.09 -6.20
C LEU A 22 27.54 9.56 -6.96
N ALA A 23 27.72 8.97 -8.14
CA ALA A 23 26.58 8.49 -8.90
C ALA A 23 26.41 6.97 -8.64
N ILE A 24 27.19 6.40 -7.76
CA ILE A 24 27.11 4.93 -7.44
C ILE A 24 25.69 4.61 -6.91
N ASP A 25 25.05 3.53 -7.44
CA ASP A 25 23.78 3.06 -6.91
C ASP A 25 24.09 1.77 -6.15
N PRO A 26 24.14 1.81 -4.79
CA PRO A 26 24.51 0.60 -4.07
C PRO A 26 23.33 -0.35 -3.97
N PHE A 27 22.19 -0.05 -4.62
CA PHE A 27 21.07 -1.05 -4.67
C PHE A 27 20.82 -1.55 -6.12
N SER A 28 21.83 -1.33 -6.98
CA SER A 28 21.77 -1.82 -8.37
C SER A 28 22.27 -3.21 -8.48
N LEU A 29 21.76 -3.93 -9.53
CA LEU A 29 22.28 -5.25 -9.76
C LEU A 29 23.79 -5.33 -10.09
N ASP A 30 24.27 -4.37 -10.87
CA ASP A 30 25.66 -4.37 -11.23
C ASP A 30 26.51 -4.18 -9.94
N PHE A 31 26.05 -3.32 -9.02
CA PHE A 31 26.72 -3.21 -7.73
C PHE A 31 26.74 -4.52 -6.93
N PHE A 32 25.57 -5.14 -6.78
CA PHE A 32 25.54 -6.39 -6.06
C PHE A 32 26.47 -7.44 -6.67
N ASP A 33 26.54 -7.45 -7.99
CA ASP A 33 27.35 -8.46 -8.70
C ASP A 33 28.82 -8.21 -8.49
N ASP A 34 29.19 -6.99 -8.14
CA ASP A 34 30.66 -6.72 -7.95
C ASP A 34 30.80 -5.43 -7.06
N PRO A 35 30.57 -5.56 -5.75
CA PRO A 35 30.39 -4.32 -4.95
C PRO A 35 31.73 -3.73 -4.53
N TYR A 36 32.82 -4.48 -4.66
CA TYR A 36 34.06 -4.10 -3.90
C TYR A 36 34.76 -2.86 -4.45
N PRO A 37 34.83 -2.70 -5.80
CA PRO A 37 35.46 -1.43 -6.31
C PRO A 37 34.66 -0.20 -5.89
N ASP A 38 33.33 -0.28 -6.01
CA ASP A 38 32.49 0.83 -5.62
C ASP A 38 32.47 1.10 -4.14
N GLN A 39 32.50 0.03 -3.32
CA GLN A 39 32.63 0.29 -1.86
C GLN A 39 33.99 1.02 -1.56
N GLN A 40 35.06 0.59 -2.23
CA GLN A 40 36.28 1.39 -2.14
C GLN A 40 36.14 2.90 -2.48
N THR A 41 35.47 3.20 -3.57
CA THR A 41 35.25 4.57 -3.96
C THR A 41 34.38 5.30 -2.89
N LEU A 42 33.36 4.59 -2.36
CA LEU A 42 32.54 5.16 -1.30
C LEU A 42 33.38 5.51 -0.10
N ARG A 43 34.41 4.72 0.24
CA ARG A 43 35.23 5.05 1.41
C ARG A 43 36.22 6.20 1.05
N ASP A 44 36.78 6.11 -0.17
CA ASP A 44 37.90 6.94 -0.55
C ASP A 44 37.51 8.32 -1.05
N ALA A 45 36.26 8.52 -1.42
CA ALA A 45 35.84 9.83 -1.82
C ALA A 45 35.82 10.76 -0.66
N GLY A 46 35.48 10.26 0.53
CA GLY A 46 35.49 11.09 1.72
C GLY A 46 34.81 10.35 2.84
N PRO A 47 34.92 10.83 4.07
CA PRO A 47 34.17 10.19 5.16
C PRO A 47 32.61 10.31 5.11
N VAL A 48 32.06 11.31 4.49
CA VAL A 48 30.62 11.40 4.28
C VAL A 48 30.49 11.63 2.83
N VAL A 49 29.53 10.95 2.19
CA VAL A 49 29.21 11.12 0.74
C VAL A 49 27.72 11.45 0.50
N TYR A 50 27.38 11.98 -0.71
CA TYR A 50 25.99 12.18 -1.07
C TYR A 50 25.83 11.33 -2.27
N LEU A 51 24.80 10.46 -2.20
CA LEU A 51 24.50 9.60 -3.31
C LEU A 51 23.44 10.25 -4.21
N ASP A 52 23.80 10.63 -5.45
CA ASP A 52 22.87 11.31 -6.38
C ASP A 52 21.61 10.46 -6.65
N LYS A 53 21.84 9.15 -6.78
CA LYS A 53 20.78 8.32 -7.23
C LYS A 53 19.54 8.35 -6.27
N TRP A 54 19.81 8.30 -4.96
CA TRP A 54 18.73 8.19 -3.99
C TRP A 54 18.67 9.40 -3.01
N ASN A 55 19.39 10.46 -3.34
CA ASN A 55 19.28 11.78 -2.67
C ASN A 55 19.42 11.51 -1.14
N VAL A 56 20.53 10.89 -0.78
CA VAL A 56 20.75 10.55 0.65
C VAL A 56 22.26 10.57 0.96
N TYR A 57 22.62 10.86 2.20
CA TYR A 57 23.99 10.83 2.69
C TYR A 57 24.42 9.43 3.07
N GLY A 58 25.70 9.11 2.93
CA GLY A 58 26.18 7.72 3.18
C GLY A 58 27.49 7.78 3.93
N VAL A 59 27.75 6.81 4.77
CA VAL A 59 29.11 6.65 5.36
C VAL A 59 29.52 5.25 5.18
N ALA A 60 30.74 5.07 4.63
CA ALA A 60 31.30 3.71 4.27
C ALA A 60 32.52 3.30 5.05
N ARG A 61 33.14 4.24 5.86
CA ARG A 61 34.38 3.80 6.57
C ARG A 61 33.99 3.24 7.89
N TYR A 62 34.85 2.42 8.45
CA TYR A 62 34.59 1.85 9.79
C TYR A 62 34.38 2.89 10.88
N ALA A 63 35.20 3.90 10.88
CA ALA A 63 35.12 4.88 12.00
C ALA A 63 33.70 5.51 12.05
N GLU A 64 33.24 6.01 10.89
CA GLU A 64 31.93 6.68 10.90
C GLU A 64 30.78 5.71 11.17
N VAL A 65 30.82 4.60 10.47
CA VAL A 65 29.83 3.53 10.72
C VAL A 65 29.67 3.16 12.19
N HIS A 66 30.78 2.87 12.84
CA HIS A 66 30.82 2.54 14.26
C HIS A 66 30.31 3.68 15.14
N ALA A 67 30.70 4.91 14.84
CA ALA A 67 30.28 6.08 15.58
C ALA A 67 28.74 6.27 15.45
N VAL A 68 28.19 6.10 14.23
CA VAL A 68 26.80 6.38 14.04
C VAL A 68 25.97 5.27 14.87
N LEU A 69 26.40 4.02 14.75
CA LEU A 69 25.69 2.90 15.43
C LEU A 69 25.64 3.11 16.94
N ASN A 70 26.72 3.72 17.43
CA ASN A 70 26.86 3.95 18.86
C ASN A 70 26.36 5.28 19.39
N ASP A 71 25.69 6.07 18.56
CA ASP A 71 24.96 7.21 19.10
C ASP A 71 23.52 7.20 18.68
N PRO A 72 22.71 6.38 19.34
CA PRO A 72 21.35 6.27 18.91
C PRO A 72 20.49 7.45 19.23
N THR A 73 20.92 8.30 20.17
CA THR A 73 20.10 9.47 20.46
C THR A 73 20.14 10.44 19.26
N THR A 74 21.32 10.58 18.67
CA THR A 74 21.49 11.48 17.49
C THR A 74 21.07 10.79 16.23
N PHE A 75 21.36 9.50 16.09
CA PHE A 75 21.09 8.73 14.85
C PHE A 75 20.02 7.65 15.19
N CYS A 76 18.76 8.06 15.07
CA CYS A 76 17.64 7.26 15.64
C CYS A 76 17.21 6.18 14.60
N SER A 77 16.48 5.19 15.13
CA SER A 77 15.93 4.06 14.31
C SER A 77 14.40 4.16 14.21
N SER A 78 13.78 5.04 15.00
CA SER A 78 12.33 5.09 15.01
C SER A 78 11.72 5.75 13.81
N ARG A 79 12.57 6.37 12.98
CA ARG A 79 12.08 6.91 11.72
C ARG A 79 12.42 5.93 10.61
N GLY A 80 12.69 4.68 10.99
CA GLY A 80 12.90 3.56 9.97
C GLY A 80 14.39 3.32 9.78
N VAL A 81 14.84 2.12 9.45
CA VAL A 81 16.26 1.84 9.22
C VAL A 81 16.40 1.39 7.73
N GLY A 82 15.34 1.62 6.95
CA GLY A 82 15.40 1.63 5.49
C GLY A 82 15.44 3.05 4.98
N LEU A 83 15.38 3.22 3.65
CA LEU A 83 15.45 4.59 3.10
C LEU A 83 14.18 5.38 3.55
N SER A 84 13.02 4.74 3.59
CA SER A 84 11.72 5.45 3.95
C SER A 84 11.76 6.12 5.31
N ASP A 85 11.33 7.37 5.42
CA ASP A 85 11.32 8.04 6.71
C ASP A 85 9.93 7.91 7.25
N PHE A 86 9.75 7.18 8.34
CA PHE A 86 8.45 6.86 8.78
C PHE A 86 7.77 8.06 9.41
N LYS A 87 8.50 9.16 9.66
CA LYS A 87 7.80 10.39 10.13
C LYS A 87 6.92 10.93 8.96
N LYS A 88 7.45 10.82 7.74
CA LYS A 88 6.77 11.33 6.54
C LYS A 88 5.97 10.32 5.67
N GLU A 89 6.31 9.03 5.69
CA GLU A 89 5.79 8.07 4.72
C GLU A 89 5.12 6.93 5.51
N LYS A 90 4.21 6.22 4.88
CA LYS A 90 3.56 5.15 5.56
C LYS A 90 4.53 3.91 5.49
N PRO A 91 4.82 3.32 6.65
CA PRO A 91 5.66 2.08 6.71
C PRO A 91 4.95 1.01 5.90
N TRP A 92 5.73 0.10 5.31
CA TRP A 92 5.07 -0.96 4.52
C TRP A 92 4.25 -1.99 5.34
N ARG A 93 4.49 -2.00 6.65
CA ARG A 93 3.78 -2.88 7.59
C ARG A 93 3.87 -2.15 8.96
N PRO A 94 3.10 -2.62 9.96
CA PRO A 94 3.26 -2.08 11.33
C PRO A 94 4.69 -2.22 11.78
N PRO A 95 5.32 -1.10 12.21
CA PRO A 95 6.73 -1.19 12.57
C PRO A 95 7.11 -2.21 13.59
N SER A 96 8.33 -2.71 13.48
CA SER A 96 8.88 -3.67 14.49
C SER A 96 8.96 -2.90 15.80
N LEU A 97 8.59 -3.58 16.92
CA LEU A 97 8.71 -2.94 18.26
C LEU A 97 10.17 -2.85 18.74
N ILE A 98 11.11 -3.54 18.05
CA ILE A 98 12.48 -3.63 18.48
C ILE A 98 13.44 -2.92 17.50
N LEU A 99 13.42 -3.32 16.23
CA LEU A 99 14.34 -2.70 15.28
C LEU A 99 14.06 -1.25 14.99
N GLU A 100 12.77 -0.89 14.95
CA GLU A 100 12.32 0.43 14.46
C GLU A 100 11.79 1.21 15.69
N ALA A 101 12.54 1.10 16.78
CA ALA A 101 12.18 1.84 18.01
C ALA A 101 13.48 2.34 18.63
N ASP A 102 13.39 3.41 19.40
CA ASP A 102 14.53 3.91 20.07
C ASP A 102 14.32 3.70 21.61
N PRO A 103 15.43 3.71 22.33
CA PRO A 103 15.25 3.79 23.79
C PRO A 103 14.53 5.11 24.10
N PRO A 104 13.62 5.10 25.08
CA PRO A 104 13.37 3.99 26.02
C PRO A 104 12.37 2.95 25.52
N ALA A 105 11.57 3.26 24.51
CA ALA A 105 10.54 2.31 24.05
C ALA A 105 11.15 1.00 23.64
N HIS A 106 12.36 1.09 23.10
CA HIS A 106 13.07 -0.12 22.61
C HIS A 106 13.35 -1.11 23.74
N THR A 107 13.52 -0.62 24.96
CA THR A 107 14.24 -1.42 25.98
C THR A 107 13.52 -2.64 26.46
N ARG A 108 12.21 -2.53 26.66
CA ARG A 108 11.45 -3.71 27.17
C ARG A 108 11.32 -4.84 26.13
N PRO A 109 10.93 -4.54 24.86
CA PRO A 109 11.05 -5.60 23.85
C PRO A 109 12.40 -6.22 23.66
N ARG A 110 13.44 -5.40 23.68
CA ARG A 110 14.86 -5.89 23.65
C ARG A 110 15.12 -6.84 24.82
N ALA A 111 14.65 -6.50 26.01
CA ALA A 111 14.87 -7.36 27.17
C ALA A 111 14.22 -8.71 27.04
N VAL A 112 12.98 -8.72 26.51
CA VAL A 112 12.27 -9.96 26.21
C VAL A 112 13.02 -10.87 25.26
N LEU A 113 13.47 -10.34 24.08
CA LEU A 113 14.09 -11.20 23.15
C LEU A 113 15.48 -11.58 23.66
N SER A 114 16.18 -10.67 24.39
CA SER A 114 17.50 -11.08 24.89
C SER A 114 17.42 -12.31 25.85
N LYS A 115 16.37 -12.32 26.63
CA LYS A 115 16.13 -13.45 27.58
CA LYS A 115 16.14 -13.44 27.60
C LYS A 115 15.77 -14.68 26.80
N VAL A 116 14.95 -14.50 25.78
CA VAL A 116 14.51 -15.70 25.02
C VAL A 116 15.66 -16.35 24.28
N LEU A 117 16.61 -15.53 23.84
CA LEU A 117 17.80 -16.07 23.09
C LEU A 117 19.16 -15.93 23.81
N SER A 118 19.08 -16.21 25.11
CA SER A 118 20.15 -15.98 26.08
C SER A 118 21.22 -17.10 25.97
N PRO A 119 22.41 -16.91 26.55
CA PRO A 119 23.35 -17.98 26.60
C PRO A 119 22.72 -19.22 27.25
N ALA A 120 21.95 -19.05 28.31
CA ALA A 120 21.43 -20.27 29.06
C ALA A 120 20.49 -21.01 28.11
N THR A 121 19.75 -20.26 27.27
CA THR A 121 18.86 -20.88 26.32
C THR A 121 19.68 -21.67 25.29
N MET A 122 20.80 -21.09 24.83
CA MET A 122 21.68 -21.72 23.88
C MET A 122 22.21 -23.06 24.41
N LYS A 123 22.70 -23.09 25.65
CA LYS A 123 23.10 -24.39 26.23
C LYS A 123 22.02 -25.46 26.11
N THR A 124 20.76 -25.10 26.29
CA THR A 124 19.68 -26.10 26.28
C THR A 124 19.38 -26.67 24.90
N ILE A 125 19.75 -25.94 23.85
CA ILE A 125 19.46 -26.43 22.47
C ILE A 125 20.74 -26.81 21.74
N ARG A 126 21.92 -26.57 22.30
CA ARG A 126 23.14 -26.79 21.56
C ARG A 126 23.37 -28.20 21.09
N ASP A 127 23.11 -29.17 21.99
CA ASP A 127 23.40 -30.57 21.56
C ASP A 127 22.52 -30.97 20.34
N GLY A 128 21.21 -30.66 20.37
CA GLY A 128 20.31 -30.94 19.24
C GLY A 128 20.78 -30.28 17.96
N PHE A 129 21.19 -29.00 18.08
CA PHE A 129 21.70 -28.35 16.85
C PHE A 129 22.96 -29.01 16.31
N ALA A 130 23.90 -29.36 17.19
CA ALA A 130 25.15 -29.97 16.73
C ALA A 130 24.85 -31.37 16.15
N ALA A 131 23.94 -32.11 16.77
CA ALA A 131 23.63 -33.46 16.17
C ALA A 131 23.03 -33.35 14.78
N ALA A 132 22.14 -32.35 14.59
CA ALA A 132 21.57 -32.06 13.27
C ALA A 132 22.58 -31.69 12.25
N ALA A 133 23.60 -30.93 12.67
CA ALA A 133 24.61 -30.48 11.74
C ALA A 133 25.50 -31.67 11.31
N ASP A 134 25.87 -32.48 12.28
CA ASP A 134 26.67 -33.69 11.90
C ASP A 134 25.87 -34.66 10.98
N ALA A 135 24.59 -34.88 11.27
CA ALA A 135 23.73 -35.75 10.44
C ALA A 135 23.64 -35.15 9.04
N LYS A 136 23.46 -33.78 8.97
CA LYS A 136 23.39 -33.13 7.70
C LYS A 136 24.66 -33.37 6.88
N VAL A 137 25.81 -33.21 7.49
CA VAL A 137 27.02 -33.30 6.71
C VAL A 137 27.26 -34.78 6.25
N ASP A 138 26.97 -35.71 7.12
CA ASP A 138 27.07 -37.15 6.76
C ASP A 138 26.22 -37.42 5.57
N GLU A 139 25.00 -36.91 5.59
CA GLU A 139 24.14 -37.14 4.46
C GLU A 139 24.63 -36.49 3.14
N LEU A 140 25.13 -35.22 3.22
CA LEU A 140 25.65 -34.62 1.97
C LEU A 140 26.80 -35.42 1.45
N LEU A 141 27.55 -36.01 2.35
CA LEU A 141 28.73 -36.76 1.87
C LEU A 141 28.32 -38.06 1.12
N GLN A 142 27.10 -38.54 1.30
CA GLN A 142 26.59 -39.70 0.56
C GLN A 142 26.38 -39.35 -0.92
N ARG A 143 25.94 -38.10 -1.19
CA ARG A 143 25.69 -37.66 -2.61
C ARG A 143 26.98 -37.14 -3.18
N GLY A 144 27.76 -36.43 -2.35
CA GLY A 144 29.04 -35.84 -2.87
C GLY A 144 28.90 -34.47 -3.62
N CYS A 145 28.18 -34.46 -4.71
CA CYS A 145 27.83 -33.26 -5.47
C CYS A 145 26.51 -32.72 -4.90
N ILE A 146 26.59 -31.52 -4.27
CA ILE A 146 25.50 -30.98 -3.58
C ILE A 146 25.47 -29.47 -3.92
N ASP A 147 24.37 -28.86 -3.55
CA ASP A 147 24.27 -27.37 -3.76
C ASP A 147 24.50 -26.84 -2.36
N ALA A 148 25.66 -26.15 -2.16
CA ALA A 148 25.90 -25.65 -0.82
C ALA A 148 24.85 -24.61 -0.33
N ILE A 149 23.98 -24.06 -1.25
CA ILE A 149 22.91 -23.24 -0.68
C ILE A 149 21.71 -24.13 -0.38
N ALA A 150 21.01 -24.66 -1.43
CA ALA A 150 19.82 -25.47 -1.08
C ALA A 150 20.07 -26.57 -0.03
N ASP A 151 21.14 -27.33 -0.21
CA ASP A 151 21.39 -28.51 0.59
C ASP A 151 22.06 -28.25 1.92
N LEU A 152 22.49 -27.00 2.21
CA LEU A 152 23.34 -26.82 3.41
C LEU A 152 23.04 -25.49 4.06
N ALA A 153 23.33 -24.40 3.34
CA ALA A 153 23.12 -23.08 3.99
C ALA A 153 21.65 -22.88 4.24
N GLU A 154 20.74 -23.31 3.31
CA GLU A 154 19.29 -23.27 3.59
C GLU A 154 18.81 -24.43 4.40
N ALA A 155 19.14 -25.61 3.93
CA ALA A 155 18.54 -26.80 4.61
C ALA A 155 18.87 -26.92 6.10
N TYR A 156 20.10 -26.59 6.49
CA TYR A 156 20.44 -26.73 7.89
C TYR A 156 19.62 -25.80 8.79
N PRO A 157 19.69 -24.46 8.56
CA PRO A 157 18.88 -23.67 9.41
C PRO A 157 17.37 -24.04 9.30
N LEU A 158 16.90 -24.49 8.14
CA LEU A 158 15.51 -24.89 8.07
C LEU A 158 15.19 -26.12 8.92
N SER A 159 16.20 -26.91 9.14
CA SER A 159 16.12 -28.16 9.93
C SER A 159 16.11 -27.90 11.44
N VAL A 160 16.58 -26.71 11.90
CA VAL A 160 16.72 -26.43 13.33
C VAL A 160 15.87 -25.24 13.81
N PHE A 161 15.84 -24.17 13.01
CA PHE A 161 15.33 -22.93 13.57
C PHE A 161 13.81 -22.94 13.65
N PRO A 162 13.09 -23.38 12.57
CA PRO A 162 11.60 -23.44 12.69
C PRO A 162 11.15 -24.32 13.86
N ASP A 163 11.84 -25.42 14.05
CA ASP A 163 11.54 -26.30 15.24
C ASP A 163 11.88 -25.61 16.60
N ALA A 164 13.04 -24.90 16.66
CA ALA A 164 13.42 -24.12 17.87
C ALA A 164 12.41 -23.04 18.12
N MET A 165 11.82 -22.48 17.08
CA MET A 165 10.69 -21.52 17.28
C MET A 165 9.39 -22.12 17.80
N GLY A 166 9.20 -23.41 17.49
CA GLY A 166 7.92 -24.11 17.75
C GLY A 166 6.89 -23.95 16.64
N LEU A 167 7.35 -23.75 15.42
CA LEU A 167 6.44 -23.61 14.28
C LEU A 167 5.88 -24.98 13.91
N LYS A 168 4.65 -24.93 13.42
CA LYS A 168 4.00 -26.10 12.73
C LYS A 168 4.77 -26.43 11.47
N GLN A 169 4.55 -27.62 10.95
CA GLN A 169 5.24 -28.08 9.74
C GLN A 169 4.76 -27.32 8.50
N GLU A 170 3.45 -27.08 8.43
CA GLU A 170 2.81 -26.57 7.20
C GLU A 170 3.14 -25.08 6.96
N GLY A 171 3.42 -24.76 5.71
CA GLY A 171 3.60 -23.38 5.27
C GLY A 171 4.99 -22.87 5.47
N ARG A 172 5.95 -23.68 5.92
CA ARG A 172 7.30 -23.20 6.18
C ARG A 172 8.00 -22.76 4.91
N GLU A 173 7.47 -23.12 3.74
CA GLU A 173 8.07 -22.70 2.50
C GLU A 173 8.00 -21.14 2.40
N HIS A 174 7.12 -20.48 3.18
CA HIS A 174 6.99 -19.04 3.10
C HIS A 174 8.15 -18.31 3.86
N LEU A 175 8.94 -19.02 4.65
CA LEU A 175 9.82 -18.27 5.61
C LEU A 175 10.95 -17.59 4.82
N LEU A 176 11.52 -18.29 3.89
CA LEU A 176 12.66 -17.71 3.15
C LEU A 176 12.21 -16.54 2.29
N PRO A 177 11.16 -16.67 1.51
CA PRO A 177 10.72 -15.49 0.76
C PRO A 177 10.04 -14.39 1.57
N TYR A 178 9.52 -14.71 2.76
CA TYR A 178 8.98 -13.64 3.63
C TYR A 178 10.15 -12.75 4.06
N ALA A 179 11.28 -13.37 4.42
CA ALA A 179 12.43 -12.55 4.86
C ALA A 179 13.09 -11.86 3.69
N GLY A 180 13.10 -12.46 2.50
CA GLY A 180 13.56 -11.68 1.30
C GLY A 180 12.73 -10.40 1.15
N LEU A 181 11.41 -10.53 1.35
CA LEU A 181 10.50 -9.38 1.32
C LEU A 181 10.92 -8.31 2.36
N VAL A 182 11.03 -8.74 3.60
CA VAL A 182 11.40 -7.79 4.69
C VAL A 182 12.70 -7.05 4.31
N PHE A 183 13.73 -7.79 3.85
CA PHE A 183 15.01 -7.17 3.54
C PHE A 183 14.98 -6.34 2.28
N ASN A 184 14.19 -6.75 1.32
CA ASN A 184 13.93 -5.85 0.13
C ASN A 184 13.24 -4.57 0.48
N ALA A 185 12.41 -4.63 1.52
CA ALA A 185 11.59 -3.45 1.82
C ALA A 185 12.46 -2.36 2.49
N PHE A 186 13.59 -2.68 3.07
CA PHE A 186 14.41 -1.55 3.65
C PHE A 186 15.00 -0.69 2.50
N GLY A 187 15.08 -1.26 1.28
CA GLY A 187 15.68 -0.54 0.17
C GLY A 187 14.88 0.61 -0.38
N PRO A 188 15.42 1.21 -1.43
CA PRO A 188 14.74 2.34 -2.08
C PRO A 188 13.67 1.77 -2.97
N PRO A 189 12.78 2.60 -3.52
CA PRO A 189 11.69 2.12 -4.36
C PRO A 189 12.14 1.66 -5.75
N ASN A 190 12.95 0.60 -5.82
CA ASN A 190 13.37 0.07 -7.12
C ASN A 190 12.48 -1.17 -7.43
N GLU A 191 12.81 -1.85 -8.51
CA GLU A 191 12.00 -3.03 -8.92
C GLU A 191 12.06 -4.16 -7.86
N LEU A 192 13.21 -4.37 -7.22
CA LEU A 192 13.30 -5.43 -6.21
C LEU A 192 12.24 -5.14 -5.14
N ARG A 193 12.16 -3.86 -4.74
CA ARG A 193 11.27 -3.50 -3.60
C ARG A 193 9.79 -3.61 -4.09
N GLN A 194 9.49 -3.03 -5.27
CA GLN A 194 8.11 -3.01 -5.76
C GLN A 194 7.56 -4.41 -5.94
N THR A 195 8.37 -5.30 -6.55
CA THR A 195 7.84 -6.65 -6.88
C THR A 195 7.66 -7.38 -5.54
N ALA A 196 8.60 -7.19 -4.60
CA ALA A 196 8.42 -7.88 -3.33
C ALA A 196 7.12 -7.52 -2.61
N ILE A 197 6.82 -6.24 -2.52
CA ILE A 197 5.55 -5.82 -1.89
C ILE A 197 4.33 -6.27 -2.70
N GLU A 198 4.38 -6.26 -4.05
CA GLU A 198 3.24 -6.76 -4.83
C GLU A 198 2.88 -8.20 -4.47
N ARG A 199 3.91 -8.99 -4.13
CA ARG A 199 3.78 -10.40 -3.91
C ARG A 199 3.72 -10.80 -2.39
N SER A 200 3.53 -9.81 -1.54
CA SER A 200 3.74 -10.06 -0.10
C SER A 200 2.58 -10.78 0.59
N ALA A 201 1.38 -10.66 0.07
CA ALA A 201 0.20 -10.96 0.94
C ALA A 201 0.15 -12.39 1.48
N PRO A 202 0.41 -13.41 0.63
CA PRO A 202 0.36 -14.76 1.18
C PRO A 202 1.51 -14.99 2.18
N HIS A 203 2.69 -14.37 2.00
CA HIS A 203 3.77 -14.65 2.99
C HIS A 203 3.34 -13.99 4.34
N GLN A 204 2.78 -12.76 4.27
CA GLN A 204 2.43 -12.07 5.57
C GLN A 204 1.34 -12.81 6.28
N ALA A 205 0.36 -13.36 5.53
CA ALA A 205 -0.75 -14.09 6.14
C ALA A 205 -0.24 -15.33 6.82
N TYR A 206 0.73 -16.02 6.26
CA TYR A 206 1.26 -17.20 6.88
C TYR A 206 1.99 -16.77 8.17
N VAL A 207 2.78 -15.69 8.06
CA VAL A 207 3.57 -15.35 9.28
C VAL A 207 2.59 -14.86 10.36
N ASN A 208 1.57 -14.05 10.00
CA ASN A 208 0.63 -13.52 11.01
C ASN A 208 -0.06 -14.65 11.79
N GLU A 209 -0.42 -15.70 11.08
CA GLU A 209 -1.09 -16.77 11.78
C GLU A 209 -0.06 -17.47 12.68
N GLN A 210 1.20 -17.66 12.24
CA GLN A 210 2.12 -18.39 13.09
C GLN A 210 2.64 -17.54 14.30
N CYS A 211 2.39 -16.25 14.35
CA CYS A 211 2.78 -15.44 15.52
C CYS A 211 1.79 -15.62 16.69
N GLN A 212 0.65 -16.29 16.44
CA GLN A 212 -0.45 -16.33 17.50
C GLN A 212 -0.12 -17.45 18.52
N ARG A 213 -0.49 -17.23 19.80
CA ARG A 213 -0.07 -18.12 20.85
C ARG A 213 -0.48 -19.61 20.61
N PRO A 214 -1.68 -19.87 20.09
CA PRO A 214 -2.07 -21.30 19.98
C PRO A 214 -1.32 -22.05 18.91
N ASN A 215 -0.59 -21.31 18.04
CA ASN A 215 0.16 -21.92 16.92
C ASN A 215 1.65 -22.23 17.23
N LEU A 216 2.04 -21.94 18.49
CA LEU A 216 3.50 -22.01 18.79
C LEU A 216 3.70 -23.08 19.81
N ALA A 217 4.48 -24.07 19.43
CA ALA A 217 4.61 -25.29 20.31
C ALA A 217 5.21 -24.96 21.67
N PRO A 218 4.75 -25.66 22.75
CA PRO A 218 5.47 -25.46 24.08
C PRO A 218 6.96 -25.59 24.05
N GLY A 219 7.68 -24.74 24.81
CA GLY A 219 9.14 -24.99 24.90
C GLY A 219 9.97 -24.20 23.88
N GLY A 220 9.30 -23.66 22.84
CA GLY A 220 10.02 -23.06 21.66
C GLY A 220 10.12 -21.53 21.95
N PHE A 221 10.81 -20.82 21.10
CA PHE A 221 11.03 -19.38 21.33
C PHE A 221 9.68 -18.67 21.28
N GLY A 222 8.79 -19.11 20.36
CA GLY A 222 7.56 -18.41 20.22
C GLY A 222 6.68 -18.47 21.49
N ALA A 223 6.61 -19.68 22.02
CA ALA A 223 5.85 -19.86 23.29
C ALA A 223 6.57 -19.14 24.43
N CYS A 224 7.90 -19.18 24.43
CA CYS A 224 8.67 -18.45 25.48
CA CYS A 224 8.65 -18.46 25.49
C CYS A 224 8.32 -16.95 25.42
N ILE A 225 8.32 -16.34 24.23
CA ILE A 225 7.88 -14.92 24.13
C ILE A 225 6.49 -14.75 24.70
N HIS A 226 5.56 -15.63 24.29
CA HIS A 226 4.18 -15.42 24.76
C HIS A 226 4.01 -15.58 26.31
N ALA A 227 4.92 -16.32 26.91
CA ALA A 227 4.92 -16.45 28.41
C ALA A 227 5.19 -15.14 29.14
N PHE A 228 5.84 -14.19 28.48
CA PHE A 228 5.95 -12.86 29.02
C PHE A 228 4.66 -12.05 29.15
N THR A 229 3.58 -12.49 28.47
CA THR A 229 2.36 -11.85 28.70
C THR A 229 1.85 -12.23 30.14
N ASP A 230 2.34 -13.34 30.65
CA ASP A 230 1.63 -13.93 31.85
C ASP A 230 2.06 -13.18 33.10
N THR A 231 3.18 -12.51 33.03
CA THR A 231 3.72 -11.76 34.13
C THR A 231 3.43 -10.28 33.95
N GLY A 232 2.81 -9.88 32.79
CA GLY A 232 2.64 -8.45 32.49
C GLY A 232 3.90 -7.77 31.88
N GLU A 233 4.93 -8.50 31.55
CA GLU A 233 6.10 -7.88 30.99
C GLU A 233 5.81 -7.34 29.54
N ILE A 234 4.91 -8.00 28.81
CA ILE A 234 4.40 -7.50 27.50
C ILE A 234 2.88 -7.76 27.39
N THR A 235 2.19 -7.08 26.47
CA THR A 235 0.76 -7.30 26.33
C THR A 235 0.48 -8.41 25.27
N PRO A 236 -0.77 -8.98 25.30
CA PRO A 236 -1.07 -9.96 24.25
C PRO A 236 -0.98 -9.32 22.86
N ASP A 237 -1.14 -8.01 22.67
CA ASP A 237 -0.90 -7.42 21.31
C ASP A 237 0.57 -7.32 20.91
N GLU A 238 1.42 -7.09 21.91
CA GLU A 238 2.89 -7.03 21.69
C GLU A 238 3.49 -8.36 21.40
N ALA A 239 3.02 -9.45 22.04
CA ALA A 239 3.69 -10.70 21.87
C ALA A 239 3.77 -11.20 20.39
N PRO A 240 2.65 -11.17 19.65
CA PRO A 240 2.81 -11.66 18.27
C PRO A 240 3.81 -10.80 17.45
N LEU A 241 3.85 -9.49 17.75
CA LEU A 241 4.82 -8.63 17.00
C LEU A 241 6.21 -9.03 17.35
N LEU A 242 6.46 -9.50 18.58
CA LEU A 242 7.80 -9.92 18.86
C LEU A 242 8.12 -11.24 18.20
N VAL A 243 7.14 -12.12 18.10
CA VAL A 243 7.43 -13.39 17.35
C VAL A 243 7.75 -13.01 15.88
N ARG A 244 7.07 -12.01 15.43
CA ARG A 244 7.18 -11.61 13.98
C ARG A 244 8.62 -11.12 13.77
N SER A 245 9.20 -10.42 14.75
CA SER A 245 10.62 -10.05 14.60
C SER A 245 11.49 -11.25 14.43
N LEU A 246 11.30 -12.36 15.17
CA LEU A 246 12.27 -13.45 14.96
C LEU A 246 11.99 -14.18 13.63
N LEU A 247 10.74 -14.22 13.18
CA LEU A 247 10.47 -14.79 11.87
C LEU A 247 10.90 -13.88 10.70
N SER A 248 11.09 -12.57 10.96
CA SER A 248 11.60 -11.72 9.91
C SER A 248 13.14 -11.87 9.81
N ALA A 249 13.81 -11.89 10.96
CA ALA A 249 15.20 -11.62 11.02
C ALA A 249 16.08 -12.82 11.31
N GLY A 250 15.49 -13.93 11.66
CA GLY A 250 16.27 -14.98 12.27
C GLY A 250 16.64 -16.19 11.40
N LEU A 251 16.16 -16.20 10.17
CA LEU A 251 16.44 -17.39 9.25
C LEU A 251 17.39 -16.95 8.09
N ASP A 252 16.98 -15.99 7.24
CA ASP A 252 17.67 -15.74 5.99
CA ASP A 252 17.69 -15.77 5.99
C ASP A 252 19.03 -15.18 6.21
N THR A 253 19.20 -14.49 7.33
CA THR A 253 20.54 -13.98 7.72
C THR A 253 21.48 -15.15 8.02
N THR A 254 21.01 -16.13 8.82
CA THR A 254 21.84 -17.23 9.20
C THR A 254 22.18 -18.11 7.95
N VAL A 255 21.19 -18.23 7.05
CA VAL A 255 21.38 -18.92 5.74
C VAL A 255 22.52 -18.26 5.00
N ASN A 256 22.47 -16.94 4.89
CA ASN A 256 23.48 -16.29 4.18
C ASN A 256 24.89 -16.28 4.93
N GLY A 257 24.89 -16.29 6.28
CA GLY A 257 26.21 -16.34 6.95
C GLY A 257 26.84 -17.71 6.76
N ILE A 258 26.00 -18.78 6.89
CA ILE A 258 26.53 -20.09 6.63
C ILE A 258 26.99 -20.26 5.18
N GLY A 259 26.14 -19.78 4.24
CA GLY A 259 26.48 -19.80 2.80
C GLY A 259 27.83 -19.08 2.58
N ALA A 260 27.97 -17.93 3.22
CA ALA A 260 29.27 -17.20 3.11
C ALA A 260 30.47 -18.03 3.58
N ALA A 261 30.31 -18.61 4.76
CA ALA A 261 31.36 -19.42 5.36
C ALA A 261 31.75 -20.56 4.45
N VAL A 262 30.73 -21.31 3.90
CA VAL A 262 31.08 -22.38 2.95
C VAL A 262 31.76 -21.86 1.68
N TYR A 263 31.24 -20.78 1.09
CA TYR A 263 31.87 -20.14 -0.05
C TYR A 263 33.32 -19.73 0.29
N CYS A 264 33.53 -19.11 1.45
CA CYS A 264 34.93 -18.80 1.86
C CYS A 264 35.85 -20.05 1.93
N LEU A 265 35.39 -21.08 2.63
CA LEU A 265 36.16 -22.31 2.74
C LEU A 265 36.44 -22.97 1.39
N ALA A 266 35.50 -22.84 0.46
CA ALA A 266 35.66 -23.33 -0.92
C ALA A 266 36.65 -22.49 -1.69
N ARG A 267 36.61 -21.17 -1.58
CA ARG A 267 37.56 -20.31 -2.32
C ARG A 267 38.95 -20.21 -1.63
N PHE A 268 39.03 -20.53 -0.35
CA PHE A 268 40.28 -20.38 0.40
C PHE A 268 40.68 -21.74 0.97
N PRO A 269 41.20 -22.65 0.10
CA PRO A 269 41.41 -24.02 0.52
C PRO A 269 42.45 -24.11 1.69
N GLY A 270 43.44 -23.21 1.73
CA GLY A 270 44.40 -23.25 2.86
C GLY A 270 43.71 -23.02 4.21
N GLU A 271 42.66 -22.17 4.23
CA GLU A 271 41.93 -21.91 5.48
C GLU A 271 41.09 -23.11 5.88
N LEU A 272 40.48 -23.79 4.92
CA LEU A 272 39.76 -25.02 5.27
C LEU A 272 40.80 -26.03 5.91
N GLN A 273 42.00 -26.15 5.34
CA GLN A 273 42.97 -27.04 6.01
C GLN A 273 43.41 -26.60 7.44
N ARG A 274 43.51 -25.30 7.72
CA ARG A 274 43.73 -24.87 9.11
C ARG A 274 42.59 -25.17 10.06
N LEU A 275 41.37 -25.09 9.54
CA LEU A 275 40.23 -25.41 10.32
C LEU A 275 40.21 -26.96 10.61
N ARG A 276 40.49 -27.74 9.57
CA ARG A 276 40.59 -29.20 9.76
C ARG A 276 41.69 -29.49 10.84
N SER A 277 42.79 -28.77 10.74
CA SER A 277 43.90 -28.93 11.69
C SER A 277 43.52 -28.55 13.13
N ASP A 278 42.61 -27.57 13.30
CA ASP A 278 42.12 -27.21 14.62
C ASP A 278 40.62 -26.83 14.55
N PRO A 279 39.74 -27.83 14.79
CA PRO A 279 38.28 -27.60 14.68
C PRO A 279 37.72 -26.63 15.73
N THR A 280 38.50 -26.29 16.78
CA THR A 280 38.01 -25.31 17.73
C THR A 280 37.97 -23.88 17.06
N LEU A 281 38.67 -23.69 15.95
CA LEU A 281 38.57 -22.45 15.12
C LEU A 281 37.15 -22.26 14.42
N ALA A 282 36.23 -23.25 14.55
CA ALA A 282 34.92 -23.15 13.88
C ALA A 282 34.19 -21.87 14.20
N ARG A 283 34.08 -21.51 15.47
CA ARG A 283 33.28 -20.32 15.85
C ARG A 283 33.90 -19.07 15.23
N ASN A 284 35.25 -19.01 15.23
CA ASN A 284 35.85 -17.83 14.66
C ASN A 284 35.82 -17.80 13.14
N ALA A 285 35.91 -18.97 12.52
CA ALA A 285 35.83 -19.07 11.09
C ALA A 285 34.46 -18.58 10.66
N PHE A 286 33.42 -18.87 11.46
CA PHE A 286 32.12 -18.31 11.12
C PHE A 286 32.05 -16.79 11.31
N GLU A 287 32.61 -16.30 12.42
CA GLU A 287 32.60 -14.83 12.66
C GLU A 287 33.32 -14.13 11.54
N GLU A 288 34.47 -14.66 11.11
CA GLU A 288 35.22 -14.05 10.05
C GLU A 288 34.46 -14.11 8.74
N ALA A 289 33.62 -15.14 8.50
CA ALA A 289 32.78 -15.12 7.24
C ALA A 289 31.74 -13.99 7.32
N VAL A 290 31.24 -13.77 8.52
CA VAL A 290 30.26 -12.67 8.70
C VAL A 290 30.93 -11.32 8.38
N ARG A 291 32.16 -11.15 8.88
CA ARG A 291 32.87 -9.91 8.57
C ARG A 291 33.11 -9.84 7.07
N PHE A 292 33.63 -10.91 6.49
CA PHE A 292 34.13 -10.92 5.12
C PHE A 292 33.04 -10.72 4.08
N GLU A 293 31.87 -11.40 4.31
CA GLU A 293 30.74 -11.24 3.38
C GLU A 293 29.69 -10.23 3.76
N SER A 294 29.55 -10.00 5.03
CA SER A 294 28.45 -9.24 5.62
C SER A 294 27.04 -9.41 5.13
N PRO A 295 26.41 -10.55 5.49
CA PRO A 295 25.06 -10.84 4.99
C PRO A 295 24.09 -9.67 5.03
N VAL A 296 24.05 -8.87 6.11
CA VAL A 296 23.31 -7.61 6.12
C VAL A 296 24.28 -6.50 5.70
N GLN A 297 24.09 -5.96 4.48
CA GLN A 297 25.12 -5.07 3.90
C GLN A 297 24.91 -3.63 4.38
N THR A 298 23.67 -3.20 4.67
CA THR A 298 23.40 -1.77 4.86
C THR A 298 22.27 -1.55 5.84
N PHE A 299 22.35 -0.45 6.60
CA PHE A 299 21.13 0.00 7.36
C PHE A 299 21.17 1.49 7.33
N PHE A 300 20.01 2.11 7.55
CA PHE A 300 19.90 3.56 7.67
C PHE A 300 19.65 3.97 9.10
N ARG A 301 19.98 5.26 9.39
CA ARG A 301 19.48 5.93 10.62
C ARG A 301 18.97 7.34 10.15
N THR A 302 18.27 8.06 11.05
CA THR A 302 17.81 9.41 10.74
C THR A 302 18.31 10.36 11.84
N THR A 303 18.84 11.53 11.44
CA THR A 303 19.47 12.36 12.50
C THR A 303 18.29 12.98 13.26
N THR A 304 18.47 13.25 14.55
CA THR A 304 17.39 13.93 15.32
C THR A 304 17.87 15.36 15.75
N ARG A 305 19.07 15.74 15.31
CA ARG A 305 19.58 17.15 15.46
C ARG A 305 20.64 17.41 14.47
N GLU A 306 21.07 18.70 14.31
CA GLU A 306 22.22 18.97 13.47
C GLU A 306 23.38 18.25 14.10
N VAL A 307 24.21 17.62 13.28
CA VAL A 307 25.37 16.85 13.78
C VAL A 307 26.52 16.97 12.86
N GLU A 308 27.72 17.04 13.45
CA GLU A 308 28.89 17.01 12.65
C GLU A 308 29.31 15.55 12.57
N LEU A 309 29.42 15.08 11.34
CA LEU A 309 29.80 13.68 11.06
C LEU A 309 30.88 13.69 10.01
N GLY A 310 31.99 13.04 10.30
CA GLY A 310 33.13 12.98 9.36
C GLY A 310 33.54 14.36 8.82
N GLY A 311 33.46 15.38 9.65
CA GLY A 311 33.87 16.73 9.18
C GLY A 311 32.73 17.55 8.53
N ALA A 312 31.57 16.96 8.28
CA ALA A 312 30.50 17.70 7.63
C ALA A 312 29.34 17.92 8.58
N VAL A 313 28.62 19.01 8.43
CA VAL A 313 27.48 19.26 9.30
C VAL A 313 26.22 18.83 8.55
N ILE A 314 25.50 17.84 9.11
CA ILE A 314 24.26 17.37 8.51
C ILE A 314 23.11 17.87 9.34
N GLY A 315 22.05 18.34 8.67
CA GLY A 315 20.91 18.83 9.35
C GLY A 315 20.10 17.75 10.05
N GLU A 316 19.21 18.23 10.92
CA GLU A 316 18.23 17.38 11.61
C GLU A 316 17.26 16.79 10.61
N GLY A 317 16.88 15.55 10.90
CA GLY A 317 15.87 14.85 10.06
C GLY A 317 16.33 14.26 8.72
N GLU A 318 17.61 13.98 8.65
CA GLU A 318 18.23 13.50 7.46
C GLU A 318 18.57 12.00 7.64
N LYS A 319 18.17 11.27 6.59
CA LYS A 319 18.61 9.82 6.47
C LYS A 319 20.11 9.77 6.25
N VAL A 320 20.72 8.78 6.89
CA VAL A 320 22.14 8.47 6.70
C VAL A 320 22.24 6.95 6.44
N LEU A 321 22.79 6.56 5.27
CA LEU A 321 23.09 5.10 4.95
C LEU A 321 24.47 4.65 5.47
N MET A 322 24.50 3.58 6.30
CA MET A 322 25.71 2.97 6.82
C MET A 322 26.02 1.72 5.99
N PHE A 323 27.23 1.68 5.42
CA PHE A 323 27.69 0.54 4.70
C PHE A 323 28.39 -0.42 5.58
N LEU A 324 27.67 -1.41 6.16
CA LEU A 324 28.27 -2.32 7.16
C LEU A 324 29.34 -3.19 6.45
N GLY A 325 28.98 -3.75 5.25
CA GLY A 325 29.98 -4.60 4.51
C GLY A 325 31.29 -3.79 4.23
N SER A 326 31.14 -2.55 3.80
CA SER A 326 32.26 -1.68 3.52
C SER A 326 33.06 -1.46 4.81
N ALA A 327 32.39 -1.13 5.92
CA ALA A 327 33.14 -0.88 7.16
C ALA A 327 33.92 -2.10 7.53
N ASN A 328 33.35 -3.28 7.26
CA ASN A 328 34.03 -4.55 7.63
C ASN A 328 35.22 -4.87 6.72
N ARG A 329 35.36 -4.12 5.63
CA ARG A 329 36.52 -4.29 4.76
C ARG A 329 37.43 -3.04 4.69
N ASP A 330 37.28 -2.14 5.66
CA ASP A 330 37.98 -0.77 5.55
C ASP A 330 39.39 -1.01 5.97
N PRO A 331 40.37 -0.72 5.10
CA PRO A 331 41.79 -1.00 5.50
C PRO A 331 42.30 -0.04 6.59
N ARG A 332 41.53 1.03 6.86
CA ARG A 332 41.73 1.87 8.07
C ARG A 332 41.60 1.07 9.37
N ARG A 333 40.82 -0.02 9.39
CA ARG A 333 40.54 -0.76 10.61
C ARG A 333 41.10 -2.18 10.53
N TRP A 334 41.21 -2.74 9.31
CA TRP A 334 41.49 -4.18 9.20
C TRP A 334 42.78 -4.35 8.42
N SER A 335 43.68 -5.28 8.84
CA SER A 335 44.86 -5.61 7.98
C SER A 335 44.40 -6.59 6.94
N ASP A 336 44.77 -6.34 5.68
CA ASP A 336 44.39 -7.22 4.55
C ASP A 336 42.88 -7.60 4.58
N PRO A 337 41.98 -6.59 4.42
CA PRO A 337 40.58 -6.86 4.74
C PRO A 337 39.93 -7.79 3.71
N ASP A 338 40.51 -7.87 2.51
CA ASP A 338 39.99 -8.75 1.46
C ASP A 338 40.50 -10.17 1.57
N LEU A 339 41.14 -10.52 2.66
CA LEU A 339 41.60 -11.88 2.85
C LEU A 339 40.67 -12.52 3.91
N TYR A 340 40.33 -13.77 3.67
CA TYR A 340 39.54 -14.54 4.65
C TYR A 340 40.58 -15.19 5.56
N ASP A 341 40.63 -14.83 6.83
CA ASP A 341 41.58 -15.38 7.77
C ASP A 341 40.89 -15.87 8.99
N ILE A 342 40.88 -17.19 9.19
CA ILE A 342 40.16 -17.76 10.31
C ILE A 342 40.68 -17.53 11.73
N THR A 343 41.90 -17.00 11.84
CA THR A 343 42.39 -16.63 13.17
C THR A 343 42.41 -15.09 13.34
N ARG A 344 41.80 -14.35 12.40
CA ARG A 344 41.67 -12.92 12.57
C ARG A 344 41.02 -12.57 13.90
N LYS A 345 41.52 -11.49 14.53
CA LYS A 345 40.80 -10.92 15.72
C LYS A 345 39.58 -10.12 15.18
N THR A 346 38.41 -10.77 15.22
CA THR A 346 37.20 -10.27 14.53
C THR A 346 36.39 -9.30 15.40
N SER A 347 36.78 -9.24 16.68
CA SER A 347 36.01 -8.50 17.64
C SER A 347 35.91 -7.02 17.17
N GLY A 348 34.72 -6.47 17.22
CA GLY A 348 34.58 -5.09 16.66
C GLY A 348 34.02 -5.00 15.23
N HIS A 349 33.95 -6.10 14.48
CA HIS A 349 33.25 -6.05 13.14
C HIS A 349 31.80 -5.63 13.40
N VAL A 350 31.17 -5.03 12.38
CA VAL A 350 29.84 -4.55 12.52
C VAL A 350 28.80 -5.37 11.70
N GLY A 351 29.15 -6.60 11.38
CA GLY A 351 28.25 -7.51 10.62
C GLY A 351 27.01 -7.83 11.41
N PHE A 352 27.08 -7.78 12.75
CA PHE A 352 25.85 -7.88 13.59
C PHE A 352 25.46 -6.50 14.16
N GLY A 353 25.95 -5.42 13.56
CA GLY A 353 25.72 -4.15 14.18
C GLY A 353 26.63 -3.87 15.37
N SER A 354 26.20 -2.90 16.13
CA SER A 354 27.01 -2.43 17.29
C SER A 354 26.15 -1.54 18.17
N GLY A 355 26.25 -1.76 19.48
CA GLY A 355 25.52 -0.89 20.39
C GLY A 355 24.13 -1.41 20.76
N VAL A 356 23.22 -0.50 21.02
CA VAL A 356 21.96 -0.89 21.64
C VAL A 356 21.13 -1.85 20.76
N HIS A 357 21.33 -1.81 19.43
CA HIS A 357 20.51 -2.71 18.56
C HIS A 357 21.33 -3.82 18.11
N MET A 358 22.51 -4.04 18.65
CA MET A 358 23.35 -5.09 18.10
C MET A 358 22.63 -6.44 18.15
N CYS A 359 22.73 -7.20 17.05
CA CYS A 359 21.89 -8.40 16.84
C CYS A 359 21.57 -9.19 18.12
N VAL A 360 20.28 -9.18 18.48
CA VAL A 360 19.84 -9.86 19.67
C VAL A 360 19.80 -11.38 19.41
N GLY A 361 19.84 -11.77 18.13
CA GLY A 361 19.92 -13.22 17.87
C GLY A 361 21.33 -13.67 17.61
N GLN A 362 22.36 -12.93 17.97
CA GLN A 362 23.66 -13.32 17.46
C GLN A 362 24.14 -14.66 18.08
N LEU A 363 23.67 -14.99 19.27
CA LEU A 363 24.17 -16.28 19.81
C LEU A 363 23.53 -17.47 19.08
N VAL A 364 22.27 -17.29 18.59
CA VAL A 364 21.64 -18.32 17.71
C VAL A 364 22.39 -18.44 16.41
N ALA A 365 22.61 -17.31 15.75
CA ALA A 365 23.52 -17.37 14.58
C ALA A 365 24.91 -18.05 14.79
N ARG A 366 25.64 -17.67 15.85
CA ARG A 366 26.99 -18.27 16.07
C ARG A 366 26.82 -19.74 16.46
N LEU A 367 25.73 -20.03 17.17
CA LEU A 367 25.52 -21.45 17.46
C LEU A 367 25.38 -22.28 16.19
N GLU A 368 24.47 -21.89 15.30
CA GLU A 368 24.32 -22.58 14.01
C GLU A 368 25.62 -22.62 13.21
N GLY A 369 26.30 -21.45 13.09
CA GLY A 369 27.50 -21.40 12.27
C GLY A 369 28.62 -22.26 12.85
N GLU A 370 28.79 -22.21 14.16
CA GLU A 370 29.89 -22.94 14.77
C GLU A 370 29.73 -24.48 14.56
N VAL A 371 28.52 -24.97 14.83
CA VAL A 371 28.28 -26.48 14.83
C VAL A 371 28.35 -26.96 13.45
N MET A 372 27.90 -26.14 12.49
CA MET A 372 28.04 -26.54 11.10
C MET A 372 29.52 -26.54 10.61
N LEU A 373 30.29 -25.50 10.94
CA LEU A 373 31.67 -25.47 10.50
C LEU A 373 32.53 -26.54 11.29
N SER A 374 32.10 -26.87 12.51
CA SER A 374 32.72 -27.98 13.30
C SER A 374 32.46 -29.33 12.66
N ALA A 375 31.22 -29.51 12.21
CA ALA A 375 30.91 -30.73 11.45
C ALA A 375 31.70 -30.84 10.15
N LEU A 376 31.82 -29.74 9.41
CA LEU A 376 32.59 -29.73 8.20
C LEU A 376 34.06 -30.00 8.54
N ALA A 377 34.55 -29.36 9.62
CA ALA A 377 35.97 -29.46 10.06
C ALA A 377 36.37 -30.92 10.29
N ARG A 378 35.44 -31.69 10.87
CA ARG A 378 35.72 -33.07 11.31
C ARG A 378 35.45 -34.07 10.22
N LYS A 379 34.61 -33.72 9.23
CA LYS A 379 34.10 -34.75 8.31
C LYS A 379 34.56 -34.57 6.88
N VAL A 380 34.99 -33.37 6.49
CA VAL A 380 35.22 -33.08 5.10
C VAL A 380 36.65 -32.67 4.87
N ALA A 381 37.25 -33.17 3.76
CA ALA A 381 38.66 -32.90 3.43
C ALA A 381 38.87 -31.84 2.41
N ALA A 382 37.88 -31.65 1.55
CA ALA A 382 37.95 -30.64 0.53
C ALA A 382 36.55 -30.20 0.11
N ILE A 383 36.44 -28.93 -0.30
CA ILE A 383 35.18 -28.42 -0.82
C ILE A 383 35.58 -27.73 -2.12
N ASP A 384 35.15 -28.28 -3.27
CA ASP A 384 35.45 -27.67 -4.53
C ASP A 384 34.21 -27.18 -5.30
N ILE A 385 34.20 -25.92 -5.71
CA ILE A 385 33.09 -25.39 -6.53
C ILE A 385 33.13 -26.07 -7.89
N ASP A 386 31.99 -26.52 -8.38
CA ASP A 386 32.02 -27.28 -9.60
C ASP A 386 30.70 -27.03 -10.24
N GLY A 387 30.59 -25.98 -11.03
CA GLY A 387 29.34 -25.71 -11.67
C GLY A 387 29.10 -24.20 -11.46
N PRO A 388 28.09 -23.70 -12.15
CA PRO A 388 27.88 -22.24 -12.21
C PRO A 388 27.41 -21.70 -10.85
N VAL A 389 27.93 -20.56 -10.43
CA VAL A 389 27.54 -20.00 -9.15
C VAL A 389 26.54 -18.91 -9.45
N LYS A 390 25.47 -18.83 -8.69
CA LYS A 390 24.42 -17.85 -9.08
C LYS A 390 24.15 -16.96 -7.85
N ARG A 391 24.17 -15.67 -8.04
CA ARG A 391 23.91 -14.76 -6.87
C ARG A 391 22.40 -14.48 -6.71
N ARG A 392 21.91 -14.29 -5.47
CA ARG A 392 20.55 -13.81 -5.29
C ARG A 392 20.59 -12.31 -5.02
N PHE A 393 19.79 -11.52 -5.72
CA PHE A 393 19.84 -10.06 -5.49
C PHE A 393 18.77 -9.70 -4.51
N ASN A 394 19.16 -8.87 -3.56
CA ASN A 394 18.25 -8.32 -2.58
C ASN A 394 18.78 -6.95 -2.19
N ASN A 395 17.86 -6.03 -1.83
CA ASN A 395 18.27 -4.68 -1.43
C ASN A 395 19.16 -4.61 -0.24
N THR A 396 19.04 -5.54 0.69
CA THR A 396 19.89 -5.49 1.92
C THR A 396 20.75 -6.74 2.19
N LEU A 397 20.21 -7.89 1.81
CA LEU A 397 20.94 -9.17 2.04
C LEU A 397 21.93 -9.50 0.92
N ARG A 398 23.14 -9.98 1.27
CA ARG A 398 24.05 -10.37 0.27
C ARG A 398 24.17 -11.88 0.43
N GLY A 399 24.05 -12.57 -0.69
CA GLY A 399 24.17 -14.05 -0.64
C GLY A 399 24.03 -14.67 -2.00
N LEU A 400 24.28 -15.98 -2.06
CA LEU A 400 24.10 -16.74 -3.33
C LEU A 400 22.79 -17.52 -3.33
N GLU A 401 22.26 -17.65 -4.55
CA GLU A 401 21.18 -18.50 -4.86
C GLU A 401 21.62 -19.96 -4.97
N SER A 402 22.74 -20.17 -5.64
CA SER A 402 23.16 -21.60 -5.89
C SER A 402 24.66 -21.64 -5.84
N LEU A 403 25.23 -22.65 -5.17
CA LEU A 403 26.71 -22.84 -5.05
C LEU A 403 27.06 -24.34 -5.14
N PRO A 404 27.14 -24.85 -6.35
CA PRO A 404 27.32 -26.31 -6.57
C PRO A 404 28.76 -26.66 -6.16
N VAL A 405 28.90 -27.61 -5.23
CA VAL A 405 30.19 -28.03 -4.76
C VAL A 405 30.27 -29.57 -4.74
N LYS A 406 31.49 -30.06 -4.92
CA LYS A 406 31.86 -31.40 -4.57
C LYS A 406 32.51 -31.46 -3.20
N LEU A 407 31.95 -32.30 -2.35
CA LEU A 407 32.47 -32.49 -1.01
C LEU A 407 33.27 -33.81 -1.02
N THR A 408 34.52 -33.77 -0.61
CA THR A 408 35.40 -35.00 -0.51
C THR A 408 35.41 -35.38 0.97
N PRO A 409 35.04 -36.63 1.29
CA PRO A 409 35.05 -37.02 2.72
C PRO A 409 36.48 -37.08 3.30
N ALA A 410 36.61 -36.88 4.62
CA ALA A 410 37.90 -37.02 5.27
C ALA A 410 38.17 -38.56 5.43
N THR B 18 2.51 -26.86 -50.60
CA THR B 18 1.47 -27.67 -49.97
C THR B 18 1.53 -27.69 -48.40
N ILE B 19 2.56 -28.27 -47.74
CA ILE B 19 2.62 -28.21 -46.23
C ILE B 19 2.89 -26.76 -45.87
N PRO B 20 1.95 -26.11 -45.13
CA PRO B 20 2.15 -24.67 -44.88
C PRO B 20 3.32 -24.41 -43.88
N HIS B 21 4.01 -23.32 -44.07
CA HIS B 21 5.09 -22.99 -43.14
C HIS B 21 4.48 -22.04 -42.07
N LEU B 22 4.94 -22.14 -40.80
CA LEU B 22 4.63 -21.14 -39.76
C LEU B 22 5.91 -20.74 -39.04
N ALA B 23 5.96 -19.47 -38.63
CA ALA B 23 7.09 -18.91 -37.93
C ALA B 23 6.84 -19.00 -36.42
N ILE B 24 5.71 -19.54 -36.04
CA ILE B 24 5.38 -19.65 -34.56
C ILE B 24 6.48 -20.51 -33.89
N ASP B 25 7.03 -20.03 -32.77
CA ASP B 25 7.83 -20.85 -31.87
C ASP B 25 7.03 -21.31 -30.70
N PRO B 26 6.70 -22.60 -30.64
CA PRO B 26 5.83 -23.06 -29.60
C PRO B 26 6.64 -23.33 -28.33
N PHE B 27 7.96 -22.99 -28.34
CA PHE B 27 8.80 -23.05 -27.15
C PHE B 27 9.29 -21.63 -26.75
N SER B 28 8.60 -20.61 -27.22
CA SER B 28 8.98 -19.21 -26.89
C SER B 28 8.16 -18.72 -25.71
N LEU B 29 8.74 -17.77 -24.96
CA LEU B 29 8.01 -17.19 -23.84
C LEU B 29 6.67 -16.52 -24.25
N ASP B 30 6.65 -15.82 -25.38
CA ASP B 30 5.42 -15.20 -25.89
C ASP B 30 4.31 -16.19 -26.15
N PHE B 31 4.69 -17.36 -26.72
CA PHE B 31 3.71 -18.42 -26.96
C PHE B 31 3.25 -18.89 -25.56
N PHE B 32 4.18 -19.16 -24.62
CA PHE B 32 3.77 -19.74 -23.31
C PHE B 32 2.81 -18.76 -22.58
N ASP B 33 3.09 -17.48 -22.77
CA ASP B 33 2.19 -16.46 -22.16
C ASP B 33 0.80 -16.36 -22.75
N ASP B 34 0.59 -16.80 -23.98
CA ASP B 34 -0.71 -16.64 -24.62
C ASP B 34 -0.73 -17.68 -25.78
N PRO B 35 -0.91 -18.96 -25.45
CA PRO B 35 -0.71 -19.96 -26.50
C PRO B 35 -1.95 -20.18 -27.41
N TYR B 36 -3.14 -19.77 -26.94
CA TYR B 36 -4.34 -20.28 -27.62
C TYR B 36 -4.53 -19.74 -29.04
N PRO B 37 -4.23 -18.46 -29.28
CA PRO B 37 -4.42 -17.97 -30.67
C PRO B 37 -3.47 -18.71 -31.63
N ASP B 38 -2.24 -18.91 -31.17
CA ASP B 38 -1.24 -19.67 -31.98
C ASP B 38 -1.59 -21.15 -32.12
N GLN B 39 -2.18 -21.81 -31.08
CA GLN B 39 -2.60 -23.17 -31.27
C GLN B 39 -3.77 -23.22 -32.29
N GLN B 40 -4.61 -22.19 -32.25
CA GLN B 40 -5.61 -22.11 -33.31
C GLN B 40 -5.01 -21.99 -34.71
N THR B 41 -4.05 -21.15 -34.90
CA THR B 41 -3.40 -21.05 -36.17
C THR B 41 -2.72 -22.39 -36.58
N LEU B 42 -2.11 -23.06 -35.61
CA LEU B 42 -1.49 -24.38 -35.88
C LEU B 42 -2.47 -25.36 -36.44
N ARG B 43 -3.65 -25.40 -35.84
CA ARG B 43 -4.72 -26.31 -36.30
C ARG B 43 -5.21 -25.86 -37.65
N ASP B 44 -5.39 -24.55 -37.83
CA ASP B 44 -6.14 -24.17 -39.06
C ASP B 44 -5.27 -24.08 -40.27
N ALA B 45 -3.98 -23.97 -40.08
CA ALA B 45 -3.05 -23.96 -41.25
C ALA B 45 -3.20 -25.23 -42.11
N GLY B 46 -3.23 -26.40 -41.46
CA GLY B 46 -3.29 -27.68 -42.23
C GLY B 46 -3.19 -28.80 -41.21
N PRO B 47 -3.54 -30.04 -41.59
CA PRO B 47 -3.44 -31.16 -40.66
C PRO B 47 -1.90 -31.34 -40.28
N VAL B 48 -0.98 -30.95 -41.17
CA VAL B 48 0.48 -31.00 -40.83
C VAL B 48 1.03 -29.66 -41.17
N VAL B 49 1.95 -29.14 -40.34
CA VAL B 49 2.54 -27.86 -40.55
C VAL B 49 4.07 -28.01 -40.49
N TYR B 50 4.77 -27.06 -41.09
CA TYR B 50 6.18 -27.03 -41.08
C TYR B 50 6.63 -25.88 -40.22
N LEU B 51 7.27 -26.21 -39.11
CA LEU B 51 7.64 -25.16 -38.17
C LEU B 51 9.03 -24.64 -38.53
N ASP B 52 9.11 -23.46 -39.12
CA ASP B 52 10.45 -23.01 -39.53
C ASP B 52 11.44 -22.74 -38.41
N LYS B 53 10.95 -22.46 -37.18
CA LYS B 53 11.90 -22.09 -36.14
C LYS B 53 12.81 -23.31 -35.82
N TRP B 54 12.24 -24.53 -35.92
CA TRP B 54 13.02 -25.71 -35.45
C TRP B 54 13.15 -26.79 -36.53
N ASN B 55 12.77 -26.44 -37.78
CA ASN B 55 12.81 -27.32 -38.94
C ASN B 55 12.15 -28.66 -38.67
N VAL B 56 10.85 -28.65 -38.29
CA VAL B 56 10.21 -29.91 -37.88
C VAL B 56 8.76 -29.88 -38.22
N TYR B 57 8.18 -31.03 -38.52
CA TYR B 57 6.76 -31.11 -38.83
C TYR B 57 5.95 -31.09 -37.51
N GLY B 58 4.73 -30.50 -37.54
CA GLY B 58 3.81 -30.45 -36.39
C GLY B 58 2.46 -30.92 -36.75
N VAL B 59 1.73 -31.53 -35.78
CA VAL B 59 0.31 -31.84 -35.98
C VAL B 59 -0.36 -31.36 -34.68
N ALA B 60 -1.31 -30.49 -34.87
CA ALA B 60 -2.01 -29.90 -33.69
C ALA B 60 -3.48 -30.24 -33.55
N ARG B 61 -4.10 -30.84 -34.58
CA ARG B 61 -5.48 -31.31 -34.40
C ARG B 61 -5.65 -32.63 -33.68
N TYR B 62 -6.82 -32.83 -33.10
CA TYR B 62 -7.08 -34.02 -32.36
C TYR B 62 -6.89 -35.25 -33.27
N ALA B 63 -7.40 -35.17 -34.53
CA ALA B 63 -7.47 -36.48 -35.31
C ALA B 63 -5.99 -36.99 -35.55
N GLU B 64 -5.04 -36.09 -35.89
CA GLU B 64 -3.66 -36.51 -36.21
C GLU B 64 -2.89 -36.89 -34.95
N VAL B 65 -3.08 -36.11 -33.90
CA VAL B 65 -2.43 -36.43 -32.62
C VAL B 65 -2.87 -37.79 -32.12
N HIS B 66 -4.21 -38.11 -32.11
CA HIS B 66 -4.71 -39.37 -31.57
C HIS B 66 -4.21 -40.49 -32.47
N ALA B 67 -4.18 -40.25 -33.78
CA ALA B 67 -3.62 -41.30 -34.70
C ALA B 67 -2.14 -41.59 -34.51
N VAL B 68 -1.32 -40.57 -34.36
CA VAL B 68 0.15 -40.76 -34.20
C VAL B 68 0.39 -41.48 -32.89
N LEU B 69 -0.26 -41.03 -31.79
CA LEU B 69 -0.06 -41.72 -30.46
C LEU B 69 -0.36 -43.20 -30.57
N ASN B 70 -1.40 -43.52 -31.33
CA ASN B 70 -1.82 -44.93 -31.43
C ASN B 70 -1.19 -45.76 -32.55
N ASP B 71 -0.13 -45.27 -33.20
CA ASP B 71 0.60 -46.19 -34.08
C ASP B 71 2.06 -46.11 -33.72
N PRO B 72 2.47 -46.75 -32.61
CA PRO B 72 3.86 -46.69 -32.09
C PRO B 72 4.82 -47.37 -33.02
N THR B 73 4.31 -48.30 -33.83
CA THR B 73 5.23 -49.00 -34.76
C THR B 73 5.77 -48.00 -35.80
N THR B 74 4.86 -47.15 -36.29
CA THR B 74 5.22 -46.16 -37.31
C THR B 74 5.79 -44.92 -36.64
N PHE B 75 5.26 -44.55 -35.47
CA PHE B 75 5.78 -43.26 -34.88
C PHE B 75 6.40 -43.60 -33.53
N CYS B 76 7.67 -43.87 -33.59
CA CYS B 76 8.35 -44.51 -32.42
C CYS B 76 8.73 -43.48 -31.40
N SER B 77 9.04 -44.00 -30.22
CA SER B 77 9.50 -43.15 -29.14
C SER B 77 11.02 -43.42 -28.82
N SER B 78 11.60 -44.53 -29.37
CA SER B 78 12.98 -44.90 -29.02
C SER B 78 14.06 -43.98 -29.59
N ARG B 79 13.73 -43.16 -30.57
CA ARG B 79 14.60 -42.09 -30.99
C ARG B 79 14.36 -40.76 -30.24
N GLY B 80 13.75 -40.84 -29.09
CA GLY B 80 13.55 -39.61 -28.17
C GLY B 80 12.12 -39.08 -28.40
N VAL B 81 11.51 -38.52 -27.33
CA VAL B 81 10.19 -37.90 -27.45
C VAL B 81 10.35 -36.40 -27.23
N GLY B 82 11.60 -35.95 -27.22
CA GLY B 82 11.91 -34.50 -27.38
C GLY B 82 12.42 -34.23 -28.76
N LEU B 83 12.91 -32.99 -29.01
CA LEU B 83 13.30 -32.60 -30.41
C LEU B 83 14.54 -33.46 -30.82
N SER B 84 15.45 -33.69 -29.89
CA SER B 84 16.73 -34.39 -30.27
C SER B 84 16.46 -35.83 -30.76
N ASP B 85 17.15 -36.22 -31.83
CA ASP B 85 16.99 -37.57 -32.37
C ASP B 85 18.11 -38.45 -31.79
N PHE B 86 17.76 -39.45 -30.99
CA PHE B 86 18.72 -40.25 -30.29
C PHE B 86 19.56 -41.07 -31.32
N LYS B 87 19.02 -41.30 -32.50
CA LYS B 87 19.89 -41.92 -33.51
C LYS B 87 21.02 -41.06 -33.97
N LYS B 88 20.90 -39.75 -33.87
CA LYS B 88 21.89 -38.83 -34.36
C LYS B 88 22.68 -38.10 -33.33
N GLU B 89 22.16 -37.97 -32.10
CA GLU B 89 22.78 -37.10 -31.11
C GLU B 89 22.77 -37.91 -29.78
N LYS B 90 23.73 -37.65 -28.87
CA LYS B 90 23.79 -38.40 -27.63
C LYS B 90 22.60 -37.88 -26.78
N PRO B 91 21.87 -38.76 -26.09
CA PRO B 91 20.76 -38.26 -25.20
C PRO B 91 21.40 -37.51 -24.05
N TRP B 92 20.67 -36.55 -23.49
CA TRP B 92 21.30 -35.73 -22.43
C TRP B 92 21.54 -36.52 -21.13
N ARG B 93 20.81 -37.59 -20.93
CA ARG B 93 20.94 -38.47 -19.72
C ARG B 93 20.72 -39.92 -20.30
N PRO B 94 21.03 -40.95 -19.51
CA PRO B 94 20.72 -42.29 -20.03
C PRO B 94 19.19 -42.37 -20.23
N PRO B 95 18.76 -42.95 -21.36
CA PRO B 95 17.33 -42.88 -21.67
C PRO B 95 16.45 -43.58 -20.63
N SER B 96 15.21 -43.12 -20.50
CA SER B 96 14.21 -43.80 -19.74
C SER B 96 13.94 -45.15 -20.43
N LEU B 97 13.81 -46.19 -19.60
CA LEU B 97 13.51 -47.54 -20.09
C LEU B 97 12.04 -47.72 -20.51
N ILE B 98 11.16 -46.76 -20.19
CA ILE B 98 9.76 -46.86 -20.49
C ILE B 98 9.33 -45.77 -21.50
N LEU B 99 9.60 -44.49 -21.17
CA LEU B 99 9.16 -43.40 -22.05
C LEU B 99 9.90 -43.45 -23.37
N GLU B 100 11.21 -43.74 -23.36
CA GLU B 100 11.96 -43.65 -24.58
C GLU B 100 12.32 -45.04 -25.10
N ALA B 101 11.33 -45.91 -25.05
CA ALA B 101 11.54 -47.31 -25.62
C ALA B 101 10.30 -47.60 -26.38
N ASP B 102 10.37 -48.56 -27.31
CA ASP B 102 9.24 -49.00 -28.02
C ASP B 102 8.95 -50.47 -27.71
N PRO B 103 7.72 -50.90 -27.96
CA PRO B 103 7.48 -52.39 -27.79
C PRO B 103 8.37 -53.02 -28.83
N PRO B 104 8.99 -54.21 -28.54
CA PRO B 104 8.74 -55.00 -27.34
C PRO B 104 9.59 -54.60 -26.12
N ALA B 105 10.70 -53.89 -26.30
CA ALA B 105 11.51 -53.51 -25.10
C ALA B 105 10.79 -52.71 -24.02
N HIS B 106 9.82 -51.91 -24.39
CA HIS B 106 8.94 -51.12 -23.49
C HIS B 106 8.07 -52.03 -22.63
N THR B 107 7.74 -53.27 -23.10
CA THR B 107 6.61 -53.99 -22.51
C THR B 107 6.83 -54.45 -21.09
N ARG B 108 8.02 -54.96 -20.82
CA ARG B 108 8.30 -55.46 -19.49
C ARG B 108 8.45 -54.32 -18.46
N PRO B 109 9.19 -53.23 -18.77
CA PRO B 109 9.12 -52.19 -17.79
C PRO B 109 7.73 -51.54 -17.61
N ARG B 110 6.95 -51.49 -18.66
CA ARG B 110 5.64 -50.89 -18.54
C ARG B 110 4.85 -51.78 -17.61
N ALA B 111 4.92 -53.10 -17.82
CA ALA B 111 4.11 -54.02 -16.98
C ALA B 111 4.55 -53.93 -15.50
N VAL B 112 5.84 -53.77 -15.23
CA VAL B 112 6.29 -53.52 -13.87
C VAL B 112 5.66 -52.25 -13.22
N LEU B 113 5.83 -51.09 -13.87
CA LEU B 113 5.23 -49.87 -13.31
C LEU B 113 3.69 -49.89 -13.24
N SER B 114 3.01 -50.54 -14.22
CA SER B 114 1.59 -50.75 -14.15
C SER B 114 1.19 -51.48 -12.85
N LYS B 115 1.98 -52.46 -12.43
CA LYS B 115 1.59 -53.22 -11.25
C LYS B 115 1.78 -52.37 -10.00
N VAL B 116 2.89 -51.62 -10.03
CA VAL B 116 3.32 -50.75 -8.91
C VAL B 116 2.28 -49.71 -8.69
N LEU B 117 1.66 -49.18 -9.77
CA LEU B 117 0.70 -48.12 -9.64
C LEU B 117 -0.76 -48.52 -9.94
N SER B 118 -1.12 -49.77 -9.56
CA SER B 118 -2.37 -50.40 -10.04
C SER B 118 -3.60 -49.91 -9.26
N PRO B 119 -4.78 -50.23 -9.78
CA PRO B 119 -5.95 -49.82 -9.03
C PRO B 119 -5.93 -50.39 -7.61
N ALA B 120 -5.38 -51.59 -7.48
CA ALA B 120 -5.34 -52.24 -6.15
C ALA B 120 -4.43 -51.47 -5.21
N THR B 121 -3.34 -50.97 -5.76
CA THR B 121 -2.42 -50.14 -4.91
C THR B 121 -3.12 -48.89 -4.53
N MET B 122 -3.83 -48.23 -5.46
CA MET B 122 -4.57 -46.98 -5.14
C MET B 122 -5.57 -47.17 -3.97
N LYS B 123 -6.29 -48.30 -3.98
CA LYS B 123 -7.17 -48.64 -2.85
C LYS B 123 -6.40 -48.60 -1.55
N THR B 124 -5.19 -49.12 -1.50
CA THR B 124 -4.50 -49.15 -0.24
C THR B 124 -3.99 -47.80 0.30
N ILE B 125 -3.88 -46.79 -0.59
CA ILE B 125 -3.33 -45.52 -0.15
C ILE B 125 -4.40 -44.46 -0.15
N ARG B 126 -5.56 -44.75 -0.70
CA ARG B 126 -6.50 -43.69 -0.89
C ARG B 126 -6.88 -42.99 0.42
N ASP B 127 -7.13 -43.75 1.47
CA ASP B 127 -7.68 -43.04 2.66
C ASP B 127 -6.64 -42.01 3.24
N GLY B 128 -5.38 -42.39 3.25
CA GLY B 128 -4.32 -41.49 3.70
C GLY B 128 -4.27 -40.25 2.82
N PHE B 129 -4.39 -40.41 1.49
CA PHE B 129 -4.35 -39.26 0.64
C PHE B 129 -5.52 -38.37 0.86
N ALA B 130 -6.74 -38.95 1.06
CA ALA B 130 -7.93 -38.14 1.29
C ALA B 130 -7.83 -37.41 2.62
N ALA B 131 -7.30 -38.06 3.63
CA ALA B 131 -7.19 -37.43 4.99
C ALA B 131 -6.24 -36.25 4.85
N ALA B 132 -5.14 -36.46 4.12
CA ALA B 132 -4.12 -35.38 3.92
C ALA B 132 -4.70 -34.24 3.18
N ALA B 133 -5.56 -34.47 2.21
CA ALA B 133 -6.13 -33.36 1.49
C ALA B 133 -7.17 -32.57 2.30
N ASP B 134 -8.02 -33.30 3.02
CA ASP B 134 -8.97 -32.64 3.99
C ASP B 134 -8.19 -31.76 4.99
N ALA B 135 -7.16 -32.31 5.62
CA ALA B 135 -6.35 -31.53 6.62
C ALA B 135 -5.73 -30.32 5.96
N LYS B 136 -5.25 -30.49 4.70
CA LYS B 136 -4.65 -29.38 4.00
C LYS B 136 -5.61 -28.21 3.79
N VAL B 137 -6.85 -28.52 3.32
CA VAL B 137 -7.76 -27.49 3.00
C VAL B 137 -8.21 -26.80 4.36
N ASP B 138 -8.33 -27.61 5.40
CA ASP B 138 -8.71 -27.04 6.74
C ASP B 138 -7.64 -26.02 7.15
N GLU B 139 -6.35 -26.39 7.07
CA GLU B 139 -5.22 -25.46 7.41
C GLU B 139 -5.18 -24.24 6.55
N LEU B 140 -5.47 -24.36 5.25
CA LEU B 140 -5.50 -23.17 4.45
C LEU B 140 -6.62 -22.20 4.84
N LEU B 141 -7.79 -22.75 5.17
CA LEU B 141 -8.93 -21.94 5.59
C LEU B 141 -8.59 -21.18 6.87
N GLN B 142 -7.67 -21.66 7.70
CA GLN B 142 -7.23 -20.80 8.83
C GLN B 142 -6.49 -19.51 8.45
N ARG B 143 -5.88 -19.48 7.28
CA ARG B 143 -4.98 -18.35 6.94
C ARG B 143 -5.88 -17.50 6.02
N GLY B 144 -6.68 -18.20 5.20
CA GLY B 144 -7.51 -17.49 4.21
C GLY B 144 -6.84 -17.04 2.91
N CYS B 145 -5.84 -16.14 3.01
CA CYS B 145 -5.05 -15.67 1.87
C CYS B 145 -3.87 -16.65 1.75
N ILE B 146 -3.82 -17.39 0.61
CA ILE B 146 -2.83 -18.48 0.49
C ILE B 146 -2.37 -18.40 -0.95
N ASP B 147 -1.28 -19.07 -1.21
CA ASP B 147 -0.82 -19.14 -2.61
C ASP B 147 -1.26 -20.56 -3.09
N ALA B 148 -2.19 -20.59 -4.02
CA ALA B 148 -2.75 -21.89 -4.47
C ALA B 148 -1.70 -22.70 -5.20
N ILE B 149 -0.59 -22.11 -5.58
CA ILE B 149 0.53 -23.02 -5.99
C ILE B 149 1.38 -23.51 -4.79
N ALA B 150 2.18 -22.64 -4.19
CA ALA B 150 3.05 -23.10 -3.10
C ALA B 150 2.30 -23.84 -2.00
N ASP B 151 1.16 -23.29 -1.59
CA ASP B 151 0.51 -23.84 -0.35
C ASP B 151 -0.46 -24.95 -0.70
N LEU B 152 -0.66 -25.26 -1.98
CA LEU B 152 -1.72 -26.26 -2.29
C LEU B 152 -1.27 -27.15 -3.47
N ALA B 153 -1.12 -26.54 -4.64
CA ALA B 153 -0.75 -27.42 -5.81
C ALA B 153 0.59 -28.05 -5.63
N GLU B 154 1.54 -27.34 -4.99
CA GLU B 154 2.83 -27.97 -4.67
C GLU B 154 2.81 -28.63 -3.29
N ALA B 155 2.30 -27.92 -2.26
CA ALA B 155 2.40 -28.56 -0.89
C ALA B 155 1.62 -29.87 -0.82
N TYR B 156 0.44 -29.95 -1.43
CA TYR B 156 -0.34 -31.20 -1.29
C TYR B 156 0.45 -32.42 -1.89
N PRO B 157 0.78 -32.39 -3.18
CA PRO B 157 1.57 -33.55 -3.66
C PRO B 157 2.88 -33.75 -2.89
N LEU B 158 3.62 -32.68 -2.52
CA LEU B 158 4.85 -32.91 -1.68
C LEU B 158 4.58 -33.59 -0.36
N SER B 159 3.40 -33.40 0.19
CA SER B 159 3.01 -34.06 1.48
C SER B 159 2.56 -35.53 1.32
N VAL B 160 2.26 -35.97 0.08
CA VAL B 160 1.81 -37.40 -0.10
C VAL B 160 2.66 -38.23 -1.01
N PHE B 161 3.15 -37.65 -2.08
CA PHE B 161 3.81 -38.46 -3.04
C PHE B 161 5.27 -38.90 -2.67
N PRO B 162 6.16 -38.02 -2.14
CA PRO B 162 7.49 -38.51 -1.71
C PRO B 162 7.33 -39.57 -0.60
N ASP B 163 6.32 -39.43 0.28
CA ASP B 163 6.08 -40.50 1.27
C ASP B 163 5.55 -41.80 0.57
N ALA B 164 4.67 -41.67 -0.43
CA ALA B 164 4.15 -42.86 -1.14
C ALA B 164 5.29 -43.57 -1.88
N MET B 165 6.29 -42.81 -2.34
CA MET B 165 7.47 -43.39 -3.01
C MET B 165 8.37 -44.04 -2.03
N GLY B 166 8.35 -43.56 -0.79
CA GLY B 166 9.31 -44.10 0.22
C GLY B 166 10.58 -43.27 0.35
N LEU B 167 10.52 -41.98 -0.03
CA LEU B 167 11.74 -41.19 -0.05
C LEU B 167 12.08 -40.75 1.41
N LYS B 168 13.35 -40.61 1.62
CA LYS B 168 13.90 -39.90 2.86
C LYS B 168 13.38 -38.48 2.88
N GLN B 169 13.36 -37.89 4.09
CA GLN B 169 13.06 -36.43 4.21
C GLN B 169 14.03 -35.51 3.53
N GLU B 170 15.32 -35.81 3.63
CA GLU B 170 16.36 -34.89 3.23
C GLU B 170 16.59 -34.77 1.73
N GLY B 171 16.76 -33.53 1.24
CA GLY B 171 16.96 -33.35 -0.23
C GLY B 171 15.71 -33.21 -1.11
N ARG B 172 14.54 -33.27 -0.54
CA ARG B 172 13.27 -33.31 -1.29
C ARG B 172 13.07 -31.98 -2.05
N GLU B 173 13.69 -30.89 -1.60
CA GLU B 173 13.52 -29.68 -2.35
C GLU B 173 14.14 -29.76 -3.78
N HIS B 174 14.92 -30.81 -4.08
CA HIS B 174 15.40 -30.97 -5.42
C HIS B 174 14.32 -31.57 -6.36
N LEU B 175 13.21 -32.06 -5.81
CA LEU B 175 12.21 -32.78 -6.71
C LEU B 175 11.63 -31.94 -7.79
N LEU B 176 11.11 -30.78 -7.38
CA LEU B 176 10.49 -29.87 -8.30
C LEU B 176 11.45 -29.40 -9.41
N PRO B 177 12.63 -28.86 -9.08
CA PRO B 177 13.58 -28.40 -10.11
C PRO B 177 14.16 -29.58 -10.91
N TYR B 178 14.29 -30.76 -10.30
CA TYR B 178 14.74 -31.90 -11.07
C TYR B 178 13.74 -32.23 -12.25
N ALA B 179 12.45 -32.25 -11.96
CA ALA B 179 11.51 -32.48 -13.04
C ALA B 179 11.41 -31.30 -13.99
N GLY B 180 11.59 -30.06 -13.47
CA GLY B 180 11.61 -28.92 -14.43
C GLY B 180 12.74 -29.10 -15.43
N LEU B 181 13.87 -29.61 -14.96
CA LEU B 181 14.99 -29.91 -15.85
C LEU B 181 14.61 -31.00 -16.88
N VAL B 182 14.07 -32.13 -16.40
CA VAL B 182 13.68 -33.20 -17.35
C VAL B 182 12.74 -32.71 -18.46
N PHE B 183 11.76 -31.91 -18.05
CA PHE B 183 10.72 -31.46 -19.03
C PHE B 183 11.29 -30.33 -19.94
N ASN B 184 12.23 -29.57 -19.37
CA ASN B 184 12.96 -28.57 -20.25
C ASN B 184 13.79 -29.26 -21.29
N ALA B 185 14.38 -30.43 -20.92
CA ALA B 185 15.32 -31.14 -21.82
C ALA B 185 14.64 -31.76 -23.04
N PHE B 186 13.34 -32.03 -22.97
CA PHE B 186 12.58 -32.44 -24.20
C PHE B 186 12.55 -31.36 -25.28
N GLY B 187 12.68 -30.09 -24.85
CA GLY B 187 12.57 -28.94 -25.77
C GLY B 187 13.75 -28.84 -26.75
N PRO B 188 13.69 -27.83 -27.61
CA PRO B 188 14.73 -27.48 -28.58
C PRO B 188 15.92 -26.89 -27.79
N PRO B 189 17.09 -26.64 -28.42
CA PRO B 189 18.25 -26.15 -27.69
C PRO B 189 18.05 -24.61 -27.58
N ASN B 190 17.10 -24.18 -26.74
CA ASN B 190 16.98 -22.77 -26.46
C ASN B 190 17.58 -22.43 -25.09
N GLU B 191 17.42 -21.17 -24.63
CA GLU B 191 18.05 -20.85 -23.32
C GLU B 191 17.44 -21.67 -22.15
N LEU B 192 16.11 -21.90 -22.13
CA LEU B 192 15.50 -22.69 -21.06
C LEU B 192 16.27 -24.06 -20.94
N ARG B 193 16.54 -24.68 -22.07
CA ARG B 193 17.09 -26.06 -22.09
C ARG B 193 18.57 -25.93 -21.62
N GLN B 194 19.28 -25.00 -22.21
CA GLN B 194 20.71 -24.90 -21.99
C GLN B 194 20.98 -24.53 -20.52
N THR B 195 20.20 -23.58 -19.95
CA THR B 195 20.45 -23.24 -18.57
C THR B 195 20.08 -24.40 -17.66
N ALA B 196 18.98 -25.09 -17.99
CA ALA B 196 18.54 -26.22 -17.15
C ALA B 196 19.70 -27.26 -17.08
N ILE B 197 20.26 -27.60 -18.23
CA ILE B 197 21.29 -28.65 -18.27
C ILE B 197 22.57 -28.16 -17.59
N GLU B 198 22.88 -26.88 -17.74
CA GLU B 198 24.08 -26.39 -17.01
C GLU B 198 23.94 -26.50 -15.51
N ARG B 199 22.69 -26.38 -14.97
CA ARG B 199 22.48 -26.43 -13.55
C ARG B 199 22.05 -27.82 -13.02
N SER B 200 22.17 -28.85 -13.88
CA SER B 200 21.54 -30.13 -13.58
C SER B 200 22.26 -30.94 -12.48
N ALA B 201 23.59 -30.80 -12.30
CA ALA B 201 24.33 -31.88 -11.53
C ALA B 201 23.82 -32.14 -10.12
N PRO B 202 23.54 -31.09 -9.30
CA PRO B 202 23.11 -31.38 -7.96
C PRO B 202 21.73 -32.08 -7.92
N HIS B 203 20.88 -31.71 -8.84
CA HIS B 203 19.61 -32.34 -8.85
C HIS B 203 19.74 -33.84 -9.25
N GLN B 204 20.53 -34.07 -10.28
CA GLN B 204 20.74 -35.46 -10.68
C GLN B 204 21.37 -36.30 -9.63
N ALA B 205 22.32 -35.76 -8.86
CA ALA B 205 22.96 -36.51 -7.80
C ALA B 205 22.02 -36.89 -6.68
N TYR B 206 21.14 -35.96 -6.32
CA TYR B 206 20.17 -36.21 -5.30
C TYR B 206 19.24 -37.35 -5.81
N VAL B 207 18.84 -37.23 -7.08
CA VAL B 207 17.86 -38.28 -7.53
C VAL B 207 18.54 -39.63 -7.69
N ASN B 208 19.76 -39.63 -8.17
CA ASN B 208 20.54 -40.91 -8.33
C ASN B 208 20.71 -41.68 -7.03
N GLU B 209 21.09 -40.96 -5.98
CA GLU B 209 21.04 -41.51 -4.62
CA GLU B 209 21.06 -41.60 -4.67
C GLU B 209 19.67 -42.10 -4.20
N GLN B 210 18.55 -41.35 -4.37
CA GLN B 210 17.31 -41.79 -3.86
C GLN B 210 16.79 -43.00 -4.71
N CYS B 211 17.35 -43.26 -5.87
CA CYS B 211 16.79 -44.41 -6.71
C CYS B 211 17.33 -45.74 -6.17
N GLN B 212 18.33 -45.69 -5.27
CA GLN B 212 18.97 -46.94 -4.82
C GLN B 212 18.16 -47.64 -3.74
N ARG B 213 18.27 -48.99 -3.76
CA ARG B 213 17.41 -49.78 -2.91
C ARG B 213 17.56 -49.46 -1.41
N PRO B 214 18.81 -49.16 -0.95
CA PRO B 214 18.85 -48.88 0.54
C PRO B 214 18.04 -47.63 0.98
N ASN B 215 17.76 -46.75 -0.01
CA ASN B 215 17.26 -45.40 0.30
C ASN B 215 15.75 -45.30 0.19
N LEU B 216 15.11 -46.44 -0.10
CA LEU B 216 13.70 -46.38 -0.31
C LEU B 216 12.92 -47.17 0.75
N ALA B 217 12.00 -46.51 1.49
CA ALA B 217 11.34 -47.11 2.70
C ALA B 217 10.53 -48.37 2.31
N PRO B 218 10.54 -49.45 3.17
CA PRO B 218 9.57 -50.58 2.93
C PRO B 218 8.12 -50.18 2.64
N GLY B 219 7.48 -50.86 1.66
CA GLY B 219 6.04 -50.63 1.39
C GLY B 219 5.68 -49.49 0.42
N GLY B 220 6.66 -48.65 0.07
CA GLY B 220 6.34 -47.58 -0.91
C GLY B 220 6.66 -47.98 -2.32
N PHE B 221 6.47 -47.02 -3.27
CA PHE B 221 6.56 -47.42 -4.71
C PHE B 221 7.97 -47.84 -5.06
N GLY B 222 8.97 -47.14 -4.49
CA GLY B 222 10.33 -47.47 -4.74
C GLY B 222 10.79 -48.86 -4.35
N ALA B 223 10.48 -49.20 -3.12
CA ALA B 223 10.79 -50.56 -2.66
C ALA B 223 9.99 -51.60 -3.48
N CYS B 224 8.76 -51.25 -3.86
CA CYS B 224 7.95 -52.19 -4.66
C CYS B 224 8.65 -52.42 -5.98
N ILE B 225 9.14 -51.37 -6.62
CA ILE B 225 9.88 -51.55 -7.82
C ILE B 225 11.12 -52.46 -7.62
N HIS B 226 11.91 -52.24 -6.56
CA HIS B 226 13.12 -52.99 -6.40
C HIS B 226 12.77 -54.50 -6.06
N ALA B 227 11.60 -54.70 -5.51
CA ALA B 227 11.15 -56.16 -5.22
C ALA B 227 11.13 -56.96 -6.49
N PHE B 228 10.96 -56.31 -7.66
CA PHE B 228 10.98 -57.04 -8.94
C PHE B 228 12.30 -57.57 -9.30
N THR B 229 13.36 -57.08 -8.64
CA THR B 229 14.62 -57.64 -8.96
C THR B 229 14.76 -58.98 -8.26
N ASP B 230 13.96 -59.27 -7.27
CA ASP B 230 14.22 -60.53 -6.47
C ASP B 230 13.78 -61.76 -7.30
N THR B 231 12.88 -61.53 -8.25
CA THR B 231 12.32 -62.61 -9.05
C THR B 231 13.08 -62.66 -10.34
N GLY B 232 13.89 -61.63 -10.67
CA GLY B 232 14.50 -61.51 -11.97
C GLY B 232 13.56 -60.75 -12.97
N GLU B 233 12.39 -60.25 -12.56
CA GLU B 233 11.61 -59.62 -13.63
C GLU B 233 12.41 -58.39 -14.20
N ILE B 234 13.21 -57.76 -13.34
CA ILE B 234 14.07 -56.63 -13.82
C ILE B 234 15.42 -56.81 -13.14
N THR B 235 16.46 -56.20 -13.73
CA THR B 235 17.79 -56.36 -13.10
C THR B 235 18.08 -55.26 -12.02
N PRO B 236 19.14 -55.51 -11.21
CA PRO B 236 19.61 -54.47 -10.31
C PRO B 236 19.96 -53.13 -11.02
N ASP B 237 20.41 -53.18 -12.27
CA ASP B 237 20.67 -51.90 -13.00
C ASP B 237 19.39 -51.26 -13.50
N GLU B 238 18.43 -52.05 -13.91
CA GLU B 238 17.11 -51.47 -14.27
C GLU B 238 16.31 -50.84 -13.22
N ALA B 239 16.37 -51.42 -12.01
CA ALA B 239 15.50 -50.95 -10.95
C ALA B 239 15.63 -49.44 -10.60
N PRO B 240 16.86 -48.99 -10.41
CA PRO B 240 16.97 -47.52 -10.06
C PRO B 240 16.52 -46.65 -11.25
N LEU B 241 16.62 -47.17 -12.48
CA LEU B 241 16.11 -46.38 -13.68
C LEU B 241 14.59 -46.28 -13.66
N LEU B 242 13.84 -47.33 -13.21
CA LEU B 242 12.44 -47.22 -13.13
C LEU B 242 12.02 -46.32 -11.98
N VAL B 243 12.75 -46.37 -10.86
CA VAL B 243 12.46 -45.43 -9.81
C VAL B 243 12.65 -44.00 -10.34
N ARG B 244 13.71 -43.83 -11.09
CA ARG B 244 14.03 -42.49 -11.66
C ARG B 244 12.85 -42.01 -12.56
N SER B 245 12.16 -42.92 -13.29
CA SER B 245 11.02 -42.48 -14.08
C SER B 245 9.95 -41.91 -13.19
N LEU B 246 9.73 -42.53 -12.00
CA LEU B 246 8.72 -42.00 -11.21
C LEU B 246 9.14 -40.65 -10.56
N LEU B 247 10.42 -40.47 -10.23
CA LEU B 247 10.86 -39.17 -9.69
C LEU B 247 11.01 -38.13 -10.81
N SER B 248 11.00 -38.54 -12.07
CA SER B 248 11.02 -37.51 -13.14
C SER B 248 9.60 -37.09 -13.45
N ALA B 249 8.65 -38.05 -13.56
CA ALA B 249 7.36 -37.83 -14.15
C ALA B 249 6.20 -37.62 -13.20
N GLY B 250 6.39 -37.96 -11.94
CA GLY B 250 5.28 -38.20 -10.98
C GLY B 250 4.91 -37.03 -10.06
N LEU B 251 5.69 -35.95 -10.06
CA LEU B 251 5.34 -34.89 -9.10
C LEU B 251 4.93 -33.63 -9.84
N ASP B 252 5.78 -33.08 -10.76
CA ASP B 252 5.40 -31.74 -11.25
C ASP B 252 4.22 -31.72 -12.14
N THR B 253 3.97 -32.84 -12.85
CA THR B 253 2.74 -32.96 -13.66
C THR B 253 1.50 -32.78 -12.72
N THR B 254 1.46 -33.58 -11.66
CA THR B 254 0.26 -33.54 -10.75
C THR B 254 0.17 -32.17 -10.05
N VAL B 255 1.33 -31.56 -9.71
CA VAL B 255 1.30 -30.15 -9.24
C VAL B 255 0.61 -29.27 -10.23
N ASN B 256 1.02 -29.39 -11.52
CA ASN B 256 0.36 -28.49 -12.48
C ASN B 256 -1.13 -28.82 -12.77
N GLY B 257 -1.45 -30.11 -12.67
CA GLY B 257 -2.84 -30.57 -12.85
C GLY B 257 -3.75 -30.04 -11.75
N ILE B 258 -3.25 -30.16 -10.52
CA ILE B 258 -4.02 -29.54 -9.39
C ILE B 258 -4.08 -28.05 -9.44
N GLY B 259 -2.97 -27.40 -9.83
CA GLY B 259 -3.00 -25.93 -9.97
C GLY B 259 -3.98 -25.48 -11.04
N ALA B 260 -4.01 -26.23 -12.13
CA ALA B 260 -4.92 -25.92 -13.23
C ALA B 260 -6.37 -25.99 -12.72
N ALA B 261 -6.63 -27.04 -12.00
CA ALA B 261 -7.96 -27.20 -11.43
C ALA B 261 -8.44 -26.06 -10.50
N VAL B 262 -7.53 -25.65 -9.61
CA VAL B 262 -7.85 -24.51 -8.70
C VAL B 262 -8.03 -23.31 -9.55
N TYR B 263 -7.18 -23.08 -10.55
CA TYR B 263 -7.35 -21.88 -11.36
C TYR B 263 -8.73 -21.81 -12.09
N CYS B 264 -9.14 -22.97 -12.63
CA CYS B 264 -10.43 -23.15 -13.40
C CYS B 264 -11.60 -22.86 -12.42
N LEU B 265 -11.52 -23.45 -11.24
CA LEU B 265 -12.56 -23.26 -10.21
C LEU B 265 -12.64 -21.77 -9.79
N ALA B 266 -11.49 -21.10 -9.78
CA ALA B 266 -11.47 -19.67 -9.39
C ALA B 266 -11.99 -18.84 -10.52
N ARG B 267 -11.71 -19.21 -11.74
CA ARG B 267 -12.10 -18.37 -12.86
C ARG B 267 -13.54 -18.66 -13.36
N PHE B 268 -14.10 -19.80 -13.03
CA PHE B 268 -15.41 -20.27 -13.51
C PHE B 268 -16.19 -20.56 -12.21
N PRO B 269 -16.58 -19.50 -11.42
CA PRO B 269 -17.25 -19.74 -10.09
C PRO B 269 -18.55 -20.52 -10.25
N GLY B 270 -19.22 -20.34 -11.40
CA GLY B 270 -20.39 -21.16 -11.75
C GLY B 270 -20.08 -22.65 -11.65
N GLU B 271 -18.94 -23.09 -12.22
CA GLU B 271 -18.55 -24.47 -12.04
C GLU B 271 -18.14 -24.92 -10.64
N LEU B 272 -17.49 -24.04 -9.87
CA LEU B 272 -17.24 -24.35 -8.48
C LEU B 272 -18.61 -24.60 -7.74
N GLN B 273 -19.57 -23.74 -8.00
CA GLN B 273 -20.97 -23.98 -7.41
C GLN B 273 -21.54 -25.29 -7.86
N ARG B 274 -21.31 -25.72 -9.12
CA ARG B 274 -21.83 -27.03 -9.52
C ARG B 274 -21.16 -28.12 -8.75
N LEU B 275 -19.86 -27.93 -8.50
CA LEU B 275 -19.11 -29.01 -7.87
C LEU B 275 -19.50 -29.04 -6.43
N ARG B 276 -19.69 -27.87 -5.82
CA ARG B 276 -20.15 -27.88 -4.36
C ARG B 276 -21.54 -28.59 -4.25
N SER B 277 -22.43 -28.28 -5.23
CA SER B 277 -23.77 -28.97 -5.26
C SER B 277 -23.64 -30.46 -5.35
N ASP B 278 -22.62 -30.94 -6.07
CA ASP B 278 -22.50 -32.38 -6.21
C ASP B 278 -21.05 -32.76 -6.20
N PRO B 279 -20.52 -33.10 -4.99
CA PRO B 279 -19.10 -33.31 -4.86
C PRO B 279 -18.62 -34.59 -5.57
N THR B 280 -19.53 -35.41 -6.09
CA THR B 280 -18.96 -36.64 -6.70
C THR B 280 -18.41 -36.25 -8.10
N LEU B 281 -18.69 -35.03 -8.53
CA LEU B 281 -18.13 -34.46 -9.80
C LEU B 281 -16.61 -34.19 -9.71
N ALA B 282 -16.02 -34.43 -8.53
CA ALA B 282 -14.63 -34.10 -8.24
C ALA B 282 -13.68 -34.74 -9.29
N ARG B 283 -13.87 -36.03 -9.57
CA ARG B 283 -12.93 -36.76 -10.43
C ARG B 283 -13.02 -36.18 -11.81
N ASN B 284 -14.25 -35.98 -12.28
CA ASN B 284 -14.38 -35.39 -13.62
C ASN B 284 -13.96 -33.93 -13.72
N ALA B 285 -14.16 -33.16 -12.65
CA ALA B 285 -13.70 -31.78 -12.62
C ALA B 285 -12.15 -31.73 -12.77
N PHE B 286 -11.50 -32.71 -12.18
CA PHE B 286 -10.03 -32.84 -12.29
C PHE B 286 -9.60 -33.27 -13.72
N GLU B 287 -10.33 -34.27 -14.27
CA GLU B 287 -10.07 -34.68 -15.61
C GLU B 287 -10.24 -33.52 -16.55
N GLU B 288 -11.32 -32.74 -16.40
CA GLU B 288 -11.60 -31.65 -17.29
C GLU B 288 -10.52 -30.56 -17.21
N ALA B 289 -9.91 -30.40 -16.02
CA ALA B 289 -8.76 -29.47 -15.83
C ALA B 289 -7.51 -29.97 -16.62
N VAL B 290 -7.28 -31.24 -16.57
CA VAL B 290 -6.18 -31.82 -17.38
C VAL B 290 -6.44 -31.57 -18.90
N ARG B 291 -7.68 -31.74 -19.38
CA ARG B 291 -7.96 -31.47 -20.84
C ARG B 291 -7.77 -29.99 -21.10
N PHE B 292 -8.30 -29.14 -20.19
CA PHE B 292 -8.43 -27.72 -20.45
C PHE B 292 -7.08 -27.00 -20.38
N GLU B 293 -6.28 -27.40 -19.42
CA GLU B 293 -5.04 -26.73 -19.17
C GLU B 293 -3.93 -27.78 -19.07
N SER B 294 -3.71 -28.48 -20.15
CA SER B 294 -2.96 -29.76 -20.26
C SER B 294 -1.50 -29.58 -19.76
N PRO B 295 -1.16 -30.13 -18.59
CA PRO B 295 0.11 -29.84 -17.93
C PRO B 295 1.27 -30.29 -18.84
N VAL B 296 1.12 -31.37 -19.62
CA VAL B 296 2.17 -31.76 -20.53
C VAL B 296 1.73 -31.31 -21.92
N GLN B 297 2.31 -30.25 -22.47
CA GLN B 297 1.77 -29.65 -23.66
C GLN B 297 2.10 -30.37 -24.96
N THR B 298 3.30 -31.00 -25.01
CA THR B 298 3.82 -31.47 -26.32
C THR B 298 4.68 -32.73 -26.13
N PHE B 299 4.71 -33.61 -27.15
CA PHE B 299 5.76 -34.68 -27.14
C PHE B 299 6.05 -34.90 -28.61
N PHE B 300 7.22 -35.44 -28.90
CA PHE B 300 7.59 -35.80 -30.28
C PHE B 300 7.50 -37.31 -30.43
N ARG B 301 7.41 -37.68 -31.71
CA ARG B 301 7.72 -39.03 -32.11
C ARG B 301 8.63 -38.94 -33.32
N THR B 302 9.15 -40.11 -33.73
CA THR B 302 9.96 -40.09 -34.98
C THR B 302 9.38 -41.22 -35.93
N THR B 303 9.30 -40.95 -37.22
CA THR B 303 8.76 -41.97 -38.15
C THR B 303 9.82 -43.05 -38.43
N THR B 304 9.34 -44.29 -38.53
CA THR B 304 10.22 -45.43 -38.76
C THR B 304 10.08 -45.91 -40.19
N ARG B 305 9.19 -45.27 -40.97
CA ARG B 305 9.04 -45.58 -42.40
C ARG B 305 8.41 -44.40 -43.06
N GLU B 306 8.42 -44.35 -44.39
CA GLU B 306 7.60 -43.36 -45.08
C GLU B 306 6.14 -43.57 -44.70
N VAL B 307 5.43 -42.49 -44.46
CA VAL B 307 4.07 -42.60 -43.98
C VAL B 307 3.20 -41.44 -44.42
N GLU B 308 1.96 -41.75 -44.80
CA GLU B 308 1.02 -40.68 -45.15
C GLU B 308 0.40 -40.16 -43.86
N LEU B 309 0.60 -38.90 -43.57
CA LEU B 309 0.02 -38.31 -42.33
C LEU B 309 -0.66 -37.02 -42.76
N GLY B 310 -1.93 -36.86 -42.40
CA GLY B 310 -2.56 -35.59 -42.80
C GLY B 310 -2.49 -35.36 -44.30
N GLY B 311 -2.54 -36.46 -45.08
CA GLY B 311 -2.56 -36.25 -46.56
C GLY B 311 -1.21 -36.09 -47.20
N ALA B 312 -0.15 -36.00 -46.41
CA ALA B 312 1.19 -35.79 -46.96
C ALA B 312 2.06 -37.02 -46.73
N VAL B 313 2.97 -37.33 -47.64
CA VAL B 313 3.80 -38.49 -47.44
C VAL B 313 5.12 -38.01 -46.71
N ILE B 314 5.28 -38.38 -45.44
CA ILE B 314 6.45 -37.92 -44.65
C ILE B 314 7.50 -39.02 -44.75
N GLY B 315 8.75 -38.62 -44.95
CA GLY B 315 9.88 -39.55 -45.05
C GLY B 315 10.09 -40.34 -43.74
N GLU B 316 10.77 -41.47 -43.83
CA GLU B 316 11.31 -42.13 -42.68
C GLU B 316 12.32 -41.27 -41.87
N GLY B 317 12.38 -41.47 -40.57
CA GLY B 317 13.46 -40.74 -39.78
C GLY B 317 13.03 -39.27 -39.48
N GLU B 318 11.73 -38.95 -39.57
CA GLU B 318 11.39 -37.51 -39.39
C GLU B 318 10.74 -37.30 -38.03
N LYS B 319 11.23 -36.31 -37.28
CA LYS B 319 10.47 -35.90 -36.05
C LYS B 319 9.07 -35.29 -36.38
N VAL B 320 8.06 -35.58 -35.56
CA VAL B 320 6.76 -35.01 -35.61
C VAL B 320 6.47 -34.52 -34.21
N LEU B 321 6.19 -33.22 -34.11
CA LEU B 321 5.79 -32.60 -32.84
C LEU B 321 4.28 -32.69 -32.71
N MET B 322 3.83 -33.35 -31.64
CA MET B 322 2.42 -33.44 -31.32
C MET B 322 2.03 -32.39 -30.29
N PHE B 323 0.99 -31.61 -30.59
CA PHE B 323 0.44 -30.55 -29.65
C PHE B 323 -0.73 -31.11 -28.90
N LEU B 324 -0.44 -31.72 -27.73
CA LEU B 324 -1.42 -32.35 -26.89
C LEU B 324 -2.50 -31.35 -26.39
N GLY B 325 -2.03 -30.24 -25.88
CA GLY B 325 -2.93 -29.17 -25.40
C GLY B 325 -3.84 -28.70 -26.51
N SER B 326 -3.24 -28.54 -27.68
CA SER B 326 -4.08 -28.12 -28.83
C SER B 326 -5.13 -29.16 -29.22
N ALA B 327 -4.72 -30.43 -29.29
CA ALA B 327 -5.68 -31.49 -29.61
C ALA B 327 -6.83 -31.48 -28.63
N ASN B 328 -6.50 -31.16 -27.35
CA ASN B 328 -7.51 -31.14 -26.27
C ASN B 328 -8.40 -29.93 -26.35
N ARG B 329 -8.06 -28.97 -27.23
CA ARG B 329 -9.00 -27.82 -27.49
C ARG B 329 -9.45 -27.71 -28.93
N ASP B 330 -9.41 -28.84 -29.67
CA ASP B 330 -9.65 -28.73 -31.12
C ASP B 330 -11.19 -28.72 -31.31
N PRO B 331 -11.77 -27.65 -31.87
CA PRO B 331 -13.27 -27.65 -32.11
C PRO B 331 -13.78 -28.69 -33.11
N ARG B 332 -12.87 -29.35 -33.87
CA ARG B 332 -13.26 -30.52 -34.72
C ARG B 332 -13.69 -31.67 -33.87
N ARG B 333 -13.25 -31.68 -32.60
CA ARG B 333 -13.52 -32.83 -31.71
C ARG B 333 -14.41 -32.40 -30.55
N TRP B 334 -14.19 -31.21 -30.03
CA TRP B 334 -14.78 -30.79 -28.69
C TRP B 334 -15.76 -29.60 -28.96
N SER B 335 -16.91 -29.68 -28.37
CA SER B 335 -17.88 -28.54 -28.46
C SER B 335 -17.49 -27.44 -27.41
N ASP B 336 -17.41 -26.17 -27.81
CA ASP B 336 -16.96 -25.11 -26.85
C ASP B 336 -15.65 -25.53 -26.11
N PRO B 337 -14.59 -25.89 -26.89
CA PRO B 337 -13.37 -26.42 -26.25
C PRO B 337 -12.75 -25.45 -25.22
N ASP B 338 -13.00 -24.13 -25.33
CA ASP B 338 -12.38 -23.14 -24.47
C ASP B 338 -13.24 -22.85 -23.23
N LEU B 339 -14.23 -23.71 -23.03
CA LEU B 339 -14.96 -23.57 -21.76
C LEU B 339 -14.50 -24.68 -20.83
N TYR B 340 -14.42 -24.36 -19.53
CA TYR B 340 -14.18 -25.39 -18.54
C TYR B 340 -15.55 -25.92 -18.10
N ASP B 341 -15.78 -27.21 -18.27
CA ASP B 341 -17.13 -27.75 -18.07
C ASP B 341 -17.00 -29.01 -17.30
N ILE B 342 -17.37 -28.98 -16.00
CA ILE B 342 -17.09 -30.14 -15.20
C ILE B 342 -17.99 -31.38 -15.43
N THR B 343 -18.99 -31.24 -16.30
CA THR B 343 -19.69 -32.45 -16.63
C THR B 343 -19.38 -32.86 -18.07
N ARG B 344 -18.41 -32.18 -18.72
CA ARG B 344 -17.99 -32.63 -20.08
C ARG B 344 -17.63 -34.12 -20.07
N LYS B 345 -17.99 -34.79 -21.18
CA LYS B 345 -17.54 -36.14 -21.43
C LYS B 345 -16.08 -36.07 -21.91
N THR B 346 -15.19 -36.38 -20.99
CA THR B 346 -13.72 -36.03 -21.21
C THR B 346 -13.07 -37.24 -21.81
N SER B 347 -13.78 -38.38 -21.82
CA SER B 347 -13.12 -39.59 -22.22
C SER B 347 -12.54 -39.45 -23.70
N GLY B 348 -11.29 -39.85 -23.89
CA GLY B 348 -10.61 -39.58 -25.20
C GLY B 348 -9.71 -38.33 -25.30
N HIS B 349 -9.65 -37.48 -24.26
CA HIS B 349 -8.67 -36.35 -24.31
C HIS B 349 -7.25 -36.98 -24.21
N VAL B 350 -6.23 -36.22 -24.64
CA VAL B 350 -4.86 -36.83 -24.74
C VAL B 350 -3.92 -36.15 -23.75
N GLY B 351 -4.54 -35.58 -22.69
CA GLY B 351 -3.73 -34.97 -21.56
C GLY B 351 -2.83 -35.98 -20.92
N PHE B 352 -3.22 -37.25 -20.89
CA PHE B 352 -2.34 -38.28 -20.37
C PHE B 352 -1.77 -39.15 -21.50
N GLY B 353 -1.84 -38.63 -22.71
CA GLY B 353 -1.40 -39.44 -23.84
C GLY B 353 -2.51 -40.41 -24.26
N SER B 354 -2.14 -41.42 -25.03
CA SER B 354 -3.13 -42.37 -25.58
C SER B 354 -2.41 -43.58 -26.11
N GLY B 355 -2.92 -44.81 -25.83
CA GLY B 355 -2.24 -46.00 -26.38
C GLY B 355 -1.24 -46.64 -25.45
N VAL B 356 -0.17 -47.17 -26.01
CA VAL B 356 0.73 -48.01 -25.23
C VAL B 356 1.56 -47.27 -24.15
N HIS B 357 1.85 -45.96 -24.41
CA HIS B 357 2.57 -45.16 -23.41
C HIS B 357 1.59 -44.28 -22.58
N MET B 358 0.30 -44.52 -22.68
CA MET B 358 -0.66 -43.62 -21.99
C MET B 358 -0.26 -43.67 -20.47
N CYS B 359 -0.22 -42.49 -19.85
CA CYS B 359 0.42 -42.27 -18.53
C CYS B 359 0.18 -43.47 -17.58
N VAL B 360 1.27 -44.12 -17.26
CA VAL B 360 1.20 -45.22 -16.30
C VAL B 360 0.88 -44.77 -14.84
N GLY B 361 1.09 -43.49 -14.50
CA GLY B 361 0.79 -42.98 -13.13
C GLY B 361 -0.57 -42.33 -13.16
N GLN B 362 -1.39 -42.57 -14.19
CA GLN B 362 -2.61 -41.76 -14.27
C GLN B 362 -3.60 -41.96 -13.05
N LEU B 363 -3.53 -43.14 -12.44
CA LEU B 363 -4.40 -43.43 -11.31
C LEU B 363 -3.90 -42.67 -10.09
N VAL B 364 -2.56 -42.47 -10.02
CA VAL B 364 -1.97 -41.62 -8.91
C VAL B 364 -2.41 -40.19 -9.08
N ALA B 365 -2.23 -39.65 -10.30
CA ALA B 365 -2.69 -38.29 -10.62
C ALA B 365 -4.17 -38.06 -10.29
N ARG B 366 -5.04 -39.03 -10.67
CA ARG B 366 -6.49 -38.84 -10.56
C ARG B 366 -6.86 -38.96 -9.04
N LEU B 367 -6.12 -39.81 -8.32
CA LEU B 367 -6.37 -40.01 -6.89
C LEU B 367 -6.13 -38.65 -6.19
N GLU B 368 -4.95 -38.12 -6.44
CA GLU B 368 -4.61 -36.80 -5.85
C GLU B 368 -5.57 -35.70 -6.27
N GLY B 369 -5.89 -35.60 -7.58
CA GLY B 369 -6.75 -34.52 -8.01
C GLY B 369 -8.20 -34.70 -7.47
N GLU B 370 -8.70 -35.93 -7.46
CA GLU B 370 -10.06 -36.23 -6.95
C GLU B 370 -10.19 -35.82 -5.47
N VAL B 371 -9.23 -36.28 -4.69
CA VAL B 371 -9.37 -36.07 -3.20
C VAL B 371 -9.20 -34.62 -2.78
N MET B 372 -8.45 -33.89 -3.57
CA MET B 372 -8.24 -32.51 -3.27
C MET B 372 -9.48 -31.75 -3.75
N LEU B 373 -10.00 -32.02 -4.97
CA LEU B 373 -11.17 -31.30 -5.38
C LEU B 373 -12.39 -31.64 -4.48
N SER B 374 -12.36 -32.85 -3.95
CA SER B 374 -13.40 -33.32 -2.99
C SER B 374 -13.32 -32.47 -1.70
N ALA B 375 -12.14 -32.40 -1.10
CA ALA B 375 -11.90 -31.48 0.06
C ALA B 375 -12.38 -30.06 -0.24
N LEU B 376 -11.94 -29.49 -1.35
CA LEU B 376 -12.45 -28.19 -1.76
C LEU B 376 -14.00 -28.09 -1.88
N ALA B 377 -14.64 -29.08 -2.55
CA ALA B 377 -16.07 -29.05 -2.84
C ALA B 377 -16.87 -29.06 -1.53
N ARG B 378 -16.33 -29.73 -0.50
CA ARG B 378 -17.07 -29.87 0.75
C ARG B 378 -16.74 -28.73 1.73
N LYS B 379 -15.65 -28.00 1.47
CA LYS B 379 -15.09 -27.11 2.51
C LYS B 379 -15.07 -25.63 2.17
N VAL B 380 -15.12 -25.32 0.88
CA VAL B 380 -14.87 -23.97 0.44
C VAL B 380 -16.06 -23.45 -0.32
N ALA B 381 -16.49 -22.23 -0.04
CA ALA B 381 -17.64 -21.62 -0.71
C ALA B 381 -17.18 -20.79 -1.88
N ALA B 382 -16.02 -20.17 -1.78
CA ALA B 382 -15.54 -19.33 -2.88
C ALA B 382 -14.03 -19.39 -2.95
N ILE B 383 -13.52 -19.28 -4.17
CA ILE B 383 -12.08 -19.10 -4.42
C ILE B 383 -11.91 -17.88 -5.30
N ASP B 384 -11.23 -16.86 -4.76
CA ASP B 384 -11.07 -15.58 -5.45
C ASP B 384 -9.61 -15.29 -5.67
N ILE B 385 -9.22 -15.12 -6.93
CA ILE B 385 -7.87 -14.68 -7.18
C ILE B 385 -7.69 -13.26 -6.65
N ASP B 386 -6.55 -13.04 -5.95
CA ASP B 386 -6.39 -11.75 -5.21
C ASP B 386 -4.89 -11.49 -5.17
N GLY B 387 -4.36 -10.88 -6.25
CA GLY B 387 -2.98 -10.47 -6.34
C GLY B 387 -2.41 -10.99 -7.68
N PRO B 388 -1.15 -10.71 -7.96
CA PRO B 388 -0.50 -10.97 -9.28
C PRO B 388 -0.32 -12.46 -9.49
N VAL B 389 -0.70 -12.91 -10.68
CA VAL B 389 -0.60 -14.32 -11.03
C VAL B 389 0.67 -14.38 -11.86
N LYS B 390 1.51 -15.38 -11.61
CA LYS B 390 2.82 -15.44 -12.31
C LYS B 390 2.91 -16.88 -12.94
N ARG B 391 3.22 -16.90 -14.21
CA ARG B 391 3.47 -18.20 -14.91
C ARG B 391 4.95 -18.70 -14.78
N ARG B 392 5.12 -20.03 -14.73
CA ARG B 392 6.43 -20.62 -14.78
C ARG B 392 6.64 -21.07 -16.22
N PHE B 393 7.79 -20.73 -16.80
CA PHE B 393 7.98 -21.09 -18.19
C PHE B 393 8.85 -22.35 -18.26
N ASN B 394 8.41 -23.30 -19.10
CA ASN B 394 9.11 -24.60 -19.28
C ASN B 394 8.82 -25.04 -20.70
N ASN B 395 9.84 -25.70 -21.29
CA ASN B 395 9.60 -26.18 -22.68
C ASN B 395 8.49 -27.15 -22.89
N THR B 396 8.07 -27.91 -21.87
CA THR B 396 7.04 -28.94 -22.04
C THR B 396 5.91 -28.80 -21.01
N LEU B 397 6.24 -28.35 -19.79
CA LEU B 397 5.19 -28.28 -18.73
C LEU B 397 4.49 -26.94 -18.79
N ARG B 398 3.17 -26.91 -18.73
CA ARG B 398 2.43 -25.67 -18.57
C ARG B 398 1.92 -25.56 -17.13
N GLY B 399 2.22 -24.43 -16.52
CA GLY B 399 1.63 -24.20 -15.18
C GLY B 399 2.10 -22.88 -14.60
N LEU B 400 1.51 -22.53 -13.43
CA LEU B 400 1.72 -21.23 -12.86
C LEU B 400 2.74 -21.39 -11.81
N GLU B 401 3.51 -20.30 -11.55
CA GLU B 401 4.43 -20.22 -10.45
C GLU B 401 3.77 -19.74 -9.13
N SER B 402 2.86 -18.80 -9.31
CA SER B 402 2.17 -18.24 -8.11
C SER B 402 0.70 -17.92 -8.47
N LEU B 403 -0.20 -18.31 -7.56
CA LEU B 403 -1.62 -18.04 -7.79
C LEU B 403 -2.22 -17.61 -6.43
N PRO B 404 -2.10 -16.35 -6.09
CA PRO B 404 -2.68 -15.94 -4.76
C PRO B 404 -4.21 -15.91 -4.82
N VAL B 405 -4.80 -16.54 -3.83
CA VAL B 405 -6.26 -16.58 -3.75
C VAL B 405 -6.68 -16.40 -2.25
N LYS B 406 -7.91 -15.91 -2.14
CA LYS B 406 -8.60 -15.86 -0.85
C LYS B 406 -9.59 -16.99 -0.91
N LEU B 407 -9.50 -17.92 0.05
CA LEU B 407 -10.51 -19.03 0.20
C LEU B 407 -11.58 -18.59 1.25
N THR B 408 -12.86 -18.63 0.88
CA THR B 408 -13.98 -18.40 1.83
C THR B 408 -14.49 -19.76 2.30
N PRO B 409 -14.58 -20.02 3.63
CA PRO B 409 -15.11 -21.31 4.08
C PRO B 409 -16.63 -21.49 3.80
N ALA B 410 -17.04 -22.75 3.67
CA ALA B 410 -18.42 -23.13 3.41
C ALA B 410 -19.27 -22.81 4.67
N THR C 18 -52.21 29.02 7.46
CA THR C 18 -52.52 27.72 6.78
C THR C 18 -51.26 26.94 6.34
N ILE C 19 -51.40 25.69 5.97
CA ILE C 19 -50.24 24.84 6.01
C ILE C 19 -49.87 24.54 4.54
N PRO C 20 -48.66 24.88 4.19
CA PRO C 20 -48.31 24.66 2.77
C PRO C 20 -47.94 23.23 2.54
N HIS C 21 -48.17 22.78 1.31
CA HIS C 21 -47.88 21.42 0.92
C HIS C 21 -46.59 21.40 0.12
N LEU C 22 -45.72 20.46 0.40
CA LEU C 22 -44.43 20.33 -0.32
C LEU C 22 -44.33 18.93 -0.79
N ALA C 23 -43.77 18.75 -2.00
CA ALA C 23 -43.67 17.40 -2.58
C ALA C 23 -42.42 16.65 -2.26
N ILE C 24 -41.38 17.31 -1.69
CA ILE C 24 -40.07 16.68 -1.47
C ILE C 24 -40.13 15.41 -0.60
N ASP C 25 -39.44 14.40 -1.07
CA ASP C 25 -39.18 13.24 -0.22
C ASP C 25 -37.96 13.45 0.64
N PRO C 26 -38.11 13.59 1.98
CA PRO C 26 -36.90 13.87 2.83
C PRO C 26 -36.11 12.55 3.11
N PHE C 27 -36.60 11.43 2.54
CA PHE C 27 -35.87 10.17 2.69
C PHE C 27 -35.28 9.68 1.31
N SER C 28 -35.27 10.58 0.32
CA SER C 28 -34.71 10.28 -0.99
C SER C 28 -33.19 10.40 -0.96
N LEU C 29 -32.51 9.66 -1.84
CA LEU C 29 -31.07 9.76 -1.83
C LEU C 29 -30.60 11.15 -2.19
N ASP C 30 -31.33 11.78 -3.11
CA ASP C 30 -31.00 13.14 -3.56
C ASP C 30 -31.08 14.15 -2.42
N PHE C 31 -32.09 13.96 -1.56
CA PHE C 31 -32.15 14.76 -0.31
C PHE C 31 -30.93 14.47 0.60
N PHE C 32 -30.63 13.18 0.83
CA PHE C 32 -29.53 12.93 1.76
C PHE C 32 -28.18 13.44 1.23
N ASP C 33 -28.07 13.45 -0.11
CA ASP C 33 -26.80 13.92 -0.68
C ASP C 33 -26.47 15.38 -0.47
N ASP C 34 -27.52 16.19 -0.28
CA ASP C 34 -27.31 17.59 0.11
C ASP C 34 -28.64 18.11 0.63
N PRO C 35 -28.86 17.95 1.92
CA PRO C 35 -30.10 18.25 2.54
C PRO C 35 -30.31 19.75 2.89
N TYR C 36 -29.24 20.55 2.86
CA TYR C 36 -29.34 21.91 3.45
C TYR C 36 -30.21 22.89 2.68
N PRO C 37 -30.16 22.91 1.34
CA PRO C 37 -31.12 23.75 0.63
C PRO C 37 -32.58 23.39 0.94
N ASP C 38 -32.90 22.10 0.94
CA ASP C 38 -34.27 21.73 1.18
C ASP C 38 -34.67 21.97 2.65
N GLN C 39 -33.72 21.85 3.56
CA GLN C 39 -34.08 22.14 4.94
C GLN C 39 -34.40 23.63 5.09
N GLN C 40 -33.62 24.46 4.37
CA GLN C 40 -33.88 25.90 4.41
C GLN C 40 -35.31 26.14 3.86
N THR C 41 -35.66 25.52 2.70
CA THR C 41 -37.04 25.65 2.19
C THR C 41 -38.09 25.21 3.18
N LEU C 42 -37.86 24.08 3.83
CA LEU C 42 -38.80 23.62 4.86
C LEU C 42 -38.98 24.60 6.02
N ARG C 43 -37.89 25.18 6.50
CA ARG C 43 -38.05 26.15 7.58
C ARG C 43 -38.79 27.42 7.06
N ASP C 44 -38.36 27.93 5.89
CA ASP C 44 -38.88 29.17 5.39
C ASP C 44 -40.34 29.06 4.97
N ALA C 45 -40.82 27.86 4.68
CA ALA C 45 -42.21 27.69 4.27
C ALA C 45 -43.19 28.02 5.35
N GLY C 46 -42.77 27.74 6.59
CA GLY C 46 -43.66 28.06 7.70
C GLY C 46 -43.24 27.22 8.90
N PRO C 47 -43.87 27.48 10.05
CA PRO C 47 -43.63 26.69 11.29
C PRO C 47 -44.05 25.29 11.10
N VAL C 48 -45.09 25.05 10.30
CA VAL C 48 -45.51 23.66 10.05
C VAL C 48 -45.77 23.48 8.51
N VAL C 49 -45.26 22.40 7.97
CA VAL C 49 -45.52 22.05 6.53
C VAL C 49 -46.19 20.73 6.42
N TYR C 50 -46.83 20.43 5.27
CA TYR C 50 -47.34 19.10 5.09
C TYR C 50 -46.58 18.46 3.97
N LEU C 51 -46.07 17.29 4.21
CA LEU C 51 -45.24 16.60 3.23
C LEU C 51 -46.09 15.55 2.58
N ASP C 52 -46.59 15.88 1.38
CA ASP C 52 -47.38 14.92 0.69
C ASP C 52 -46.73 13.64 0.38
N LYS C 53 -45.40 13.58 0.27
CA LYS C 53 -44.86 12.31 -0.20
C LYS C 53 -45.34 11.18 0.74
N TRP C 54 -45.26 11.47 2.05
CA TRP C 54 -45.58 10.43 3.05
C TRP C 54 -46.81 10.75 3.95
N ASN C 55 -47.52 11.82 3.66
CA ASN C 55 -48.76 12.23 4.37
C ASN C 55 -48.42 12.42 5.85
N VAL C 56 -47.40 13.23 6.06
CA VAL C 56 -47.03 13.58 7.42
C VAL C 56 -46.86 15.09 7.50
N TYR C 57 -46.94 15.62 8.72
CA TYR C 57 -46.66 17.00 8.90
C TYR C 57 -45.19 17.09 9.18
N GLY C 58 -44.59 18.22 8.88
CA GLY C 58 -43.18 18.42 9.17
C GLY C 58 -42.91 19.72 9.94
N VAL C 59 -41.94 19.66 10.88
CA VAL C 59 -41.36 20.88 11.55
C VAL C 59 -39.88 20.92 11.44
N ALA C 60 -39.39 22.05 10.90
CA ALA C 60 -37.97 22.19 10.66
C ALA C 60 -37.27 23.34 11.41
N ARG C 61 -38.06 24.23 12.06
CA ARG C 61 -37.49 25.37 12.79
C ARG C 61 -37.17 24.88 14.23
N TYR C 62 -36.12 25.50 14.80
CA TYR C 62 -35.78 25.15 16.15
C TYR C 62 -36.99 25.29 17.12
N ALA C 63 -37.69 26.40 17.03
CA ALA C 63 -38.81 26.60 17.99
C ALA C 63 -39.87 25.51 18.03
N GLU C 64 -40.37 25.07 16.87
CA GLU C 64 -41.33 24.00 16.85
C GLU C 64 -40.75 22.67 17.18
N VAL C 65 -39.56 22.37 16.70
CA VAL C 65 -38.97 21.05 17.05
C VAL C 65 -38.80 20.96 18.61
N HIS C 66 -38.30 22.04 19.21
CA HIS C 66 -38.04 22.02 20.66
C HIS C 66 -39.37 21.88 21.37
N ALA C 67 -40.41 22.59 20.87
CA ALA C 67 -41.77 22.50 21.48
C ALA C 67 -42.44 21.10 21.42
N VAL C 68 -42.34 20.46 20.23
CA VAL C 68 -42.81 19.09 20.10
C VAL C 68 -42.06 18.11 20.99
N LEU C 69 -40.70 18.18 21.06
CA LEU C 69 -39.94 17.24 21.86
C LEU C 69 -40.36 17.34 23.35
N ASN C 70 -40.63 18.60 23.75
CA ASN C 70 -40.97 18.92 25.21
C ASN C 70 -42.45 18.84 25.54
N ASP C 71 -43.22 18.28 24.63
CA ASP C 71 -44.60 17.97 24.93
C ASP C 71 -45.01 16.56 24.56
N PRO C 72 -44.53 15.58 25.33
CA PRO C 72 -44.76 14.15 25.02
C PRO C 72 -46.17 13.70 25.18
N THR C 73 -46.94 14.39 26.03
CA THR C 73 -48.37 14.05 26.13
C THR C 73 -49.16 14.23 24.84
N THR C 74 -48.89 15.38 24.21
CA THR C 74 -49.50 15.69 22.89
C THR C 74 -48.81 14.97 21.73
N PHE C 75 -47.48 14.94 21.79
CA PHE C 75 -46.70 14.38 20.61
C PHE C 75 -46.06 13.12 21.15
N CYS C 76 -46.74 12.00 20.98
CA CYS C 76 -46.37 10.83 21.75
C CYS C 76 -45.33 10.02 20.96
N SER C 77 -44.68 9.09 21.65
CA SER C 77 -43.72 8.17 21.02
C SER C 77 -44.17 6.76 20.94
N SER C 78 -45.24 6.42 21.69
CA SER C 78 -45.63 4.99 21.73
C SER C 78 -46.34 4.48 20.48
N ARG C 79 -46.71 5.43 19.58
CA ARG C 79 -47.14 5.06 18.25
C ARG C 79 -46.00 4.96 17.24
N GLY C 80 -44.79 4.95 17.72
CA GLY C 80 -43.62 4.77 16.90
C GLY C 80 -42.98 6.11 16.61
N VAL C 81 -41.62 6.13 16.52
CA VAL C 81 -40.93 7.36 16.21
C VAL C 81 -40.34 7.28 14.82
N GLY C 82 -40.73 6.21 14.12
CA GLY C 82 -40.48 6.15 12.66
C GLY C 82 -41.74 6.50 11.93
N LEU C 83 -41.76 6.29 10.58
CA LEU C 83 -43.04 6.64 9.89
C LEU C 83 -44.30 5.82 10.26
N SER C 84 -44.12 4.53 10.42
CA SER C 84 -45.23 3.63 10.72
C SER C 84 -45.87 3.98 12.06
N ASP C 85 -47.20 3.99 12.04
CA ASP C 85 -48.07 4.26 13.17
C ASP C 85 -48.45 2.92 13.82
N PHE C 86 -47.89 2.70 15.01
CA PHE C 86 -48.04 1.38 15.65
C PHE C 86 -49.48 1.14 16.11
N LYS C 87 -50.34 2.18 16.20
CA LYS C 87 -51.76 1.99 16.47
C LYS C 87 -52.39 1.22 15.29
N LYS C 88 -51.79 1.33 14.11
CA LYS C 88 -52.38 0.78 12.89
C LYS C 88 -51.60 -0.38 12.26
N GLU C 89 -50.31 -0.49 12.52
CA GLU C 89 -49.48 -1.45 11.77
C GLU C 89 -48.59 -2.10 12.79
N LYS C 90 -48.24 -3.36 12.57
CA LYS C 90 -47.42 -4.03 13.55
C LYS C 90 -45.94 -3.53 13.43
N PRO C 91 -45.27 -3.22 14.53
CA PRO C 91 -43.83 -2.80 14.51
C PRO C 91 -42.95 -3.85 13.86
N TRP C 92 -41.87 -3.42 13.21
CA TRP C 92 -41.04 -4.42 12.54
C TRP C 92 -40.37 -5.40 13.51
N ARG C 93 -40.16 -5.01 14.77
CA ARG C 93 -39.54 -5.82 15.81
C ARG C 93 -40.35 -5.47 17.12
N PRO C 94 -40.25 -6.29 18.16
CA PRO C 94 -40.88 -5.85 19.44
C PRO C 94 -40.33 -4.45 19.84
N PRO C 95 -41.25 -3.56 20.23
CA PRO C 95 -40.88 -2.19 20.41
C PRO C 95 -39.89 -2.01 21.54
N SER C 96 -39.14 -0.92 21.45
CA SER C 96 -38.19 -0.56 22.51
C SER C 96 -39.08 -0.20 23.70
N LEU C 97 -38.65 -0.64 24.87
CA LEU C 97 -39.29 -0.25 26.16
C LEU C 97 -39.00 1.16 26.56
N ILE C 98 -38.04 1.82 25.90
CA ILE C 98 -37.72 3.16 26.27
C ILE C 98 -38.01 4.15 25.14
N LEU C 99 -37.49 3.89 23.93
CA LEU C 99 -37.73 4.89 22.84
C LEU C 99 -39.14 4.95 22.37
N GLU C 100 -39.87 3.83 22.44
CA GLU C 100 -41.19 3.74 21.84
C GLU C 100 -42.24 3.52 22.94
N ALA C 101 -41.95 4.10 24.07
CA ALA C 101 -42.88 4.17 25.23
C ALA C 101 -43.05 5.60 25.59
N ASP C 102 -44.23 5.95 26.14
CA ASP C 102 -44.53 7.27 26.69
C ASP C 102 -44.51 7.18 28.29
N PRO C 103 -44.23 8.31 28.92
CA PRO C 103 -44.52 8.32 30.43
C PRO C 103 -46.04 8.05 30.59
N PRO C 104 -46.44 7.26 31.60
CA PRO C 104 -45.52 6.76 32.67
C PRO C 104 -44.80 5.45 32.39
N ALA C 105 -45.20 4.65 31.36
CA ALA C 105 -44.52 3.34 31.13
C ALA C 105 -43.01 3.49 30.85
N HIS C 106 -42.67 4.64 30.25
CA HIS C 106 -41.30 5.01 29.95
C HIS C 106 -40.43 5.16 31.17
N THR C 107 -41.04 5.64 32.30
CA THR C 107 -40.25 6.24 33.35
C THR C 107 -39.31 5.32 34.10
N ARG C 108 -39.80 4.17 34.44
CA ARG C 108 -38.97 3.17 35.16
C ARG C 108 -37.82 2.58 34.30
N PRO C 109 -38.05 2.13 33.02
CA PRO C 109 -36.88 1.74 32.26
C PRO C 109 -35.88 2.89 32.00
N ARG C 110 -36.40 4.11 31.80
CA ARG C 110 -35.54 5.30 31.71
C ARG C 110 -34.64 5.48 32.94
N ALA C 111 -35.23 5.35 34.14
CA ALA C 111 -34.44 5.57 35.32
C ALA C 111 -33.38 4.53 35.46
N VAL C 112 -33.71 3.33 35.06
CA VAL C 112 -32.66 2.29 35.07
C VAL C 112 -31.45 2.58 34.17
N LEU C 113 -31.71 2.88 32.91
CA LEU C 113 -30.62 3.22 32.01
C LEU C 113 -29.92 4.45 32.40
N SER C 114 -30.65 5.45 32.97
CA SER C 114 -29.95 6.66 33.46
C SER C 114 -28.90 6.29 34.52
N LYS C 115 -29.26 5.39 35.42
CA LYS C 115 -28.28 4.90 36.43
C LYS C 115 -27.10 4.15 35.86
N VAL C 116 -27.34 3.29 34.90
CA VAL C 116 -26.25 2.49 34.31
C VAL C 116 -25.28 3.39 33.56
N LEU C 117 -25.78 4.48 32.92
CA LEU C 117 -24.97 5.39 32.13
C LEU C 117 -24.72 6.73 32.78
N SER C 118 -24.57 6.75 34.14
CA SER C 118 -24.57 8.00 34.87
C SER C 118 -23.20 8.64 34.87
N PRO C 119 -23.14 9.88 35.34
CA PRO C 119 -21.80 10.50 35.47
C PRO C 119 -20.81 9.70 36.34
N ALA C 120 -21.32 9.12 37.47
CA ALA C 120 -20.48 8.24 38.33
C ALA C 120 -19.85 7.05 37.52
N THR C 121 -20.64 6.38 36.71
CA THR C 121 -20.17 5.25 35.90
C THR C 121 -19.10 5.80 34.90
N MET C 122 -19.38 6.94 34.26
CA MET C 122 -18.38 7.44 33.26
C MET C 122 -17.04 7.68 33.92
N LYS C 123 -17.11 8.20 35.16
CA LYS C 123 -15.89 8.44 35.86
C LYS C 123 -15.06 7.10 36.01
N THR C 124 -15.72 5.97 36.19
CA THR C 124 -15.05 4.71 36.43
C THR C 124 -14.39 4.15 35.12
N ILE C 125 -14.92 4.55 33.98
CA ILE C 125 -14.35 4.09 32.65
C ILE C 125 -13.52 5.08 31.88
N ARG C 126 -13.49 6.34 32.35
CA ARG C 126 -12.92 7.41 31.53
C ARG C 126 -11.43 7.11 31.25
N ASP C 127 -10.68 6.68 32.27
CA ASP C 127 -9.24 6.50 32.07
C ASP C 127 -8.98 5.45 30.99
N GLY C 128 -9.71 4.36 31.03
CA GLY C 128 -9.54 3.29 30.04
C GLY C 128 -9.83 3.83 28.63
N PHE C 129 -10.91 4.63 28.54
CA PHE C 129 -11.34 5.16 27.20
C PHE C 129 -10.22 6.09 26.64
N ALA C 130 -9.72 6.95 27.51
CA ALA C 130 -8.69 7.92 27.17
C ALA C 130 -7.41 7.20 26.71
N ALA C 131 -7.06 6.12 27.44
CA ALA C 131 -5.80 5.41 27.10
C ALA C 131 -6.02 4.80 25.68
N ALA C 132 -7.23 4.29 25.44
CA ALA C 132 -7.51 3.65 24.16
C ALA C 132 -7.50 4.65 23.02
N ALA C 133 -7.94 5.85 23.34
CA ALA C 133 -7.98 6.85 22.28
C ALA C 133 -6.56 7.33 21.98
N ASP C 134 -5.75 7.56 23.01
CA ASP C 134 -4.35 8.02 22.81
C ASP C 134 -3.51 6.96 22.03
N ALA C 135 -3.71 5.70 22.39
CA ALA C 135 -2.98 4.60 21.66
C ALA C 135 -3.48 4.51 20.21
N LYS C 136 -4.79 4.62 20.00
CA LYS C 136 -5.37 4.65 18.63
C LYS C 136 -4.74 5.80 17.77
N VAL C 137 -4.69 7.03 18.31
CA VAL C 137 -4.07 8.13 17.59
C VAL C 137 -2.56 7.92 17.31
N ASP C 138 -1.80 7.38 18.28
CA ASP C 138 -0.40 7.00 18.03
C ASP C 138 -0.29 6.05 16.83
N GLU C 139 -1.14 5.02 16.78
CA GLU C 139 -1.07 4.05 15.68
C GLU C 139 -1.49 4.70 14.35
N LEU C 140 -2.57 5.52 14.36
CA LEU C 140 -2.94 6.21 13.11
C LEU C 140 -1.83 7.20 12.59
N LEU C 141 -1.06 7.83 13.50
CA LEU C 141 0.03 8.73 13.15
C LEU C 141 1.13 7.86 12.50
N GLN C 142 1.28 6.62 12.97
CA GLN C 142 2.31 5.72 12.33
C GLN C 142 1.90 5.43 10.92
N ARG C 143 0.61 5.16 10.68
CA ARG C 143 0.12 4.95 9.32
C ARG C 143 0.18 6.23 8.47
N GLY C 144 -0.06 7.41 9.05
CA GLY C 144 0.05 8.67 8.26
C GLY C 144 -1.25 8.91 7.46
N CYS C 145 -1.47 8.05 6.46
CA CYS C 145 -2.54 8.14 5.51
C CYS C 145 -3.49 7.03 5.99
N ILE C 146 -4.69 7.47 6.42
CA ILE C 146 -5.70 6.56 7.00
C ILE C 146 -7.08 6.83 6.41
N ASP C 147 -8.06 5.98 6.73
CA ASP C 147 -9.47 6.29 6.40
C ASP C 147 -10.05 6.72 7.76
N ALA C 148 -10.37 7.98 7.97
CA ALA C 148 -10.81 8.47 9.27
C ALA C 148 -12.17 7.80 9.59
N ILE C 149 -12.78 7.09 8.65
CA ILE C 149 -14.07 6.42 9.01
C ILE C 149 -13.65 5.03 9.51
N ALA C 150 -13.35 4.12 8.57
CA ALA C 150 -12.99 2.75 9.03
C ALA C 150 -11.91 2.74 10.13
N ASP C 151 -10.87 3.58 10.05
CA ASP C 151 -9.72 3.36 10.94
C ASP C 151 -9.84 4.17 12.24
N LEU C 152 -10.84 5.03 12.33
CA LEU C 152 -10.83 5.97 13.48
C LEU C 152 -12.28 6.04 13.98
N ALA C 153 -13.19 6.59 13.17
CA ALA C 153 -14.60 6.83 13.72
C ALA C 153 -15.25 5.45 14.01
N GLU C 154 -14.96 4.43 13.16
CA GLU C 154 -15.57 3.12 13.49
C GLU C 154 -14.63 2.35 14.44
N ALA C 155 -13.31 2.34 14.15
CA ALA C 155 -12.38 1.47 14.89
C ALA C 155 -12.38 1.90 16.39
N TYR C 156 -12.41 3.23 16.68
CA TYR C 156 -12.26 3.56 18.10
C TYR C 156 -13.51 3.12 18.94
N PRO C 157 -14.75 3.51 18.53
CA PRO C 157 -15.88 3.04 19.36
C PRO C 157 -15.92 1.51 19.38
N LEU C 158 -15.61 0.84 18.26
CA LEU C 158 -15.60 -0.65 18.33
C LEU C 158 -14.58 -1.20 19.37
N SER C 159 -13.50 -0.45 19.66
CA SER C 159 -12.44 -0.92 20.57
C SER C 159 -12.81 -0.64 22.03
N VAL C 160 -13.81 0.23 22.28
CA VAL C 160 -14.12 0.60 23.72
C VAL C 160 -15.57 0.24 24.08
N PHE C 161 -16.53 0.46 23.18
CA PHE C 161 -17.94 0.33 23.59
C PHE C 161 -18.43 -1.17 23.77
N PRO C 162 -18.16 -2.08 22.80
CA PRO C 162 -18.52 -3.48 23.04
C PRO C 162 -17.88 -4.01 24.35
N ASP C 163 -16.60 -3.65 24.61
CA ASP C 163 -16.00 -4.04 25.89
C ASP C 163 -16.73 -3.42 27.11
N ALA C 164 -16.98 -2.12 27.08
CA ALA C 164 -17.78 -1.49 28.25
C ALA C 164 -19.16 -2.13 28.45
N MET C 165 -19.79 -2.62 27.36
CA MET C 165 -21.08 -3.34 27.38
C MET C 165 -20.87 -4.72 28.04
N GLY C 166 -19.64 -5.24 27.96
CA GLY C 166 -19.32 -6.64 28.39
C GLY C 166 -19.62 -7.71 27.36
N LEU C 167 -19.57 -7.37 26.06
CA LEU C 167 -19.95 -8.39 25.02
C LEU C 167 -18.71 -9.31 24.74
N LYS C 168 -18.92 -10.56 24.37
CA LYS C 168 -17.76 -11.39 24.02
C LYS C 168 -17.16 -10.80 22.73
N GLN C 169 -15.92 -11.25 22.44
CA GLN C 169 -15.17 -10.92 21.22
C GLN C 169 -15.81 -11.35 19.93
N GLU C 170 -16.37 -12.54 19.90
CA GLU C 170 -16.86 -13.15 18.70
C GLU C 170 -18.22 -12.53 18.25
N GLY C 171 -18.39 -12.22 16.94
CA GLY C 171 -19.73 -11.77 16.44
C GLY C 171 -19.78 -10.23 16.36
N ARG C 172 -18.76 -9.52 16.86
CA ARG C 172 -18.86 -8.05 16.88
C ARG C 172 -19.08 -7.37 15.47
N GLU C 173 -18.72 -8.05 14.36
CA GLU C 173 -18.92 -7.47 13.04
C GLU C 173 -20.45 -7.35 12.71
N HIS C 174 -21.33 -7.89 13.58
CA HIS C 174 -22.80 -7.77 13.42
C HIS C 174 -23.38 -6.42 13.95
N LEU C 175 -22.60 -5.73 14.78
CA LEU C 175 -23.10 -4.54 15.53
C LEU C 175 -23.37 -3.37 14.58
N LEU C 176 -22.41 -3.08 13.68
CA LEU C 176 -22.69 -1.95 12.76
C LEU C 176 -23.84 -2.17 11.82
N PRO C 177 -23.91 -3.31 11.14
CA PRO C 177 -25.06 -3.60 10.27
C PRO C 177 -26.36 -3.64 11.06
N TYR C 178 -26.32 -4.19 12.27
CA TYR C 178 -27.49 -4.22 13.08
C TYR C 178 -28.05 -2.79 13.37
N ALA C 179 -27.19 -1.87 13.82
CA ALA C 179 -27.67 -0.48 14.01
C ALA C 179 -28.07 0.17 12.70
N GLY C 180 -27.37 -0.11 11.59
CA GLY C 180 -27.86 0.44 10.30
C GLY C 180 -29.27 0.03 10.01
N LEU C 181 -29.59 -1.24 10.30
CA LEU C 181 -30.92 -1.73 10.11
C LEU C 181 -31.95 -0.99 10.99
N VAL C 182 -31.63 -0.92 12.24
CA VAL C 182 -32.57 -0.20 13.16
C VAL C 182 -32.89 1.25 12.73
N PHE C 183 -31.87 1.97 12.37
CA PHE C 183 -32.08 3.35 11.82
C PHE C 183 -32.71 3.43 10.49
N ASN C 184 -32.44 2.46 9.61
CA ASN C 184 -33.23 2.43 8.43
C ASN C 184 -34.73 2.11 8.60
N ALA C 185 -35.08 1.26 9.56
CA ALA C 185 -36.44 0.83 9.73
C ALA C 185 -37.32 1.97 10.28
N PHE C 186 -36.71 3.04 10.85
CA PHE C 186 -37.55 4.21 11.18
C PHE C 186 -38.12 4.86 9.91
N GLY C 187 -37.45 4.65 8.76
CA GLY C 187 -37.88 5.34 7.54
C GLY C 187 -39.09 4.72 6.88
N PRO C 188 -39.46 5.26 5.71
CA PRO C 188 -40.60 4.78 4.93
C PRO C 188 -40.15 3.49 4.26
N PRO C 189 -41.10 2.78 3.64
CA PRO C 189 -40.80 1.51 3.02
C PRO C 189 -40.10 1.70 1.67
N ASN C 190 -38.92 2.29 1.70
CA ASN C 190 -38.12 2.43 0.48
C ASN C 190 -37.03 1.37 0.39
N GLU C 191 -36.24 1.41 -0.70
CA GLU C 191 -35.21 0.36 -0.89
C GLU C 191 -34.26 0.23 0.34
N LEU C 192 -33.79 1.37 0.91
CA LEU C 192 -32.91 1.27 2.08
C LEU C 192 -33.54 0.45 3.19
N ARG C 193 -34.85 0.66 3.43
CA ARG C 193 -35.53 -0.05 4.54
C ARG C 193 -35.78 -1.49 4.14
N GLN C 194 -36.32 -1.66 2.94
CA GLN C 194 -36.67 -3.04 2.50
C GLN C 194 -35.49 -4.00 2.42
N THR C 195 -34.36 -3.52 1.92
CA THR C 195 -33.17 -4.34 1.84
C THR C 195 -32.60 -4.57 3.25
N ALA C 196 -32.69 -3.56 4.11
CA ALA C 196 -32.08 -3.80 5.46
C ALA C 196 -32.88 -4.93 6.17
N ILE C 197 -34.20 -4.86 6.05
CA ILE C 197 -35.09 -5.83 6.75
C ILE C 197 -34.91 -7.21 6.08
N GLU C 198 -34.74 -7.23 4.75
CA GLU C 198 -34.42 -8.54 4.11
C GLU C 198 -33.18 -9.18 4.67
N ARG C 199 -32.12 -8.41 4.93
CA ARG C 199 -30.85 -8.94 5.45
C ARG C 199 -30.82 -9.16 6.99
N SER C 200 -31.93 -8.89 7.67
CA SER C 200 -31.81 -8.62 9.13
C SER C 200 -31.61 -9.86 10.07
N ALA C 201 -32.08 -11.04 9.64
CA ALA C 201 -32.18 -12.14 10.58
C ALA C 201 -30.86 -12.47 11.31
N PRO C 202 -29.74 -12.63 10.57
CA PRO C 202 -28.49 -13.03 11.29
C PRO C 202 -28.01 -11.93 12.27
N HIS C 203 -28.23 -10.67 11.94
CA HIS C 203 -27.84 -9.62 12.91
C HIS C 203 -28.75 -9.58 14.16
N GLN C 204 -30.08 -9.75 14.00
CA GLN C 204 -31.01 -9.68 15.14
C GLN C 204 -30.74 -10.91 16.04
N ALA C 205 -30.37 -12.05 15.43
CA ALA C 205 -30.14 -13.28 16.21
C ALA C 205 -28.86 -13.10 17.03
N TYR C 206 -27.86 -12.46 16.47
CA TYR C 206 -26.61 -12.26 17.17
C TYR C 206 -26.95 -11.35 18.39
N VAL C 207 -27.64 -10.25 18.06
CA VAL C 207 -27.97 -9.29 19.17
C VAL C 207 -28.82 -9.95 20.26
N ASN C 208 -29.87 -10.66 19.89
CA ASN C 208 -30.72 -11.33 20.85
C ASN C 208 -29.90 -12.22 21.85
N GLU C 209 -28.97 -12.96 21.33
CA GLU C 209 -28.17 -13.82 22.19
C GLU C 209 -27.25 -13.03 23.10
N GLN C 210 -26.66 -11.94 22.60
CA GLN C 210 -25.75 -11.25 23.47
C GLN C 210 -26.53 -10.42 24.55
N CYS C 211 -27.83 -10.25 24.39
CA CYS C 211 -28.59 -9.48 25.43
C CYS C 211 -28.85 -10.35 26.68
N GLN C 212 -28.64 -11.67 26.55
CA GLN C 212 -28.97 -12.57 27.75
C GLN C 212 -27.96 -12.49 28.85
N ARG C 213 -28.41 -12.66 30.10
CA ARG C 213 -27.50 -12.45 31.20
C ARG C 213 -26.19 -13.25 31.20
N PRO C 214 -26.27 -14.52 30.82
CA PRO C 214 -25.06 -15.34 30.92
C PRO C 214 -23.97 -14.82 29.94
N ASN C 215 -24.36 -13.96 28.96
CA ASN C 215 -23.41 -13.58 27.85
C ASN C 215 -22.82 -12.22 28.03
N LEU C 216 -23.10 -11.59 29.19
CA LEU C 216 -22.61 -10.23 29.47
C LEU C 216 -21.63 -10.23 30.61
N ALA C 217 -20.40 -9.81 30.34
CA ALA C 217 -19.30 -9.91 31.31
C ALA C 217 -19.60 -9.11 32.59
N PRO C 218 -19.11 -9.60 33.73
CA PRO C 218 -19.37 -8.85 34.96
C PRO C 218 -18.81 -7.41 34.91
N GLY C 219 -19.54 -6.47 35.50
CA GLY C 219 -19.03 -5.12 35.69
C GLY C 219 -19.31 -4.20 34.46
N GLY C 220 -19.82 -4.75 33.34
CA GLY C 220 -20.10 -3.97 32.07
C GLY C 220 -21.56 -3.49 32.09
N PHE C 221 -21.93 -2.67 31.10
CA PHE C 221 -23.28 -2.06 31.15
C PHE C 221 -24.33 -3.08 31.14
N GLY C 222 -24.14 -4.15 30.37
CA GLY C 222 -25.18 -5.17 30.24
C GLY C 222 -25.45 -5.91 31.58
N ALA C 223 -24.37 -6.24 32.28
CA ALA C 223 -24.50 -6.95 33.60
C ALA C 223 -25.13 -6.00 34.60
N CYS C 224 -24.80 -4.72 34.52
CA CYS C 224 -25.36 -3.77 35.49
C CYS C 224 -26.89 -3.64 35.22
N ILE C 225 -27.34 -3.68 33.94
CA ILE C 225 -28.73 -3.68 33.63
C ILE C 225 -29.41 -4.89 34.29
N HIS C 226 -28.88 -6.06 34.08
CA HIS C 226 -29.53 -7.26 34.60
C HIS C 226 -29.56 -7.27 36.13
N ALA C 227 -28.62 -6.60 36.78
CA ALA C 227 -28.62 -6.56 38.28
C ALA C 227 -29.91 -5.93 38.80
N PHE C 228 -30.54 -5.08 37.97
CA PHE C 228 -31.89 -4.51 38.35
C PHE C 228 -33.02 -5.55 38.48
N THR C 229 -32.85 -6.73 37.90
CA THR C 229 -33.84 -7.79 38.01
C THR C 229 -33.85 -8.33 39.48
N ASP C 230 -32.71 -8.22 40.13
CA ASP C 230 -32.53 -8.88 41.44
C ASP C 230 -33.23 -8.14 42.61
N THR C 231 -33.49 -6.85 42.45
CA THR C 231 -34.23 -6.04 43.46
C THR C 231 -35.70 -5.97 42.99
N GLY C 232 -35.98 -6.52 41.81
CA GLY C 232 -37.29 -6.37 41.10
C GLY C 232 -37.58 -5.04 40.37
N GLU C 233 -36.65 -4.12 40.26
CA GLU C 233 -36.95 -2.89 39.52
C GLU C 233 -37.34 -3.19 38.09
N ILE C 234 -36.74 -4.23 37.50
CA ILE C 234 -37.19 -4.72 36.14
C ILE C 234 -37.35 -6.23 36.16
N THR C 235 -38.10 -6.75 35.19
CA THR C 235 -38.26 -8.18 35.08
C THR C 235 -37.18 -8.87 34.22
N PRO C 236 -37.07 -10.20 34.35
CA PRO C 236 -36.13 -10.94 33.51
C PRO C 236 -36.43 -10.78 32.03
N ASP C 237 -37.69 -10.58 31.62
CA ASP C 237 -37.96 -10.25 30.16
C ASP C 237 -37.67 -8.85 29.72
N GLU C 238 -37.70 -7.93 30.66
CA GLU C 238 -37.33 -6.55 30.30
C GLU C 238 -35.84 -6.36 30.18
N ALA C 239 -35.04 -7.08 31.01
CA ALA C 239 -33.63 -6.81 31.07
C ALA C 239 -32.92 -6.97 29.68
N PRO C 240 -33.14 -8.07 28.99
CA PRO C 240 -32.57 -8.17 27.60
C PRO C 240 -33.06 -7.09 26.65
N LEU C 241 -34.28 -6.60 26.76
CA LEU C 241 -34.73 -5.54 25.86
C LEU C 241 -34.02 -4.26 26.14
N LEU C 242 -33.60 -4.04 27.40
CA LEU C 242 -32.96 -2.81 27.72
C LEU C 242 -31.51 -2.92 27.25
N VAL C 243 -30.90 -4.12 27.35
CA VAL C 243 -29.58 -4.25 26.76
C VAL C 243 -29.66 -4.00 25.24
N ARG C 244 -30.71 -4.49 24.64
CA ARG C 244 -31.03 -4.34 23.19
C ARG C 244 -31.04 -2.87 22.77
N SER C 245 -31.61 -2.00 23.62
CA SER C 245 -31.52 -0.57 23.35
C SER C 245 -30.12 -0.10 23.26
N LEU C 246 -29.22 -0.52 24.19
CA LEU C 246 -27.93 0.11 24.11
C LEU C 246 -27.21 -0.44 22.83
N LEU C 247 -27.46 -1.69 22.48
CA LEU C 247 -26.86 -2.32 21.23
C LEU C 247 -27.44 -1.75 19.95
N SER C 248 -28.67 -1.19 20.02
CA SER C 248 -29.32 -0.53 18.89
C SER C 248 -28.75 0.86 18.72
N ALA C 249 -28.66 1.61 19.83
CA ALA C 249 -28.48 3.06 19.71
C ALA C 249 -27.08 3.56 19.98
N GLY C 250 -26.28 2.72 20.61
CA GLY C 250 -25.13 3.23 21.25
C GLY C 250 -23.82 3.13 20.46
N LEU C 251 -23.88 2.67 19.30
CA LEU C 251 -22.59 2.53 18.57
C LEU C 251 -22.60 3.36 17.30
N ASP C 252 -23.50 3.14 16.30
CA ASP C 252 -23.42 3.82 15.02
C ASP C 252 -23.59 5.33 15.09
N THR C 253 -24.30 5.77 16.12
CA THR C 253 -24.43 7.17 16.42
C THR C 253 -23.09 7.81 16.80
N THR C 254 -22.36 7.16 17.70
CA THR C 254 -21.10 7.67 18.14
C THR C 254 -20.08 7.63 16.98
N VAL C 255 -20.19 6.61 16.15
CA VAL C 255 -19.31 6.52 14.95
C VAL C 255 -19.61 7.78 14.10
N ASN C 256 -20.88 8.04 13.77
CA ASN C 256 -21.17 9.15 12.90
C ASN C 256 -20.82 10.47 13.59
N GLY C 257 -20.93 10.58 14.92
CA GLY C 257 -20.45 11.86 15.56
C GLY C 257 -18.93 12.11 15.50
N ILE C 258 -18.17 11.06 15.79
CA ILE C 258 -16.67 11.18 15.78
C ILE C 258 -16.28 11.42 14.34
N GLY C 259 -16.97 10.76 13.40
CA GLY C 259 -16.63 10.97 11.99
C GLY C 259 -16.94 12.44 11.58
N ALA C 260 -18.05 12.99 12.08
CA ALA C 260 -18.48 14.35 11.77
C ALA C 260 -17.40 15.28 12.32
N ALA C 261 -16.97 15.01 13.57
CA ALA C 261 -15.98 15.89 14.17
C ALA C 261 -14.65 15.93 13.37
N VAL C 262 -14.17 14.76 12.96
CA VAL C 262 -12.90 14.75 12.23
C VAL C 262 -13.09 15.40 10.88
N TYR C 263 -14.24 15.17 10.22
CA TYR C 263 -14.49 15.82 8.93
C TYR C 263 -14.59 17.38 9.09
N CYS C 264 -15.21 17.86 10.16
CA CYS C 264 -15.12 19.35 10.47
C CYS C 264 -13.70 19.85 10.68
N LEU C 265 -12.91 19.16 11.51
CA LEU C 265 -11.55 19.60 11.84
C LEU C 265 -10.70 19.50 10.61
N ALA C 266 -11.03 18.58 9.70
CA ALA C 266 -10.25 18.44 8.42
C ALA C 266 -10.52 19.60 7.47
N ARG C 267 -11.78 20.05 7.45
CA ARG C 267 -12.24 21.07 6.52
C ARG C 267 -11.93 22.48 7.03
N PHE C 268 -11.84 22.65 8.38
CA PHE C 268 -11.79 23.98 8.98
C PHE C 268 -10.54 24.15 9.82
N PRO C 269 -9.37 24.37 9.14
CA PRO C 269 -8.11 24.27 9.89
C PRO C 269 -7.96 25.26 11.02
N GLY C 270 -8.67 26.37 10.92
CA GLY C 270 -8.59 27.34 12.02
C GLY C 270 -9.25 26.84 13.28
N GLU C 271 -10.29 25.98 13.14
CA GLU C 271 -10.84 25.33 14.29
C GLU C 271 -9.86 24.30 14.82
N LEU C 272 -9.23 23.52 13.92
CA LEU C 272 -8.22 22.59 14.44
C LEU C 272 -7.11 23.35 15.19
N GLN C 273 -6.67 24.52 14.63
CA GLN C 273 -5.61 25.34 15.38
C GLN C 273 -6.03 25.77 16.84
N ARG C 274 -7.28 26.21 16.98
CA ARG C 274 -7.84 26.61 18.27
C ARG C 274 -7.85 25.44 19.17
N LEU C 275 -8.23 24.27 18.64
CA LEU C 275 -8.32 23.14 19.50
C LEU C 275 -6.91 22.65 19.90
N ARG C 276 -5.94 22.70 19.00
CA ARG C 276 -4.60 22.30 19.49
C ARG C 276 -4.02 23.37 20.43
N SER C 277 -4.41 24.61 20.24
CA SER C 277 -3.96 25.67 21.15
C SER C 277 -4.59 25.47 22.56
N ASP C 278 -5.80 24.91 22.64
CA ASP C 278 -6.40 24.66 23.92
C ASP C 278 -7.16 23.33 23.88
N PRO C 279 -6.48 22.16 24.20
CA PRO C 279 -7.14 20.85 24.12
C PRO C 279 -8.37 20.74 25.09
N THR C 280 -8.56 21.67 26.05
CA THR C 280 -9.79 21.56 26.89
C THR C 280 -11.04 21.94 26.11
N LEU C 281 -10.84 22.45 24.90
CA LEU C 281 -11.96 22.65 23.98
C LEU C 281 -12.47 21.33 23.36
N ALA C 282 -11.79 20.19 23.67
CA ALA C 282 -12.16 18.93 22.95
C ALA C 282 -13.69 18.58 23.09
N ARG C 283 -14.23 18.71 24.31
CA ARG C 283 -15.59 18.28 24.58
C ARG C 283 -16.59 19.19 23.80
N ASN C 284 -16.36 20.49 23.79
CA ASN C 284 -17.24 21.38 23.02
C ASN C 284 -17.08 21.20 21.55
N ALA C 285 -15.84 20.88 21.12
CA ALA C 285 -15.57 20.67 19.65
C ALA C 285 -16.40 19.46 19.21
N PHE C 286 -16.48 18.43 20.06
CA PHE C 286 -17.36 17.32 19.77
C PHE C 286 -18.89 17.72 19.77
N GLU C 287 -19.34 18.43 20.83
CA GLU C 287 -20.72 18.88 20.89
C GLU C 287 -21.10 19.66 19.61
N GLU C 288 -20.22 20.60 19.21
CA GLU C 288 -20.44 21.40 18.07
C GLU C 288 -20.49 20.55 16.83
N ALA C 289 -19.71 19.45 16.77
CA ALA C 289 -19.88 18.57 15.59
C ALA C 289 -21.24 17.85 15.59
N VAL C 290 -21.77 17.47 16.80
CA VAL C 290 -23.09 16.87 16.80
C VAL C 290 -24.19 17.88 16.34
N ARG C 291 -24.08 19.13 16.82
CA ARG C 291 -24.95 20.18 16.22
C ARG C 291 -24.83 20.33 14.68
N PHE C 292 -23.57 20.49 14.22
CA PHE C 292 -23.28 20.87 12.87
C PHE C 292 -23.66 19.76 11.91
N GLU C 293 -23.31 18.50 12.26
CA GLU C 293 -23.69 17.43 11.38
C GLU C 293 -25.02 16.72 11.73
N SER C 294 -25.49 16.79 12.95
CA SER C 294 -26.60 15.98 13.46
C SER C 294 -26.72 14.54 13.02
N PRO C 295 -25.83 13.68 13.53
CA PRO C 295 -25.87 12.25 13.11
C PRO C 295 -27.23 11.66 13.06
N VAL C 296 -28.04 11.94 14.08
CA VAL C 296 -29.44 11.52 13.94
C VAL C 296 -30.20 12.65 13.36
N GLN C 297 -30.68 12.50 12.11
CA GLN C 297 -31.26 13.63 11.41
C GLN C 297 -32.75 13.92 11.77
N THR C 298 -33.52 12.89 11.99
CA THR C 298 -34.94 13.02 12.04
C THR C 298 -35.48 12.00 13.06
N PHE C 299 -36.61 12.40 13.68
CA PHE C 299 -37.52 11.44 14.35
C PHE C 299 -38.91 11.92 14.22
N PHE C 300 -39.89 11.01 14.37
CA PHE C 300 -41.28 11.33 14.32
C PHE C 300 -41.93 11.34 15.75
N ARG C 301 -43.09 12.01 15.83
CA ARG C 301 -44.04 11.78 16.99
C ARG C 301 -45.40 11.61 16.36
N THR C 302 -46.42 11.19 17.15
CA THR C 302 -47.77 11.10 16.65
C THR C 302 -48.63 11.92 17.60
N THR C 303 -49.52 12.75 17.06
CA THR C 303 -50.39 13.57 17.87
C THR C 303 -51.42 12.68 18.55
N THR C 304 -51.66 13.04 19.82
CA THR C 304 -52.70 12.34 20.52
C THR C 304 -54.04 13.12 20.64
N ARG C 305 -54.07 14.36 20.15
CA ARG C 305 -55.26 15.21 20.10
C ARG C 305 -55.01 16.22 18.97
N GLU C 306 -56.08 16.90 18.55
CA GLU C 306 -55.89 18.09 17.75
C GLU C 306 -55.08 19.09 18.52
N VAL C 307 -54.12 19.73 17.85
CA VAL C 307 -53.18 20.63 18.53
C VAL C 307 -52.85 21.79 17.62
N GLU C 308 -52.71 22.98 18.20
CA GLU C 308 -52.26 24.10 17.47
C GLU C 308 -50.80 24.26 17.71
N LEU C 309 -50.03 24.30 16.61
CA LEU C 309 -48.59 24.34 16.73
C LEU C 309 -48.02 25.44 15.85
N GLY C 310 -47.30 26.38 16.47
CA GLY C 310 -46.94 27.65 15.80
C GLY C 310 -48.02 28.43 15.02
N GLY C 311 -49.30 28.26 15.32
CA GLY C 311 -50.33 29.00 14.58
C GLY C 311 -51.05 28.04 13.71
N ALA C 312 -50.51 26.83 13.56
CA ALA C 312 -51.10 25.89 12.60
C ALA C 312 -51.83 24.76 13.30
N VAL C 313 -52.96 24.31 12.79
CA VAL C 313 -53.72 23.25 13.45
C VAL C 313 -53.46 21.88 12.86
N ILE C 314 -53.10 20.91 13.71
CA ILE C 314 -52.84 19.47 13.28
C ILE C 314 -53.83 18.57 13.96
N GLY C 315 -54.58 17.78 13.19
CA GLY C 315 -55.47 16.80 13.72
C GLY C 315 -54.80 15.73 14.64
N GLU C 316 -55.66 15.05 15.41
CA GLU C 316 -55.32 13.84 16.18
C GLU C 316 -54.85 12.72 15.31
N GLY C 317 -53.88 11.98 15.80
CA GLY C 317 -53.44 10.73 15.22
C GLY C 317 -52.57 10.98 13.95
N GLU C 318 -51.94 12.13 13.86
CA GLU C 318 -51.14 12.45 12.61
C GLU C 318 -49.68 12.31 12.97
N LYS C 319 -48.88 11.85 12.00
CA LYS C 319 -47.43 11.80 12.21
C LYS C 319 -46.75 13.20 12.00
N VAL C 320 -45.80 13.54 12.87
CA VAL C 320 -45.14 14.80 12.82
C VAL C 320 -43.65 14.48 12.71
N LEU C 321 -43.02 14.86 11.59
CA LEU C 321 -41.60 14.61 11.38
C LEU C 321 -40.80 15.80 11.83
N MET C 322 -39.93 15.61 12.82
CA MET C 322 -39.02 16.64 13.33
C MET C 322 -37.72 16.53 12.57
N PHE C 323 -37.32 17.67 12.01
CA PHE C 323 -35.96 17.78 11.42
C PHE C 323 -34.91 18.32 12.39
N LEU C 324 -34.23 17.40 13.09
CA LEU C 324 -33.27 17.79 14.17
C LEU C 324 -32.06 18.53 13.59
N GLY C 325 -31.53 18.02 12.44
CA GLY C 325 -30.44 18.72 11.74
C GLY C 325 -30.84 20.13 11.33
N SER C 326 -32.11 20.29 10.79
CA SER C 326 -32.55 21.63 10.39
C SER C 326 -32.64 22.51 11.66
N ALA C 327 -33.29 22.02 12.74
CA ALA C 327 -33.44 22.81 13.99
C ALA C 327 -32.06 23.29 14.50
N ASN C 328 -31.06 22.47 14.33
CA ASN C 328 -29.68 22.81 14.73
C ASN C 328 -28.93 23.79 13.82
N ARG C 329 -29.52 24.08 12.63
CA ARG C 329 -28.96 25.05 11.71
C ARG C 329 -29.94 26.24 11.46
N ASP C 330 -30.96 26.35 12.31
CA ASP C 330 -31.99 27.37 12.09
C ASP C 330 -31.38 28.77 12.48
N PRO C 331 -31.23 29.69 11.49
CA PRO C 331 -30.67 31.03 11.78
C PRO C 331 -31.62 31.82 12.75
N ARG C 332 -32.85 31.38 12.94
CA ARG C 332 -33.76 32.02 13.98
C ARG C 332 -33.27 31.78 15.38
N ARG C 333 -32.43 30.73 15.54
CA ARG C 333 -31.88 30.36 16.87
C ARG C 333 -30.35 30.52 16.95
N TRP C 334 -29.63 30.33 15.87
CA TRP C 334 -28.14 30.24 15.96
C TRP C 334 -27.53 31.38 15.12
N SER C 335 -26.46 32.01 15.62
CA SER C 335 -25.73 32.96 14.78
C SER C 335 -24.83 32.18 13.82
N ASP C 336 -24.83 32.50 12.53
CA ASP C 336 -23.94 31.82 11.54
C ASP C 336 -24.10 30.27 11.77
N PRO C 337 -25.36 29.76 11.60
CA PRO C 337 -25.60 28.35 11.97
C PRO C 337 -24.69 27.46 11.10
N ASP C 338 -24.30 27.93 9.93
CA ASP C 338 -23.57 27.01 9.01
C ASP C 338 -22.07 27.07 9.20
N LEU C 339 -21.61 27.69 10.29
CA LEU C 339 -20.18 27.73 10.59
C LEU C 339 -19.95 26.68 11.69
N TYR C 340 -18.93 25.88 11.50
CA TYR C 340 -18.41 25.06 12.60
C TYR C 340 -17.52 25.95 13.54
N ASP C 341 -17.98 26.14 14.80
CA ASP C 341 -17.32 27.06 15.75
C ASP C 341 -17.14 26.33 17.08
N ILE C 342 -15.92 25.88 17.41
CA ILE C 342 -15.73 25.02 18.57
C ILE C 342 -15.84 25.80 19.90
N THR C 343 -16.00 27.13 19.84
CA THR C 343 -16.31 27.92 21.08
C THR C 343 -17.77 28.33 21.19
N ARG C 344 -18.58 27.93 20.20
CA ARG C 344 -20.03 28.18 20.32
C ARG C 344 -20.67 27.69 21.60
N LYS C 345 -21.64 28.49 22.10
CA LYS C 345 -22.46 28.01 23.25
C LYS C 345 -23.53 27.07 22.67
N THR C 346 -23.27 25.74 22.81
CA THR C 346 -24.03 24.73 22.06
C THR C 346 -25.19 24.38 22.87
N SER C 347 -25.21 24.83 24.13
CA SER C 347 -26.36 24.44 24.92
C SER C 347 -27.75 24.62 24.30
N GLY C 348 -28.59 23.58 24.36
CA GLY C 348 -29.90 23.73 23.74
C GLY C 348 -29.95 23.14 22.30
N HIS C 349 -28.82 22.72 21.75
CA HIS C 349 -28.95 22.04 20.40
C HIS C 349 -29.80 20.77 20.62
N VAL C 350 -30.41 20.23 19.57
CA VAL C 350 -31.29 19.05 19.73
C VAL C 350 -30.73 17.82 19.03
N GLY C 351 -29.41 17.78 18.86
CA GLY C 351 -28.71 16.61 18.22
C GLY C 351 -28.87 15.34 19.09
N PHE C 352 -28.98 15.52 20.44
CA PHE C 352 -29.35 14.37 21.35
C PHE C 352 -30.81 14.42 21.76
N GLY C 353 -31.63 15.19 21.08
CA GLY C 353 -33.03 15.29 21.49
C GLY C 353 -33.18 16.34 22.61
N SER C 354 -34.34 16.31 23.26
CA SER C 354 -34.69 17.29 24.34
C SER C 354 -35.91 16.73 25.11
N GLY C 355 -35.82 16.81 26.45
CA GLY C 355 -36.91 16.49 27.36
C GLY C 355 -36.80 15.07 27.81
N VAL C 356 -37.94 14.41 27.94
CA VAL C 356 -38.00 13.13 28.69
C VAL C 356 -37.22 11.97 27.98
N HIS C 357 -37.13 12.02 26.64
CA HIS C 357 -36.37 11.01 25.91
C HIS C 357 -34.93 11.52 25.55
N MET C 358 -34.50 12.73 25.99
CA MET C 358 -33.17 13.24 25.57
C MET C 358 -32.13 12.11 25.77
N CYS C 359 -31.33 11.90 24.73
CA CYS C 359 -30.41 10.74 24.73
C CYS C 359 -29.88 10.27 26.10
N VAL C 360 -30.28 9.05 26.50
CA VAL C 360 -29.82 8.53 27.81
C VAL C 360 -28.34 8.14 27.76
N GLY C 361 -27.76 7.96 26.52
CA GLY C 361 -26.33 7.61 26.48
C GLY C 361 -25.43 8.77 26.15
N GLN C 362 -25.96 10.02 26.27
CA GLN C 362 -25.21 11.18 25.83
C GLN C 362 -23.85 11.30 26.57
N LEU C 363 -23.77 10.84 27.83
CA LEU C 363 -22.47 10.95 28.48
C LEU C 363 -21.41 9.94 27.94
N VAL C 364 -21.83 8.79 27.41
CA VAL C 364 -20.90 7.82 26.83
C VAL C 364 -20.42 8.42 25.48
N ALA C 365 -21.38 9.01 24.71
CA ALA C 365 -21.03 9.64 23.41
C ALA C 365 -20.04 10.76 23.69
N ARG C 366 -20.34 11.62 24.68
CA ARG C 366 -19.42 12.73 24.89
C ARG C 366 -18.11 12.29 25.44
N LEU C 367 -18.10 11.24 26.25
CA LEU C 367 -16.83 10.73 26.76
C LEU C 367 -15.97 10.24 25.57
N GLU C 368 -16.60 9.47 24.68
CA GLU C 368 -15.85 8.97 23.49
C GLU C 368 -15.34 10.11 22.62
N GLY C 369 -16.24 11.02 22.30
CA GLY C 369 -15.83 12.16 21.45
C GLY C 369 -14.71 12.98 22.08
N GLU C 370 -14.86 13.37 23.35
CA GLU C 370 -13.93 14.22 24.00
C GLU C 370 -12.52 13.57 24.04
N VAL C 371 -12.46 12.30 24.46
CA VAL C 371 -11.16 11.66 24.55
C VAL C 371 -10.48 11.50 23.20
N MET C 372 -11.22 11.23 22.12
CA MET C 372 -10.56 11.12 20.78
C MET C 372 -10.10 12.48 20.35
N LEU C 373 -10.98 13.49 20.50
CA LEU C 373 -10.60 14.83 20.03
C LEU C 373 -9.45 15.36 20.88
N SER C 374 -9.39 15.00 22.16
CA SER C 374 -8.25 15.37 23.02
C SER C 374 -6.90 14.75 22.53
N ALA C 375 -6.99 13.49 22.14
CA ALA C 375 -5.79 12.75 21.62
C ALA C 375 -5.32 13.41 20.33
N LEU C 376 -6.28 13.76 19.47
CA LEU C 376 -5.93 14.50 18.22
C LEU C 376 -5.28 15.89 18.55
N ALA C 377 -5.89 16.61 19.49
CA ALA C 377 -5.49 17.99 19.82
C ALA C 377 -4.05 17.98 20.27
N ARG C 378 -3.69 16.92 21.00
CA ARG C 378 -2.35 16.82 21.64
C ARG C 378 -1.27 16.24 20.71
N LYS C 379 -1.66 15.46 19.70
CA LYS C 379 -0.69 14.65 18.95
C LYS C 379 -0.60 15.03 17.48
N VAL C 380 -1.66 15.69 16.93
CA VAL C 380 -1.71 15.92 15.48
C VAL C 380 -1.57 17.41 15.15
N ALA C 381 -0.76 17.77 14.12
CA ALA C 381 -0.61 19.20 13.75
C ALA C 381 -1.51 19.58 12.59
N ALA C 382 -1.90 18.62 11.77
CA ALA C 382 -2.70 18.89 10.60
C ALA C 382 -3.51 17.64 10.22
N ILE C 383 -4.67 17.89 9.62
CA ILE C 383 -5.56 16.81 9.10
C ILE C 383 -6.02 17.23 7.72
N ASP C 384 -5.56 16.50 6.69
CA ASP C 384 -5.79 16.94 5.29
C ASP C 384 -6.50 15.85 4.54
N ILE C 385 -7.65 16.14 3.94
CA ILE C 385 -8.33 15.12 3.11
C ILE C 385 -7.40 14.78 1.93
N ASP C 386 -7.19 13.50 1.67
CA ASP C 386 -6.23 13.17 0.61
C ASP C 386 -6.76 12.04 -0.28
N GLY C 387 -8.08 11.91 -0.37
CA GLY C 387 -8.71 10.90 -1.25
C GLY C 387 -10.20 11.24 -1.33
N PRO C 388 -10.95 10.46 -2.15
CA PRO C 388 -12.36 10.89 -2.40
C PRO C 388 -13.22 10.69 -1.13
N VAL C 389 -14.10 11.64 -0.86
CA VAL C 389 -14.96 11.54 0.34
C VAL C 389 -16.25 10.89 -0.13
N LYS C 390 -16.68 9.83 0.56
CA LYS C 390 -17.85 9.09 0.12
C LYS C 390 -18.91 9.08 1.25
N ARG C 391 -20.13 9.43 0.88
CA ARG C 391 -21.22 9.54 1.93
C ARG C 391 -21.93 8.19 2.10
N ARG C 392 -22.40 7.90 3.32
CA ARG C 392 -23.20 6.72 3.58
C ARG C 392 -24.69 7.13 3.71
N PHE C 393 -25.59 6.46 2.97
CA PHE C 393 -27.01 6.83 3.05
C PHE C 393 -27.75 5.92 4.00
N ASN C 394 -28.58 6.51 4.83
CA ASN C 394 -29.42 5.75 5.78
C ASN C 394 -30.67 6.60 6.00
N ASN C 395 -31.84 5.99 6.28
CA ASN C 395 -33.04 6.81 6.39
C ASN C 395 -33.03 7.82 7.55
N THR C 396 -32.26 7.53 8.57
CA THR C 396 -32.17 8.39 9.76
C THR C 396 -30.81 8.91 10.09
N LEU C 397 -29.73 8.15 9.81
CA LEU C 397 -28.38 8.58 10.18
C LEU C 397 -27.72 9.32 9.04
N ARG C 398 -27.02 10.39 9.39
CA ARG C 398 -26.18 11.15 8.43
C ARG C 398 -24.76 10.85 8.79
N GLY C 399 -23.97 10.51 7.76
CA GLY C 399 -22.55 10.24 8.10
C GLY C 399 -21.77 9.86 6.88
N LEU C 400 -20.43 9.68 7.03
CA LEU C 400 -19.60 9.35 5.82
C LEU C 400 -19.33 7.86 5.79
N GLU C 401 -19.11 7.34 4.57
CA GLU C 401 -18.67 5.95 4.41
C GLU C 401 -17.12 5.85 4.42
N SER C 402 -16.46 6.84 3.83
CA SER C 402 -15.01 6.88 3.76
C SER C 402 -14.53 8.33 3.82
N LEU C 403 -13.45 8.57 4.55
CA LEU C 403 -12.89 9.89 4.68
C LEU C 403 -11.37 9.79 4.69
N PRO C 404 -10.74 9.70 3.48
CA PRO C 404 -9.29 9.49 3.48
C PRO C 404 -8.61 10.74 3.93
N VAL C 405 -7.76 10.66 4.96
CA VAL C 405 -7.03 11.82 5.42
C VAL C 405 -5.56 11.48 5.72
N LYS C 406 -4.71 12.50 5.62
CA LYS C 406 -3.32 12.40 6.03
C LYS C 406 -3.26 13.12 7.37
N LEU C 407 -2.60 12.49 8.34
CA LEU C 407 -2.33 13.08 9.71
C LEU C 407 -0.88 13.51 9.75
N THR C 408 -0.66 14.78 10.02
CA THR C 408 0.70 15.23 10.26
C THR C 408 0.98 15.26 11.79
N PRO C 409 2.13 14.70 12.26
CA PRO C 409 2.46 14.66 13.70
C PRO C 409 2.73 16.11 14.17
N ALA C 410 2.31 16.41 15.39
CA ALA C 410 2.70 17.60 16.07
C ALA C 410 4.17 17.39 16.51
N THR D 18 27.87 27.54 11.20
CA THR D 18 27.82 26.15 10.59
C THR D 18 26.67 26.13 9.61
N ILE D 19 26.95 25.79 8.37
CA ILE D 19 25.87 25.70 7.41
C ILE D 19 25.50 24.17 7.35
N PRO D 20 24.34 23.81 7.85
CA PRO D 20 23.99 22.36 7.71
C PRO D 20 23.59 21.94 6.29
N HIS D 21 23.90 20.67 5.97
CA HIS D 21 23.60 20.07 4.69
C HIS D 21 22.29 19.29 4.86
N LEU D 22 21.38 19.47 3.93
CA LEU D 22 20.08 18.76 3.88
C LEU D 22 19.82 18.25 2.46
N ALA D 23 19.27 17.03 2.37
CA ALA D 23 18.87 16.52 1.08
C ALA D 23 17.42 16.83 0.68
N ILE D 24 16.75 17.75 1.38
CA ILE D 24 15.43 18.16 0.99
C ILE D 24 15.43 18.69 -0.46
N ASP D 25 14.45 18.21 -1.22
CA ASP D 25 14.22 18.63 -2.64
C ASP D 25 13.01 19.48 -2.71
N PRO D 26 13.24 20.83 -2.79
CA PRO D 26 12.11 21.77 -2.77
C PRO D 26 11.39 21.86 -4.11
N PHE D 27 11.92 21.08 -5.06
CA PHE D 27 11.26 20.96 -6.38
C PHE D 27 10.74 19.51 -6.65
N SER D 28 10.55 18.75 -5.57
CA SER D 28 9.94 17.38 -5.79
C SER D 28 8.41 17.46 -5.71
N LEU D 29 7.70 16.47 -6.34
CA LEU D 29 6.28 16.58 -6.26
C LEU D 29 5.82 16.41 -4.85
N ASP D 30 6.48 15.54 -4.10
CA ASP D 30 6.05 15.35 -2.68
C ASP D 30 6.06 16.70 -1.89
N PHE D 31 7.14 17.46 -2.11
CA PHE D 31 7.30 18.77 -1.47
C PHE D 31 6.18 19.67 -1.93
N PHE D 32 5.89 19.77 -3.24
CA PHE D 32 4.81 20.67 -3.68
C PHE D 32 3.48 20.29 -3.09
N ASP D 33 3.31 18.97 -2.97
CA ASP D 33 2.06 18.49 -2.41
C ASP D 33 1.83 18.84 -0.95
N ASP D 34 2.91 18.95 -0.16
CA ASP D 34 2.84 19.13 1.32
C ASP D 34 4.12 19.84 1.72
N PRO D 35 4.24 21.17 1.42
CA PRO D 35 5.61 21.74 1.60
C PRO D 35 5.81 22.20 3.06
N TYR D 36 4.76 22.20 3.90
CA TYR D 36 4.90 22.90 5.16
C TYR D 36 5.87 22.26 6.19
N PRO D 37 5.80 20.91 6.36
CA PRO D 37 6.78 20.27 7.23
C PRO D 37 8.24 20.57 6.87
N ASP D 38 8.60 20.50 5.58
CA ASP D 38 9.97 20.70 5.13
C ASP D 38 10.36 22.22 5.24
N GLN D 39 9.40 23.12 5.05
CA GLN D 39 9.71 24.57 5.19
C GLN D 39 9.99 24.87 6.67
N GLN D 40 9.27 24.18 7.55
CA GLN D 40 9.59 24.33 8.94
C GLN D 40 11.01 23.80 9.24
N THR D 41 11.36 22.59 8.70
CA THR D 41 12.72 22.11 8.89
C THR D 41 13.76 23.08 8.35
N LEU D 42 13.48 23.67 7.17
CA LEU D 42 14.50 24.55 6.55
C LEU D 42 14.74 25.79 7.42
N ARG D 43 13.67 26.36 7.96
CA ARG D 43 13.76 27.55 8.81
C ARG D 43 14.48 27.16 10.11
N ASP D 44 14.10 26.02 10.67
CA ASP D 44 14.71 25.65 11.94
C ASP D 44 16.18 25.24 11.87
N ALA D 45 16.70 24.88 10.68
CA ALA D 45 18.07 24.45 10.56
C ALA D 45 19.04 25.61 10.79
N GLY D 46 18.55 26.84 10.55
CA GLY D 46 19.45 28.01 10.78
C GLY D 46 19.15 29.05 9.71
N PRO D 47 19.89 30.17 9.75
CA PRO D 47 19.69 31.20 8.71
C PRO D 47 20.05 30.72 7.32
N VAL D 48 21.00 29.81 7.12
CA VAL D 48 21.40 29.49 5.75
C VAL D 48 21.59 27.97 5.76
N VAL D 49 21.09 27.26 4.73
CA VAL D 49 21.38 25.79 4.66
C VAL D 49 22.06 25.53 3.34
N TYR D 50 22.64 24.35 3.17
CA TYR D 50 23.10 23.97 1.82
C TYR D 50 22.25 22.79 1.40
N LEU D 51 21.74 22.84 0.16
CA LEU D 51 20.82 21.83 -0.39
C LEU D 51 21.61 20.98 -1.42
N ASP D 52 22.06 19.80 -1.02
CA ASP D 52 22.82 18.97 -1.95
C ASP D 52 22.14 18.46 -3.17
N LYS D 53 20.80 18.38 -3.12
CA LYS D 53 20.05 17.84 -4.22
C LYS D 53 20.36 18.67 -5.48
N TRP D 54 20.42 20.01 -5.32
CA TRP D 54 20.71 20.88 -6.49
C TRP D 54 21.96 21.80 -6.33
N ASN D 55 22.73 21.64 -5.27
CA ASN D 55 24.07 22.30 -5.04
C ASN D 55 23.78 23.81 -4.97
N VAL D 56 22.84 24.17 -4.11
CA VAL D 56 22.51 25.63 -3.85
C VAL D 56 22.38 25.89 -2.37
N TYR D 57 22.52 27.18 -1.97
CA TYR D 57 22.31 27.57 -0.58
C TYR D 57 20.86 27.91 -0.53
N GLY D 58 20.25 27.77 0.63
CA GLY D 58 18.88 28.20 0.79
C GLY D 58 18.67 29.03 2.03
N VAL D 59 17.71 29.94 1.95
CA VAL D 59 17.32 30.72 3.11
C VAL D 59 15.82 30.68 3.14
N ALA D 60 15.25 30.40 4.30
CA ALA D 60 13.81 30.20 4.44
C ALA D 60 13.17 30.97 5.52
N ARG D 61 13.98 31.70 6.35
CA ARG D 61 13.38 32.54 7.35
C ARG D 61 13.10 33.95 6.77
N TYR D 62 12.09 34.60 7.32
CA TYR D 62 11.71 35.96 6.84
C TYR D 62 12.98 36.87 6.88
N ALA D 63 13.74 36.92 8.00
CA ALA D 63 14.84 37.85 8.09
C ALA D 63 15.95 37.75 6.99
N GLU D 64 16.33 36.53 6.64
CA GLU D 64 17.32 36.36 5.64
C GLU D 64 16.73 36.58 4.26
N VAL D 65 15.49 36.07 4.02
CA VAL D 65 14.93 36.32 2.67
C VAL D 65 14.81 37.86 2.42
N HIS D 66 14.27 38.55 3.39
CA HIS D 66 14.09 40.05 3.27
C HIS D 66 15.45 40.70 3.06
N ALA D 67 16.42 40.33 3.87
CA ALA D 67 17.83 40.84 3.63
C ALA D 67 18.48 40.58 2.27
N VAL D 68 18.37 39.33 1.77
CA VAL D 68 18.78 39.02 0.45
C VAL D 68 18.09 39.87 -0.65
N LEU D 69 16.78 39.97 -0.57
CA LEU D 69 15.91 40.68 -1.58
C LEU D 69 16.46 42.14 -1.61
N ASN D 70 16.88 42.64 -0.46
CA ASN D 70 17.25 44.06 -0.29
C ASN D 70 18.71 44.40 -0.42
N ASP D 71 19.51 43.41 -0.87
CA ASP D 71 20.88 43.64 -1.21
C ASP D 71 21.21 43.16 -2.61
N PRO D 72 20.75 43.89 -3.61
CA PRO D 72 20.97 43.41 -4.98
C PRO D 72 22.38 43.46 -5.46
N THR D 73 23.21 44.37 -4.90
CA THR D 73 24.60 44.38 -5.30
C THR D 73 25.31 43.05 -5.02
N THR D 74 25.05 42.56 -3.81
CA THR D 74 25.69 41.33 -3.32
C THR D 74 24.95 40.11 -3.94
N PHE D 75 23.60 40.17 -3.91
CA PHE D 75 22.78 39.02 -4.41
C PHE D 75 22.10 39.39 -5.75
N CYS D 76 22.80 39.17 -6.86
CA CYS D 76 22.42 39.81 -8.10
C CYS D 76 21.38 38.94 -8.81
N SER D 77 20.61 39.54 -9.72
CA SER D 77 19.70 38.90 -10.62
C SER D 77 20.19 38.62 -12.04
N SER D 78 21.32 39.25 -12.43
CA SER D 78 21.71 39.23 -13.85
C SER D 78 22.34 37.90 -14.21
N ARG D 79 22.67 37.08 -13.20
CA ARG D 79 23.12 35.69 -13.48
C ARG D 79 21.93 34.67 -13.45
N GLY D 80 20.68 35.19 -13.54
CA GLY D 80 19.42 34.40 -13.53
C GLY D 80 18.78 34.32 -12.17
N VAL D 81 17.44 34.28 -12.12
CA VAL D 81 16.76 34.13 -10.85
C VAL D 81 16.13 32.71 -10.81
N GLY D 82 16.57 31.90 -11.77
CA GLY D 82 16.22 30.41 -11.62
C GLY D 82 17.52 29.71 -11.25
N LEU D 83 17.50 28.39 -11.29
CA LEU D 83 18.70 27.68 -10.88
C LEU D 83 19.94 27.88 -11.76
N SER D 84 19.74 27.96 -13.07
CA SER D 84 20.81 28.09 -14.04
C SER D 84 21.54 29.41 -13.83
N ASP D 85 22.86 29.36 -13.88
CA ASP D 85 23.74 30.54 -13.72
C ASP D 85 24.09 31.05 -15.12
N PHE D 86 23.60 32.23 -15.49
CA PHE D 86 23.77 32.69 -16.88
C PHE D 86 25.20 33.02 -17.17
N LYS D 87 26.02 33.19 -16.15
CA LYS D 87 27.45 33.29 -16.40
C LYS D 87 28.08 31.99 -16.99
N LYS D 88 27.48 30.83 -16.72
CA LYS D 88 28.03 29.56 -17.14
C LYS D 88 27.20 28.86 -18.19
N GLU D 89 25.93 29.17 -18.34
CA GLU D 89 25.01 28.39 -19.23
C GLU D 89 24.19 29.41 -19.97
N LYS D 90 23.85 29.13 -21.23
CA LYS D 90 23.10 30.15 -21.96
C LYS D 90 21.65 30.03 -21.46
N PRO D 91 20.99 31.18 -21.27
CA PRO D 91 19.59 31.22 -20.85
C PRO D 91 18.69 30.46 -21.82
N TRP D 92 17.55 29.96 -21.31
CA TRP D 92 16.67 29.11 -22.15
C TRP D 92 15.94 29.98 -23.16
N ARG D 93 15.85 31.27 -22.85
CA ARG D 93 15.37 32.23 -23.82
C ARG D 93 16.13 33.53 -23.63
N PRO D 94 15.96 34.52 -24.53
CA PRO D 94 16.71 35.74 -24.21
C PRO D 94 16.26 36.37 -22.88
N PRO D 95 17.24 36.84 -22.07
CA PRO D 95 16.92 37.33 -20.70
C PRO D 95 15.91 38.46 -20.67
N SER D 96 15.10 38.47 -19.61
CA SER D 96 14.16 39.55 -19.37
C SER D 96 15.04 40.79 -19.10
N LEU D 97 14.63 41.94 -19.66
CA LEU D 97 15.35 43.25 -19.44
C LEU D 97 15.15 43.76 -18.06
N ILE D 98 14.18 43.19 -17.33
CA ILE D 98 13.90 43.73 -16.05
C ILE D 98 14.12 42.71 -14.95
N LEU D 99 13.50 41.52 -15.07
CA LEU D 99 13.72 40.52 -13.99
C LEU D 99 15.14 40.07 -13.89
N GLU D 100 15.79 39.89 -15.04
CA GLU D 100 17.11 39.34 -15.02
C GLU D 100 18.21 40.39 -15.34
N ALA D 101 17.96 41.61 -14.85
CA ALA D 101 18.97 42.71 -14.97
C ALA D 101 19.19 43.25 -13.55
N ASP D 102 20.34 43.83 -13.30
CA ASP D 102 20.62 44.46 -11.99
C ASP D 102 20.63 46.04 -12.27
N PRO D 103 20.41 46.84 -11.21
CA PRO D 103 20.76 48.29 -11.28
C PRO D 103 22.22 48.39 -11.68
N PRO D 104 22.55 49.31 -12.61
CA PRO D 104 21.69 50.32 -13.17
C PRO D 104 20.93 49.95 -14.46
N ALA D 105 21.33 48.87 -15.17
CA ALA D 105 20.72 48.48 -16.41
C ALA D 105 19.20 48.27 -16.16
N HIS D 106 18.82 47.77 -15.00
CA HIS D 106 17.43 47.49 -14.73
C HIS D 106 16.55 48.73 -14.65
N THR D 107 17.15 49.89 -14.31
CA THR D 107 16.34 50.99 -13.84
C THR D 107 15.47 51.60 -14.92
N ARG D 108 16.04 51.79 -16.09
CA ARG D 108 15.23 52.37 -17.18
C ARG D 108 14.01 51.45 -17.58
N PRO D 109 14.22 50.12 -17.84
CA PRO D 109 13.02 49.25 -18.09
C PRO D 109 12.00 49.25 -16.97
N ARG D 110 12.47 49.28 -15.72
CA ARG D 110 11.57 49.25 -14.58
C ARG D 110 10.77 50.51 -14.59
N ALA D 111 11.42 51.65 -14.91
CA ALA D 111 10.60 52.88 -14.87
C ALA D 111 9.48 52.93 -15.88
N VAL D 112 9.74 52.41 -17.07
CA VAL D 112 8.72 52.32 -18.06
C VAL D 112 7.54 51.47 -17.59
N LEU D 113 7.81 50.28 -17.07
CA LEU D 113 6.67 49.42 -16.61
C LEU D 113 5.97 49.96 -15.46
N SER D 114 6.73 50.67 -14.59
CA SER D 114 6.15 51.31 -13.45
C SER D 114 5.11 52.38 -13.88
N LYS D 115 5.50 53.17 -14.88
CA LYS D 115 4.58 54.19 -15.39
C LYS D 115 3.37 53.56 -16.06
N VAL D 116 3.60 52.47 -16.81
CA VAL D 116 2.50 51.80 -17.54
C VAL D 116 1.45 51.25 -16.56
N LEU D 117 1.95 50.75 -15.42
CA LEU D 117 1.07 50.07 -14.50
C LEU D 117 0.86 50.88 -13.22
N SER D 118 0.78 52.22 -13.38
CA SER D 118 0.78 53.19 -12.27
C SER D 118 -0.59 53.27 -11.56
N PRO D 119 -0.65 53.91 -10.36
CA PRO D 119 -1.99 54.15 -9.74
C PRO D 119 -2.99 54.92 -10.66
N ALA D 120 -2.49 55.88 -11.43
CA ALA D 120 -3.27 56.67 -12.35
C ALA D 120 -3.84 55.78 -13.48
N THR D 121 -3.04 54.85 -14.02
CA THR D 121 -3.54 53.84 -14.94
C THR D 121 -4.65 52.99 -14.28
N MET D 122 -4.46 52.54 -13.03
CA MET D 122 -5.42 51.63 -12.40
C MET D 122 -6.78 52.33 -12.27
N LYS D 123 -6.73 53.59 -11.86
CA LYS D 123 -7.91 54.43 -11.80
C LYS D 123 -8.68 54.45 -13.13
N THR D 124 -7.99 54.51 -14.27
CA THR D 124 -8.67 54.47 -15.60
C THR D 124 -9.32 53.15 -15.98
N ILE D 125 -8.89 52.02 -15.38
CA ILE D 125 -9.45 50.74 -15.79
C ILE D 125 -10.32 50.11 -14.66
N ARG D 126 -10.27 50.73 -13.48
CA ARG D 126 -10.88 50.12 -12.31
C ARG D 126 -12.38 49.84 -12.54
N ASP D 127 -13.15 50.82 -13.08
CA ASP D 127 -14.62 50.51 -13.16
C ASP D 127 -14.94 49.33 -14.03
N GLY D 128 -14.20 49.21 -15.13
CA GLY D 128 -14.38 48.10 -16.13
C GLY D 128 -14.01 46.77 -15.46
N PHE D 129 -12.98 46.81 -14.64
CA PHE D 129 -12.55 45.55 -14.00
C PHE D 129 -13.61 45.20 -12.94
N ALA D 130 -14.08 46.19 -12.19
CA ALA D 130 -15.12 45.93 -11.19
C ALA D 130 -16.41 45.40 -11.84
N ALA D 131 -16.80 45.98 -12.98
CA ALA D 131 -18.02 45.55 -13.67
C ALA D 131 -17.92 44.08 -14.09
N ALA D 132 -16.76 43.70 -14.61
CA ALA D 132 -16.55 42.34 -15.10
C ALA D 132 -16.63 41.32 -13.93
N ALA D 133 -16.13 41.77 -12.78
CA ALA D 133 -16.08 40.89 -11.57
C ALA D 133 -17.50 40.69 -11.03
N ASP D 134 -18.26 41.78 -10.96
CA ASP D 134 -19.63 41.71 -10.49
C ASP D 134 -20.42 40.77 -11.41
N ALA D 135 -20.35 41.01 -12.73
CA ALA D 135 -20.99 40.11 -13.73
C ALA D 135 -20.59 38.67 -13.58
N LYS D 136 -19.27 38.46 -13.43
CA LYS D 136 -18.80 37.12 -13.28
C LYS D 136 -19.41 36.46 -12.03
N VAL D 137 -19.40 37.14 -10.89
CA VAL D 137 -19.94 36.54 -9.66
C VAL D 137 -21.46 36.28 -9.78
N ASP D 138 -22.22 37.23 -10.37
CA ASP D 138 -23.67 37.01 -10.71
C ASP D 138 -23.91 35.80 -11.55
N GLU D 139 -23.11 35.65 -12.61
CA GLU D 139 -23.22 34.50 -13.48
C GLU D 139 -22.92 33.18 -12.78
N LEU D 140 -21.93 33.19 -11.88
CA LEU D 140 -21.52 31.96 -11.21
C LEU D 140 -22.52 31.56 -10.11
N LEU D 141 -23.19 32.53 -9.49
CA LEU D 141 -24.24 32.27 -8.46
C LEU D 141 -25.48 31.52 -9.01
N GLN D 142 -25.83 31.83 -10.26
CA GLN D 142 -26.82 31.04 -11.01
C GLN D 142 -26.44 29.55 -11.15
N ARG D 143 -25.17 29.25 -11.40
CA ARG D 143 -24.77 27.91 -11.61
C ARG D 143 -24.72 27.18 -10.28
N GLY D 144 -24.38 27.93 -9.21
CA GLY D 144 -24.19 27.44 -7.84
C GLY D 144 -22.91 26.65 -7.60
N CYS D 145 -22.88 25.41 -8.12
CA CYS D 145 -21.72 24.48 -8.14
C CYS D 145 -20.76 24.70 -9.35
N ILE D 146 -19.59 25.28 -9.07
CA ILE D 146 -18.64 25.67 -10.15
C ILE D 146 -17.28 25.11 -9.82
N ASP D 147 -16.30 25.26 -10.72
CA ASP D 147 -14.92 24.94 -10.36
C ASP D 147 -14.30 26.34 -10.14
N ALA D 148 -13.88 26.61 -8.91
CA ALA D 148 -13.35 27.97 -8.64
C ALA D 148 -12.04 28.26 -9.40
N ILE D 149 -11.42 27.26 -10.00
CA ILE D 149 -10.22 27.51 -10.81
C ILE D 149 -10.64 27.91 -12.24
N ALA D 150 -11.01 26.90 -13.01
CA ALA D 150 -11.47 27.17 -14.39
C ALA D 150 -12.48 28.27 -14.51
N ASP D 151 -13.47 28.33 -13.64
CA ASP D 151 -14.63 29.18 -13.89
C ASP D 151 -14.55 30.53 -13.24
N LEU D 152 -13.55 30.71 -12.36
CA LEU D 152 -13.45 31.97 -11.62
C LEU D 152 -11.98 32.44 -11.59
N ALA D 153 -11.10 31.74 -10.87
CA ALA D 153 -9.67 32.20 -10.84
C ALA D 153 -8.99 32.28 -12.25
N GLU D 154 -9.32 31.35 -13.18
CA GLU D 154 -8.79 31.49 -14.56
C GLU D 154 -9.68 32.42 -15.40
N ALA D 155 -10.99 32.19 -15.34
CA ALA D 155 -11.95 32.90 -16.21
C ALA D 155 -11.88 34.41 -15.95
N TYR D 156 -11.81 34.83 -14.69
CA TYR D 156 -12.00 36.28 -14.45
C TYR D 156 -10.73 37.04 -15.02
N PRO D 157 -9.51 36.56 -14.69
CA PRO D 157 -8.42 37.37 -15.27
C PRO D 157 -8.36 37.21 -16.78
N LEU D 158 -8.76 36.03 -17.32
CA LEU D 158 -8.70 35.92 -18.80
C LEU D 158 -9.68 36.91 -19.43
N SER D 159 -10.68 37.36 -18.66
CA SER D 159 -11.70 38.20 -19.22
C SER D 159 -11.28 39.66 -19.19
N VAL D 160 -10.31 40.03 -18.34
CA VAL D 160 -9.91 41.49 -18.18
C VAL D 160 -8.47 41.78 -18.63
N PHE D 161 -7.54 40.87 -18.35
CA PHE D 161 -6.10 41.17 -18.51
C PHE D 161 -5.69 41.14 -19.98
N PRO D 162 -6.15 40.12 -20.76
CA PRO D 162 -5.69 40.18 -22.16
C PRO D 162 -6.23 41.42 -22.88
N ASP D 163 -7.47 41.80 -22.56
CA ASP D 163 -8.01 43.02 -23.10
C ASP D 163 -7.23 44.25 -22.60
N ALA D 164 -6.88 44.32 -21.31
CA ALA D 164 -6.18 45.49 -20.87
C ALA D 164 -4.79 45.59 -21.51
N MET D 165 -4.25 44.46 -21.94
CA MET D 165 -3.00 44.36 -22.64
C MET D 165 -3.15 44.93 -24.08
N GLY D 166 -4.35 44.75 -24.62
CA GLY D 166 -4.66 45.11 -26.03
C GLY D 166 -4.39 43.97 -27.01
N LEU D 167 -4.49 42.72 -26.51
CA LEU D 167 -4.21 41.53 -27.33
C LEU D 167 -5.46 41.22 -28.20
N LYS D 168 -5.23 40.70 -29.38
CA LYS D 168 -6.37 40.25 -30.21
C LYS D 168 -6.98 39.01 -29.51
N GLN D 169 -8.16 38.61 -30.03
CA GLN D 169 -8.92 37.47 -29.50
C GLN D 169 -8.30 36.14 -29.79
N GLU D 170 -7.86 35.91 -31.01
CA GLU D 170 -7.37 34.59 -31.41
C GLU D 170 -5.98 34.29 -30.78
N GLY D 171 -5.81 33.05 -30.31
CA GLY D 171 -4.53 32.60 -29.83
C GLY D 171 -4.38 32.69 -28.31
N ARG D 172 -5.36 33.27 -27.62
CA ARG D 172 -5.26 33.54 -26.18
C ARG D 172 -5.13 32.28 -25.32
N GLU D 173 -5.47 31.11 -25.88
CA GLU D 173 -5.32 29.84 -25.17
C GLU D 173 -3.84 29.52 -24.92
N HIS D 174 -2.95 30.19 -25.62
CA HIS D 174 -1.52 29.93 -25.41
C HIS D 174 -1.01 30.66 -24.11
N LEU D 175 -1.78 31.60 -23.57
CA LEU D 175 -1.25 32.47 -22.47
C LEU D 175 -0.93 31.68 -21.20
N LEU D 176 -1.87 30.84 -20.73
CA LEU D 176 -1.62 30.00 -19.52
C LEU D 176 -0.43 29.03 -19.66
N PRO D 177 -0.35 28.28 -20.78
CA PRO D 177 0.73 27.35 -20.96
C PRO D 177 2.06 28.08 -21.10
N TYR D 178 2.04 29.24 -21.78
CA TYR D 178 3.31 29.99 -21.98
C TYR D 178 3.86 30.38 -20.55
N ALA D 179 3.02 30.95 -19.76
CA ALA D 179 3.42 31.33 -18.36
C ALA D 179 3.79 30.07 -17.50
N GLY D 180 3.05 28.95 -17.65
CA GLY D 180 3.45 27.78 -16.87
C GLY D 180 4.86 27.37 -17.31
N LEU D 181 5.18 27.54 -18.61
CA LEU D 181 6.52 27.18 -19.11
C LEU D 181 7.58 28.15 -18.45
N VAL D 182 7.30 29.45 -18.50
CA VAL D 182 8.25 30.44 -17.92
C VAL D 182 8.62 30.06 -16.43
N PHE D 183 7.58 29.86 -15.64
CA PHE D 183 7.67 29.48 -14.21
C PHE D 183 8.31 28.15 -13.98
N ASN D 184 8.06 27.17 -14.88
CA ASN D 184 8.80 25.94 -14.75
C ASN D 184 10.26 26.07 -15.11
N ALA D 185 10.64 26.98 -16.05
CA ALA D 185 12.02 27.11 -16.49
C ALA D 185 12.89 27.73 -15.42
N PHE D 186 12.28 28.40 -14.44
CA PHE D 186 13.21 28.85 -13.30
C PHE D 186 13.73 27.68 -12.50
N GLY D 187 13.02 26.56 -12.58
CA GLY D 187 13.42 25.42 -11.72
C GLY D 187 14.62 24.68 -12.20
N PRO D 188 14.95 23.57 -11.49
CA PRO D 188 16.05 22.72 -11.86
C PRO D 188 15.69 21.78 -13.04
N PRO D 189 16.70 21.08 -13.60
CA PRO D 189 16.41 20.23 -14.78
C PRO D 189 15.63 18.95 -14.34
N ASN D 190 14.40 19.14 -13.89
CA ASN D 190 13.57 17.94 -13.60
C ASN D 190 12.52 17.73 -14.72
N GLU D 191 11.61 16.78 -14.50
CA GLU D 191 10.71 16.40 -15.55
C GLU D 191 9.76 17.53 -15.83
N LEU D 192 9.35 18.31 -14.80
CA LEU D 192 8.47 19.40 -15.08
C LEU D 192 9.14 20.40 -16.07
N ARG D 193 10.42 20.66 -15.86
CA ARG D 193 11.11 21.69 -16.66
C ARG D 193 11.36 21.11 -18.09
N GLN D 194 11.85 19.87 -18.13
CA GLN D 194 12.21 19.28 -19.48
C GLN D 194 10.99 19.17 -20.41
N THR D 195 9.83 18.82 -19.83
CA THR D 195 8.58 18.69 -20.59
C THR D 195 8.08 20.06 -21.02
N ALA D 196 8.13 21.02 -20.09
CA ALA D 196 7.76 22.35 -20.44
C ALA D 196 8.53 22.87 -21.68
N ILE D 197 9.86 22.71 -21.69
CA ILE D 197 10.76 23.22 -22.72
C ILE D 197 10.58 22.45 -24.04
N GLU D 198 10.39 21.12 -24.00
CA GLU D 198 9.99 20.40 -25.27
C GLU D 198 8.72 20.92 -25.93
N ARG D 199 7.73 21.39 -25.17
CA ARG D 199 6.48 21.91 -25.74
C ARG D 199 6.44 23.42 -26.00
N SER D 200 7.59 24.09 -25.82
CA SER D 200 7.59 25.57 -25.75
C SER D 200 7.39 26.30 -27.07
N ALA D 201 7.85 25.70 -28.19
CA ALA D 201 7.94 26.49 -29.44
C ALA D 201 6.65 27.17 -29.89
N PRO D 202 5.48 26.45 -29.91
CA PRO D 202 4.32 27.26 -30.38
C PRO D 202 3.89 28.39 -29.44
N HIS D 203 4.12 28.22 -28.15
CA HIS D 203 3.58 29.20 -27.21
C HIS D 203 4.45 30.51 -27.30
N GLN D 204 5.75 30.32 -27.42
CA GLN D 204 6.72 31.38 -27.57
C GLN D 204 6.49 32.09 -28.89
N ALA D 205 6.19 31.31 -29.92
CA ALA D 205 6.02 31.95 -31.23
C ALA D 205 4.77 32.84 -31.20
N TYR D 206 3.71 32.39 -30.54
CA TYR D 206 2.50 33.15 -30.38
C TYR D 206 2.79 34.45 -29.59
N VAL D 207 3.54 34.30 -28.47
CA VAL D 207 3.82 35.48 -27.62
C VAL D 207 4.73 36.46 -28.40
N ASN D 208 5.80 35.97 -29.03
CA ASN D 208 6.68 36.82 -29.81
C ASN D 208 5.88 37.72 -30.82
N GLU D 209 4.91 37.12 -31.49
CA GLU D 209 4.14 37.87 -32.46
C GLU D 209 3.25 38.89 -31.74
N GLN D 210 2.69 38.52 -30.59
CA GLN D 210 1.82 39.48 -29.98
C GLN D 210 2.63 40.63 -29.37
N CYS D 211 3.96 40.47 -29.22
CA CYS D 211 4.76 41.56 -28.56
C CYS D 211 5.02 42.73 -29.53
N GLN D 212 4.79 42.53 -30.82
CA GLN D 212 5.07 43.57 -31.86
C GLN D 212 4.05 44.70 -31.93
N ARG D 213 4.52 45.91 -32.23
CA ARG D 213 3.66 47.11 -32.08
C ARG D 213 2.37 47.02 -32.89
N PRO D 214 2.47 46.54 -34.15
CA PRO D 214 1.19 46.58 -34.89
C PRO D 214 0.13 45.63 -34.29
N ASN D 215 0.51 44.68 -33.38
CA ASN D 215 -0.50 43.67 -32.85
C ASN D 215 -1.10 43.99 -31.51
N LEU D 216 -0.80 45.18 -31.02
CA LEU D 216 -1.35 45.57 -29.73
C LEU D 216 -2.29 46.71 -29.88
N ALA D 217 -3.53 46.56 -29.44
CA ALA D 217 -4.55 47.63 -29.61
C ALA D 217 -4.29 48.96 -28.90
N PRO D 218 -4.62 50.12 -29.54
CA PRO D 218 -4.49 51.47 -28.88
C PRO D 218 -5.07 51.52 -27.44
N GLY D 219 -4.40 52.22 -26.53
CA GLY D 219 -4.96 52.43 -25.18
C GLY D 219 -4.57 51.31 -24.18
N GLY D 220 -4.19 50.13 -24.68
CA GLY D 220 -3.81 49.00 -23.79
C GLY D 220 -2.37 49.09 -23.26
N PHE D 221 -1.96 48.16 -22.40
CA PHE D 221 -0.60 48.26 -21.81
C PHE D 221 0.47 48.05 -22.83
N GLY D 222 0.23 47.19 -23.82
CA GLY D 222 1.21 46.97 -24.85
C GLY D 222 1.49 48.20 -25.68
N ALA D 223 0.43 48.89 -26.07
CA ALA D 223 0.57 50.05 -26.97
C ALA D 223 1.25 51.11 -26.08
N CYS D 224 0.93 51.10 -24.78
CA CYS D 224 1.48 52.14 -23.93
C CYS D 224 3.01 51.94 -23.79
N ILE D 225 3.47 50.68 -23.72
CA ILE D 225 4.92 50.38 -23.64
C ILE D 225 5.53 50.90 -24.93
N HIS D 226 4.94 50.50 -26.04
CA HIS D 226 5.54 50.93 -27.34
C HIS D 226 5.59 52.46 -27.50
N ALA D 227 4.65 53.22 -26.91
CA ALA D 227 4.68 54.72 -26.98
C ALA D 227 6.01 55.26 -26.40
N PHE D 228 6.59 54.51 -25.43
CA PHE D 228 7.92 54.98 -24.92
C PHE D 228 9.05 54.97 -25.94
N THR D 229 8.91 54.30 -27.09
CA THR D 229 9.92 54.38 -28.09
C THR D 229 9.89 55.79 -28.80
N ASP D 230 8.76 56.47 -28.74
CA ASP D 230 8.50 57.72 -29.50
C ASP D 230 9.22 58.87 -28.80
N THR D 231 9.47 58.74 -27.49
CA THR D 231 10.12 59.84 -26.71
C THR D 231 11.61 59.48 -26.56
N GLY D 232 12.00 58.28 -27.04
CA GLY D 232 13.35 57.75 -26.81
C GLY D 232 13.71 57.09 -25.46
N GLU D 233 12.72 56.87 -24.60
CA GLU D 233 12.95 56.26 -23.33
C GLU D 233 13.48 54.80 -23.54
N ILE D 234 12.95 54.11 -24.58
CA ILE D 234 13.44 52.73 -24.94
C ILE D 234 13.51 52.66 -26.46
N THR D 235 14.22 51.61 -26.92
CA THR D 235 14.42 51.30 -28.34
C THR D 235 13.27 50.44 -28.87
N PRO D 236 13.08 50.47 -30.20
CA PRO D 236 12.20 49.51 -30.86
C PRO D 236 12.49 48.05 -30.47
N ASP D 237 13.73 47.68 -30.22
CA ASP D 237 14.09 46.28 -29.82
C ASP D 237 13.81 45.95 -28.39
N GLU D 238 13.96 46.94 -27.54
CA GLU D 238 13.48 46.78 -26.14
C GLU D 238 11.94 46.70 -25.97
N ALA D 239 11.13 47.46 -26.70
CA ALA D 239 9.65 47.49 -26.41
C ALA D 239 8.98 46.09 -26.45
N PRO D 240 9.34 45.27 -27.47
CA PRO D 240 8.62 43.94 -27.41
C PRO D 240 9.06 43.07 -26.22
N LEU D 241 10.37 43.14 -25.85
CA LEU D 241 10.85 42.40 -24.69
C LEU D 241 10.09 42.85 -23.47
N LEU D 242 9.79 44.15 -23.34
CA LEU D 242 8.99 44.65 -22.17
C LEU D 242 7.52 44.20 -22.22
N VAL D 243 6.90 44.16 -23.42
CA VAL D 243 5.57 43.51 -23.46
C VAL D 243 5.64 42.02 -23.08
N ARG D 244 6.72 41.37 -23.50
CA ARG D 244 6.91 39.92 -23.27
C ARG D 244 6.92 39.68 -21.71
N SER D 245 7.50 40.64 -20.97
CA SER D 245 7.50 40.56 -19.46
C SER D 245 6.08 40.50 -18.94
N LEU D 246 5.22 41.37 -19.44
CA LEU D 246 3.88 41.40 -18.89
C LEU D 246 3.14 40.11 -19.32
N LEU D 247 3.41 39.61 -20.52
CA LEU D 247 2.75 38.35 -20.97
C LEU D 247 3.31 37.11 -20.23
N SER D 248 4.52 37.18 -19.69
CA SER D 248 5.05 36.09 -18.87
C SER D 248 4.49 36.13 -17.47
N ALA D 249 4.49 37.30 -16.85
CA ALA D 249 4.33 37.39 -15.41
C ALA D 249 2.96 37.81 -14.98
N GLY D 250 2.19 38.31 -15.92
CA GLY D 250 0.99 39.07 -15.59
C GLY D 250 -0.33 38.31 -15.48
N LEU D 251 -0.33 37.03 -15.86
CA LEU D 251 -1.62 36.34 -15.91
C LEU D 251 -1.75 35.19 -14.87
N ASP D 252 -0.87 34.21 -14.95
CA ASP D 252 -0.94 32.98 -14.18
C ASP D 252 -0.74 33.29 -12.70
N THR D 253 0.01 34.36 -12.41
CA THR D 253 0.18 34.76 -11.01
C THR D 253 -1.12 35.22 -10.42
N THR D 254 -1.80 36.10 -11.13
CA THR D 254 -3.09 36.59 -10.62
C THR D 254 -4.17 35.47 -10.53
N VAL D 255 -4.12 34.57 -11.48
CA VAL D 255 -5.00 33.35 -11.51
C VAL D 255 -4.76 32.65 -10.17
N ASN D 256 -3.50 32.40 -9.86
CA ASN D 256 -3.13 31.70 -8.57
C ASN D 256 -3.47 32.50 -7.30
N GLY D 257 -3.34 33.85 -7.39
CA GLY D 257 -3.64 34.75 -6.27
C GLY D 257 -5.13 34.68 -5.94
N ILE D 258 -5.95 34.76 -7.01
CA ILE D 258 -7.41 34.72 -6.84
C ILE D 258 -7.90 33.30 -6.40
N GLY D 259 -7.34 32.24 -6.96
CA GLY D 259 -7.65 30.89 -6.50
C GLY D 259 -7.28 30.73 -5.04
N ALA D 260 -6.11 31.25 -4.65
CA ALA D 260 -5.68 31.17 -3.22
C ALA D 260 -6.70 31.84 -2.29
N ALA D 261 -7.10 33.10 -2.64
CA ALA D 261 -8.10 33.84 -1.90
C ALA D 261 -9.43 33.01 -1.77
N VAL D 262 -9.91 32.50 -2.91
CA VAL D 262 -11.15 31.68 -2.85
C VAL D 262 -10.90 30.43 -1.93
N TYR D 263 -9.76 29.76 -2.11
CA TYR D 263 -9.46 28.66 -1.22
C TYR D 263 -9.42 29.05 0.26
N CYS D 264 -8.74 30.17 0.59
CA CYS D 264 -8.66 30.67 1.99
C CYS D 264 -10.03 30.97 2.58
N LEU D 265 -10.88 31.62 1.79
CA LEU D 265 -12.22 32.00 2.26
C LEU D 265 -13.13 30.70 2.44
N ALA D 266 -12.92 29.68 1.61
CA ALA D 266 -13.59 28.36 1.81
C ALA D 266 -13.09 27.68 3.12
N ARG D 267 -11.76 27.62 3.32
CA ARG D 267 -11.17 26.96 4.49
C ARG D 267 -11.36 27.71 5.79
N PHE D 268 -11.49 29.06 5.72
CA PHE D 268 -11.70 29.89 6.91
C PHE D 268 -13.01 30.68 6.78
N PRO D 269 -14.15 29.98 6.87
CA PRO D 269 -15.41 30.70 6.48
C PRO D 269 -15.78 31.81 7.42
N GLY D 270 -15.28 31.75 8.65
CA GLY D 270 -15.41 32.87 9.56
C GLY D 270 -14.88 34.17 8.96
N GLU D 271 -13.80 34.07 8.15
CA GLU D 271 -13.21 35.29 7.55
C GLU D 271 -14.12 35.72 6.37
N LEU D 272 -14.80 34.78 5.67
CA LEU D 272 -15.82 35.23 4.69
C LEU D 272 -16.94 36.09 5.34
N GLN D 273 -17.44 35.65 6.48
CA GLN D 273 -18.46 36.43 7.18
C GLN D 273 -17.96 37.82 7.61
N ARG D 274 -16.69 37.91 8.04
CA ARG D 274 -16.18 39.22 8.46
C ARG D 274 -16.01 40.16 7.27
N LEU D 275 -15.61 39.60 6.14
CA LEU D 275 -15.58 40.31 4.88
C LEU D 275 -16.99 40.77 4.42
N ARG D 276 -18.02 39.91 4.54
CA ARG D 276 -19.40 40.29 4.17
C ARG D 276 -19.88 41.39 5.08
N SER D 277 -19.47 41.31 6.35
CA SER D 277 -19.80 42.29 7.30
C SER D 277 -19.02 43.61 7.05
N ASP D 278 -17.79 43.54 6.53
CA ASP D 278 -17.14 44.81 6.15
C ASP D 278 -16.42 44.68 4.81
N PRO D 279 -17.14 44.89 3.68
CA PRO D 279 -16.55 44.69 2.34
C PRO D 279 -15.31 45.58 2.05
N THR D 280 -15.06 46.60 2.87
CA THR D 280 -13.81 47.41 2.72
C THR D 280 -12.52 46.57 3.02
N LEU D 281 -12.70 45.44 3.70
CA LEU D 281 -11.59 44.49 3.91
C LEU D 281 -11.15 43.68 2.65
N ALA D 282 -11.83 43.86 1.49
CA ALA D 282 -11.53 43.08 0.30
C ALA D 282 -10.06 43.15 -0.11
N ARG D 283 -9.52 44.39 -0.19
CA ARG D 283 -8.14 44.54 -0.66
C ARG D 283 -7.18 43.80 0.33
N ASN D 284 -7.37 44.00 1.62
CA ASN D 284 -6.52 43.33 2.62
C ASN D 284 -6.76 41.80 2.66
N ALA D 285 -8.01 41.37 2.39
CA ALA D 285 -8.32 39.92 2.34
C ALA D 285 -7.55 39.28 1.19
N PHE D 286 -7.44 40.04 0.08
CA PHE D 286 -6.60 39.51 -1.00
C PHE D 286 -5.08 39.50 -0.66
N GLU D 287 -4.55 40.58 -0.03
CA GLU D 287 -3.14 40.66 0.31
C GLU D 287 -2.77 39.53 1.26
N GLU D 288 -3.68 39.26 2.17
CA GLU D 288 -3.50 38.16 3.17
C GLU D 288 -3.46 36.79 2.45
N ALA D 289 -4.20 36.63 1.38
CA ALA D 289 -4.17 35.32 0.67
C ALA D 289 -2.86 35.19 -0.11
N VAL D 290 -2.34 36.33 -0.60
CA VAL D 290 -0.96 36.29 -1.19
C VAL D 290 0.11 35.85 -0.14
N ARG D 291 0.05 36.43 1.05
CA ARG D 291 0.95 36.04 2.12
C ARG D 291 0.79 34.52 2.42
N PHE D 292 -0.48 34.14 2.61
CA PHE D 292 -0.81 32.80 3.10
C PHE D 292 -0.42 31.72 2.15
N GLU D 293 -0.74 31.91 0.88
CA GLU D 293 -0.38 30.84 -0.11
C GLU D 293 0.92 31.10 -0.90
N SER D 294 1.35 32.36 -1.01
CA SER D 294 2.57 32.68 -1.79
C SER D 294 2.57 32.05 -3.17
N PRO D 295 1.69 32.58 -4.06
CA PRO D 295 1.62 31.95 -5.42
C PRO D 295 2.99 31.82 -6.09
N VAL D 296 3.85 32.84 -5.93
CA VAL D 296 5.26 32.62 -6.39
C VAL D 296 6.09 32.15 -5.19
N GLN D 297 6.55 30.90 -5.20
CA GLN D 297 7.02 30.29 -3.96
C GLN D 297 8.51 30.62 -3.70
N THR D 298 9.27 30.77 -4.79
CA THR D 298 10.75 30.73 -4.70
C THR D 298 11.35 31.58 -5.82
N PHE D 299 12.52 32.21 -5.53
CA PHE D 299 13.38 32.75 -6.60
C PHE D 299 14.85 32.60 -6.13
N PHE D 300 15.80 32.56 -7.06
CA PHE D 300 17.12 32.53 -6.69
C PHE D 300 17.84 33.92 -6.82
N ARG D 301 19.02 34.03 -6.22
CA ARG D 301 19.96 35.13 -6.54
C ARG D 301 21.30 34.50 -6.68
N THR D 302 22.29 35.24 -7.20
CA THR D 302 23.65 34.69 -7.28
C THR D 302 24.60 35.63 -6.55
N THR D 303 25.40 35.11 -5.61
CA THR D 303 26.35 36.00 -4.93
C THR D 303 27.38 36.58 -5.82
N THR D 304 27.68 37.86 -5.59
CA THR D 304 28.75 38.49 -6.38
C THR D 304 30.04 38.66 -5.61
N ARG D 305 30.05 38.37 -4.32
CA ARG D 305 31.24 38.35 -3.54
C ARG D 305 30.99 37.33 -2.41
N GLU D 306 32.03 36.94 -1.68
CA GLU D 306 31.82 36.27 -0.43
C GLU D 306 31.03 37.15 0.52
N VAL D 307 30.05 36.58 1.17
CA VAL D 307 29.12 37.34 1.98
C VAL D 307 28.82 36.56 3.24
N GLU D 308 28.69 37.30 4.32
CA GLU D 308 28.21 36.76 5.55
C GLU D 308 26.75 37.09 5.72
N LEU D 309 25.97 36.08 5.99
CA LEU D 309 24.51 36.21 6.03
C LEU D 309 23.92 35.48 7.30
N GLY D 310 23.28 36.20 8.23
CA GLY D 310 22.90 35.64 9.60
C GLY D 310 24.03 34.92 10.37
N GLY D 311 25.30 35.27 10.10
CA GLY D 311 26.45 34.62 10.74
C GLY D 311 27.12 33.52 9.89
N ALA D 312 26.52 33.17 8.74
CA ALA D 312 27.04 32.11 7.86
C ALA D 312 27.69 32.65 6.61
N VAL D 313 28.83 32.13 6.23
CA VAL D 313 29.60 32.61 5.12
C VAL D 313 29.34 31.84 3.80
N ILE D 314 28.98 32.56 2.72
CA ILE D 314 28.71 31.98 1.41
C ILE D 314 29.71 32.59 0.50
N GLY D 315 30.38 31.75 -0.28
CA GLY D 315 31.37 32.25 -1.24
C GLY D 315 30.74 32.96 -2.47
N GLU D 316 31.59 33.61 -3.27
CA GLU D 316 31.24 34.23 -4.53
C GLU D 316 30.72 33.26 -5.52
N GLY D 317 29.73 33.75 -6.29
CA GLY D 317 29.29 32.99 -7.46
C GLY D 317 28.44 31.75 -7.12
N GLU D 318 27.77 31.81 -5.97
CA GLU D 318 26.90 30.71 -5.55
C GLU D 318 25.44 31.08 -5.71
N LYS D 319 24.56 30.11 -6.08
CA LYS D 319 23.18 30.34 -6.10
C LYS D 319 22.56 30.27 -4.73
N VAL D 320 21.62 31.17 -4.46
CA VAL D 320 20.97 31.23 -3.15
C VAL D 320 19.50 31.18 -3.46
N LEU D 321 18.81 30.14 -2.92
CA LEU D 321 17.36 29.94 -3.14
C LEU D 321 16.62 30.55 -2.00
N MET D 322 15.84 31.55 -2.31
CA MET D 322 14.94 32.23 -1.37
C MET D 322 13.58 31.54 -1.29
N PHE D 323 13.14 31.14 -0.09
CA PHE D 323 11.78 30.58 0.09
C PHE D 323 10.78 31.63 0.48
N LEU D 324 10.14 32.31 -0.50
CA LEU D 324 9.19 33.41 -0.21
C LEU D 324 8.00 32.90 0.62
N GLY D 325 7.46 31.77 0.23
CA GLY D 325 6.32 31.22 0.96
C GLY D 325 6.71 30.84 2.39
N SER D 326 7.94 30.36 2.60
CA SER D 326 8.34 30.01 3.98
C SER D 326 8.49 31.30 4.79
N ALA D 327 9.04 32.32 4.13
CA ALA D 327 9.26 33.55 4.84
C ALA D 327 7.96 34.15 5.28
N ASN D 328 6.91 33.96 4.46
CA ASN D 328 5.60 34.53 4.72
C ASN D 328 4.83 33.72 5.77
N ARG D 329 5.39 32.58 6.15
CA ARG D 329 4.82 31.75 7.27
C ARG D 329 5.81 31.58 8.42
N ASP D 330 6.86 32.41 8.47
CA ASP D 330 7.88 32.23 9.53
C ASP D 330 7.28 32.71 10.83
N PRO D 331 7.19 31.85 11.87
CA PRO D 331 6.64 32.37 13.16
C PRO D 331 7.56 33.41 13.86
N ARG D 332 8.83 33.48 13.45
CA ARG D 332 9.70 34.54 14.02
C ARG D 332 9.23 35.93 13.58
N ARG D 333 8.46 36.01 12.47
CA ARG D 333 7.92 37.31 11.96
C ARG D 333 6.40 37.46 12.09
N TRP D 334 5.64 36.37 12.02
CA TRP D 334 4.21 36.49 11.95
C TRP D 334 3.61 35.80 13.16
N SER D 335 2.54 36.41 13.71
CA SER D 335 1.81 35.73 14.81
C SER D 335 0.84 34.75 14.18
N ASP D 336 0.76 33.52 14.71
CA ASP D 336 -0.14 32.49 14.03
C ASP D 336 -0.03 32.50 12.51
N PRO D 337 1.16 32.18 11.98
CA PRO D 337 1.38 32.36 10.53
C PRO D 337 0.46 31.46 9.68
N ASP D 338 0.06 30.31 10.28
CA ASP D 338 -0.82 29.37 9.55
C ASP D 338 -2.35 29.68 9.66
N LEU D 339 -2.68 30.85 10.19
CA LEU D 339 -4.10 31.33 10.08
C LEU D 339 -4.27 32.40 9.00
N TYR D 340 -5.36 32.27 8.25
CA TYR D 340 -5.79 33.27 7.30
C TYR D 340 -6.59 34.32 8.09
N ASP D 341 -6.07 35.55 8.14
CA ASP D 341 -6.69 36.62 9.00
C ASP D 341 -6.78 37.91 8.18
N ILE D 342 -7.99 38.26 7.73
CA ILE D 342 -8.14 39.32 6.76
C ILE D 342 -7.89 40.71 7.38
N THR D 343 -7.79 40.78 8.71
CA THR D 343 -7.38 42.07 9.36
C THR D 343 -5.93 42.05 9.82
N ARG D 344 -5.18 41.03 9.41
CA ARG D 344 -3.71 41.04 9.64
C ARG D 344 -2.97 42.25 9.06
N LYS D 345 -1.97 42.75 9.79
CA LYS D 345 -1.15 43.76 9.20
C LYS D 345 -0.17 43.01 8.25
N THR D 346 -0.49 43.06 6.95
CA THR D 346 0.26 42.27 5.96
C THR D 346 1.47 43.02 5.49
N SER D 347 1.51 44.33 5.72
CA SER D 347 2.65 45.09 5.23
C SER D 347 4.08 44.44 5.50
N GLY D 348 4.88 44.27 4.46
CA GLY D 348 6.24 43.62 4.69
C GLY D 348 6.26 42.10 4.31
N HIS D 349 5.12 41.50 4.06
CA HIS D 349 5.19 40.11 3.39
C HIS D 349 6.02 40.20 2.15
N VAL D 350 6.56 39.05 1.65
CA VAL D 350 7.44 39.07 0.50
C VAL D 350 6.77 38.27 -0.66
N GLY D 351 5.43 38.16 -0.64
CA GLY D 351 4.70 37.45 -1.74
C GLY D 351 4.87 38.14 -3.08
N PHE D 352 5.17 39.45 -3.05
CA PHE D 352 5.39 40.20 -4.32
C PHE D 352 6.88 40.55 -4.32
N GLY D 353 7.66 39.90 -3.48
CA GLY D 353 9.08 40.39 -3.43
C GLY D 353 9.30 41.59 -2.50
N SER D 354 10.50 42.19 -2.61
CA SER D 354 10.85 43.36 -1.79
C SER D 354 12.06 44.03 -2.45
N GLY D 355 12.06 45.37 -2.40
CA GLY D 355 13.22 46.17 -2.89
C GLY D 355 13.10 46.45 -4.36
N VAL D 356 14.23 46.45 -5.06
CA VAL D 356 14.30 47.14 -6.40
C VAL D 356 13.46 46.31 -7.43
N HIS D 357 13.37 44.99 -7.18
CA HIS D 357 12.55 44.19 -8.17
C HIS D 357 11.14 43.87 -7.64
N MET D 358 10.74 44.45 -6.52
CA MET D 358 9.38 44.19 -6.02
C MET D 358 8.28 44.27 -7.08
N CYS D 359 7.44 43.26 -7.18
CA CYS D 359 6.43 43.19 -8.33
C CYS D 359 5.97 44.52 -8.92
N VAL D 360 6.41 44.76 -10.16
CA VAL D 360 5.99 46.02 -10.79
C VAL D 360 4.52 45.97 -11.21
N GLY D 361 3.93 44.75 -11.26
CA GLY D 361 2.52 44.69 -11.59
C GLY D 361 1.62 44.53 -10.39
N GLN D 362 2.11 44.87 -9.20
CA GLN D 362 1.41 44.56 -7.95
C GLN D 362 0.07 45.31 -7.94
N LEU D 363 0.00 46.51 -8.55
CA LEU D 363 -1.27 47.24 -8.49
C LEU D 363 -2.34 46.61 -9.44
N VAL D 364 -1.94 46.01 -10.56
CA VAL D 364 -2.92 45.22 -11.40
C VAL D 364 -3.43 44.01 -10.61
N ALA D 365 -2.51 43.32 -9.95
CA ALA D 365 -2.92 42.13 -9.13
C ALA D 365 -3.84 42.53 -8.03
N ARG D 366 -3.50 43.59 -7.32
CA ARG D 366 -4.37 43.99 -6.26
C ARG D 366 -5.69 44.54 -6.76
N LEU D 367 -5.70 45.16 -7.94
CA LEU D 367 -6.99 45.63 -8.48
C LEU D 367 -7.91 44.42 -8.76
N GLU D 368 -7.38 43.44 -9.46
CA GLU D 368 -8.15 42.21 -9.79
C GLU D 368 -8.66 41.51 -8.54
N GLY D 369 -7.77 41.35 -7.57
CA GLY D 369 -8.13 40.56 -6.36
C GLY D 369 -9.12 41.34 -5.55
N GLU D 370 -8.90 42.65 -5.41
CA GLU D 370 -9.80 43.49 -4.60
C GLU D 370 -11.21 43.49 -5.19
N VAL D 371 -11.30 43.69 -6.51
CA VAL D 371 -12.63 43.76 -7.17
C VAL D 371 -13.38 42.41 -7.17
N MET D 372 -12.64 41.29 -7.33
CA MET D 372 -13.27 39.96 -7.17
C MET D 372 -13.76 39.72 -5.73
N LEU D 373 -12.91 40.02 -4.75
CA LEU D 373 -13.29 39.81 -3.36
C LEU D 373 -14.42 40.76 -2.92
N SER D 374 -14.44 41.94 -3.56
CA SER D 374 -15.55 42.88 -3.34
C SER D 374 -16.84 42.30 -3.89
N ALA D 375 -16.79 41.72 -5.09
CA ALA D 375 -17.99 41.13 -5.70
C ALA D 375 -18.52 39.97 -4.82
N LEU D 376 -17.60 39.16 -4.31
CA LEU D 376 -17.99 38.02 -3.44
C LEU D 376 -18.56 38.53 -2.10
N ALA D 377 -17.90 39.54 -1.53
CA ALA D 377 -18.27 40.12 -0.21
C ALA D 377 -19.71 40.68 -0.21
N ARG D 378 -20.14 41.13 -1.39
CA ARG D 378 -21.48 41.74 -1.59
C ARG D 378 -22.56 40.73 -2.04
N LYS D 379 -22.18 39.67 -2.75
CA LYS D 379 -23.19 38.86 -3.44
C LYS D 379 -23.27 37.43 -2.91
N VAL D 380 -22.24 36.97 -2.22
CA VAL D 380 -22.14 35.56 -1.79
C VAL D 380 -22.20 35.39 -0.28
N ALA D 381 -23.04 34.47 0.17
CA ALA D 381 -23.24 34.23 1.60
C ALA D 381 -22.31 33.18 2.16
N ALA D 382 -21.97 32.18 1.36
CA ALA D 382 -21.08 31.09 1.74
C ALA D 382 -20.31 30.51 0.53
N ILE D 383 -19.10 30.03 0.80
CA ILE D 383 -18.31 29.21 -0.14
C ILE D 383 -17.89 27.86 0.48
N ASP D 384 -18.39 26.75 -0.08
CA ASP D 384 -18.06 25.41 0.44
C ASP D 384 -17.50 24.56 -0.64
N ILE D 385 -16.38 23.99 -0.32
CA ILE D 385 -15.78 22.96 -1.16
C ILE D 385 -16.72 21.76 -1.25
N ASP D 386 -16.90 21.20 -2.45
CA ASP D 386 -17.87 20.12 -2.61
C ASP D 386 -17.40 19.09 -3.62
N GLY D 387 -16.08 18.88 -3.73
CA GLY D 387 -15.59 17.90 -4.68
C GLY D 387 -14.09 17.82 -4.46
N PRO D 388 -13.42 16.82 -5.11
CA PRO D 388 -11.99 16.62 -4.86
C PRO D 388 -11.15 17.84 -5.33
N VAL D 389 -10.31 18.34 -4.42
CA VAL D 389 -9.35 19.42 -4.76
C VAL D 389 -8.13 18.78 -5.42
N LYS D 390 -7.70 19.33 -6.57
CA LYS D 390 -6.59 18.78 -7.26
C LYS D 390 -5.54 19.88 -7.40
N ARG D 391 -4.28 19.53 -7.05
CA ARG D 391 -3.13 20.52 -7.13
C ARG D 391 -2.46 20.54 -8.51
N ARG D 392 -1.93 21.71 -8.92
CA ARG D 392 -1.19 21.74 -10.20
C ARG D 392 0.27 21.91 -9.83
N PHE D 393 1.18 21.09 -10.35
CA PHE D 393 2.54 21.14 -9.95
C PHE D 393 3.28 22.05 -10.91
N ASN D 394 4.05 22.98 -10.32
CA ASN D 394 4.89 23.86 -11.18
C ASN D 394 6.15 24.13 -10.34
N ASN D 395 7.33 24.25 -10.96
CA ASN D 395 8.57 24.47 -10.20
C ASN D 395 8.57 25.74 -9.36
N THR D 396 7.76 26.69 -9.76
CA THR D 396 7.85 28.00 -9.08
C THR D 396 6.48 28.42 -8.57
N LEU D 397 5.38 28.10 -9.28
CA LEU D 397 4.04 28.60 -8.89
C LEU D 397 3.36 27.55 -8.01
N ARG D 398 2.67 28.04 -6.99
CA ARG D 398 1.86 27.15 -6.14
C ARG D 398 0.44 27.46 -6.43
N GLY D 399 -0.36 26.40 -6.65
CA GLY D 399 -1.74 26.70 -6.98
C GLY D 399 -2.49 25.39 -7.33
N LEU D 400 -3.79 25.52 -7.45
CA LEU D 400 -4.70 24.37 -7.67
C LEU D 400 -5.02 24.21 -9.18
N GLU D 401 -5.17 22.94 -9.61
CA GLU D 401 -5.75 22.65 -10.93
C GLU D 401 -7.32 22.76 -10.93
N SER D 402 -7.95 22.30 -9.83
CA SER D 402 -9.42 22.23 -9.67
C SER D 402 -9.79 22.49 -8.23
N LEU D 403 -10.82 23.28 -8.02
CA LEU D 403 -11.32 23.56 -6.69
C LEU D 403 -12.88 23.63 -6.80
N PRO D 404 -13.55 22.47 -6.70
CA PRO D 404 -15.04 22.47 -6.78
C PRO D 404 -15.67 23.11 -5.58
N VAL D 405 -16.48 24.13 -5.82
CA VAL D 405 -17.14 24.83 -4.73
C VAL D 405 -18.61 25.08 -5.07
N LYS D 406 -19.42 25.22 -4.02
CA LYS D 406 -20.76 25.72 -4.16
C LYS D 406 -20.77 27.09 -3.51
N LEU D 407 -21.26 28.05 -4.29
CA LEU D 407 -21.61 29.39 -3.81
C LEU D 407 -23.10 29.52 -3.53
N THR D 408 -23.40 30.07 -2.36
CA THR D 408 -24.74 30.36 -1.88
C THR D 408 -24.92 31.85 -1.98
N PRO D 409 -26.04 32.30 -2.62
CA PRO D 409 -26.33 33.73 -2.79
C PRO D 409 -26.64 34.41 -1.45
N ALA D 410 -26.21 35.66 -1.30
CA ALA D 410 -26.61 36.50 -0.16
C ALA D 410 -28.16 36.65 -0.08
CHA HEM E . 19.63 -7.01 14.82
CHB HEM E . 22.58 -9.00 11.52
CHC HEM E . 21.03 -13.40 12.89
CHD HEM E . 17.31 -11.23 15.15
C1A HEM E . 20.59 -7.12 13.87
C2A HEM E . 21.36 -6.04 13.26
C3A HEM E . 22.19 -6.65 12.37
C4A HEM E . 21.89 -8.12 12.31
CMA HEM E . 23.24 -5.97 11.47
CAA HEM E . 21.35 -4.57 13.74
CBA HEM E . 20.16 -3.76 13.24
CGA HEM E . 20.32 -2.26 13.40
O1A HEM E . 19.38 -1.52 13.03
O2A HEM E . 21.38 -1.87 13.89
C1B HEM E . 22.41 -10.42 11.65
C2B HEM E . 23.27 -11.35 11.02
C3B HEM E . 22.83 -12.57 11.35
C4B HEM E . 21.75 -12.35 12.27
CMB HEM E . 24.39 -11.00 10.03
CAB HEM E . 23.42 -13.97 10.93
CBB HEM E . 24.67 -14.17 10.46
C1C HEM E . 19.93 -13.18 13.68
C2C HEM E . 19.05 -14.20 14.28
C3C HEM E . 18.02 -13.58 14.88
C4C HEM E . 18.18 -12.15 14.70
CMC HEM E . 19.43 -15.74 14.14
CAC HEM E . 16.91 -14.18 15.73
CBC HEM E . 16.77 -15.51 15.97
C1D HEM E . 17.58 -9.85 15.21
C2D HEM E . 16.67 -8.91 15.80
C3D HEM E . 17.38 -7.63 15.78
C4D HEM E . 18.68 -7.95 15.13
CMD HEM E . 15.23 -9.19 16.35
CAD HEM E . 16.93 -6.26 16.30
CBD HEM E . 17.77 -6.04 17.62
CGD HEM E . 17.47 -4.61 18.10
O1D HEM E . 17.72 -4.36 19.32
O2D HEM E . 16.92 -3.74 17.37
NA HEM E . 20.87 -8.32 13.24
NB HEM E . 21.49 -11.02 12.53
NC HEM E . 19.32 -11.98 13.95
ND HEM E . 18.77 -9.29 14.73
FE HEM E . 20.17 -10.16 13.70
O1 1F1 F . 11.18 -7.40 12.34
C2 1F1 F . 12.27 -7.14 12.91
O3 1F1 F . 12.19 -6.75 14.12
C4 1F1 F . 13.58 -7.25 12.14
C5 1F1 F . 13.57 -7.35 10.67
C6 1F1 F . 14.82 -7.40 10.03
C7 1F1 F . 15.90 -7.27 10.82
C8 1F1 F . 17.29 -7.37 10.29
C9 1F1 F . 18.14 -7.21 11.52
N10 1F1 F . 17.20 -7.10 12.58
C11 1F1 F . 15.93 -7.15 12.14
C12 1F1 F . 14.82 -7.15 12.86
O1 1F1 G . 15.20 -20.56 -2.03
C2 1F1 G . 14.14 -19.95 -1.81
O3 1F1 G . 13.01 -20.51 -1.68
C4 1F1 G . 14.20 -18.48 -1.60
C5 1F1 G . 13.18 -17.66 -2.17
C6 1F1 G . 13.15 -16.30 -1.98
C7 1F1 G . 14.21 -15.87 -1.18
C8 1F1 G . 14.46 -14.44 -0.84
C9 1F1 G . 15.74 -14.51 0.02
N10 1F1 G . 16.10 -15.93 0.06
C11 1F1 G . 15.21 -16.66 -0.64
C12 1F1 G . 15.26 -18.01 -0.81
O1 1F1 H . -0.62 -2.16 5.76
C2 1F1 H . -1.05 -2.04 6.92
O3 1F1 H . -2.07 -2.67 7.31
C4 1F1 H . -0.29 -1.11 7.85
C5 1F1 H . 0.82 -0.42 7.29
C6 1F1 H . 1.54 0.50 8.07
C7 1F1 H . 1.17 0.62 9.42
C8 1F1 H . 1.78 1.52 10.45
C9 1F1 H . 1.02 1.11 11.72
N10 1F1 H . -0.08 0.25 11.29
C11 1F1 H . 0.09 -0.08 9.97
C12 1F1 H . -0.67 -0.96 9.20
S SO4 I . 21.57 -7.02 25.46
O1 SO4 I . 22.38 -7.86 24.57
O2 SO4 I . 20.09 -6.89 25.46
O3 SO4 I . 22.04 -5.63 25.09
O4 SO4 I . 21.96 -7.19 26.87
S SO4 J . 12.09 16.78 10.59
O1 SO4 J . 12.69 16.16 11.70
O2 SO4 J . 12.32 16.05 9.40
O3 SO4 J . 12.73 18.06 10.52
O4 SO4 J . 10.67 16.94 10.76
C1 GOL K . 22.42 -10.90 22.50
O1 GOL K . 23.76 -11.37 22.43
C2 GOL K . 22.08 -11.12 23.96
O2 GOL K . 21.21 -10.01 24.22
C3 GOL K . 21.33 -12.45 23.99
O3 GOL K . 20.88 -12.79 25.31
C1 GOL L . 45.72 -12.32 7.57
O1 GOL L . 46.30 -11.62 6.50
C2 GOL L . 45.46 -11.24 8.59
O2 GOL L . 44.13 -11.03 9.00
C3 GOL L . 46.01 -9.98 7.94
O3 GOL L . 47.36 -10.10 8.26
CL CL M . 4.45 -8.66 8.10
CHA HEM N . 3.37 -41.06 -19.40
CHB HEM N . 1.07 -36.92 -18.61
CHC HEM N . 1.11 -37.88 -13.90
CHD HEM N . 4.48 -41.38 -14.65
C1A HEM N . 2.67 -39.90 -19.67
C2A HEM N . 2.34 -39.34 -20.94
C3A HEM N . 1.76 -38.15 -20.71
C4A HEM N . 1.69 -37.98 -19.27
CMA HEM N . 1.16 -37.14 -21.68
CAA HEM N . 2.59 -40.04 -22.32
CBA HEM N . 4.09 -40.05 -22.69
CGA HEM N . 4.18 -40.34 -24.19
O1A HEM N . 5.30 -40.25 -24.71
O2A HEM N . 3.14 -40.63 -24.82
C1B HEM N . 0.84 -36.83 -17.21
C2B HEM N . -0.08 -35.84 -16.63
C3B HEM N . -0.06 -36.08 -15.26
C4B HEM N . 0.77 -37.24 -15.07
CMB HEM N . -0.75 -34.69 -17.36
CAB HEM N . -0.78 -35.38 -14.10
CBB HEM N . -1.85 -34.58 -14.20
C1C HEM N . 1.95 -38.93 -13.73
C2C HEM N . 2.30 -39.54 -12.39
C3C HEM N . 3.20 -40.51 -12.63
C4C HEM N . 3.53 -40.52 -14.07
CMC HEM N . 1.67 -39.26 -10.99
CAC HEM N . 3.87 -41.55 -11.71
CBC HEM N . 3.73 -41.66 -10.37
C1D HEM N . 4.54 -41.49 -16.04
C2D HEM N . 5.44 -42.40 -16.67
C3D HEM N . 5.02 -42.38 -18.08
C4D HEM N . 3.92 -41.43 -18.18
CMD HEM N . 6.53 -43.25 -16.08
CAD HEM N . 5.74 -43.19 -19.23
CBD HEM N . 4.71 -44.37 -19.56
CGD HEM N . 5.13 -45.10 -20.82
O1D HEM N . 4.58 -46.25 -21.00
O2D HEM N . 5.99 -44.58 -21.58
NA HEM N . 2.24 -39.06 -18.68
NB HEM N . 1.26 -37.75 -16.28
NC HEM N . 2.77 -39.58 -14.66
ND HEM N . 3.62 -40.81 -16.93
FE HEM N . 2.40 -39.38 -16.60
O1 1F1 O . 10.47 -42.21 -17.67
C2 1F1 O . 10.68 -40.97 -17.49
O3 1F1 O . 11.77 -40.64 -16.94
C4 1F1 O . 9.66 -39.91 -17.86
C5 1F1 O . 10.08 -38.53 -17.84
C6 1F1 O . 9.13 -37.53 -18.13
C7 1F1 O . 7.86 -37.96 -18.49
C8 1F1 O . 6.68 -37.12 -18.92
C9 1F1 O . 5.63 -38.18 -19.16
N10 1F1 O . 6.29 -39.46 -18.93
C11 1F1 O . 7.51 -39.30 -18.54
C12 1F1 O . 8.37 -40.27 -18.23
O1 1F1 P . 11.01 -25.35 -14.69
C2 1F1 P . 11.69 -25.72 -13.58
O3 1F1 P . 12.94 -25.89 -13.55
C4 1F1 P . 10.96 -25.82 -12.23
C5 1F1 P . 9.65 -26.38 -12.22
C6 1F1 P . 8.87 -26.39 -11.05
C7 1F1 P . 9.47 -25.84 -9.95
C8 1F1 P . 8.80 -25.71 -8.61
C9 1F1 P . 9.81 -24.81 -7.86
N10 1F1 P . 11.04 -24.82 -8.68
C11 1F1 P . 10.75 -25.32 -9.92
C12 1F1 P . 11.56 -25.27 -11.05
S SO4 Q . -1.35 -50.83 -19.29
O1 SO4 Q . -1.22 -50.65 -20.75
O2 SO4 Q . -2.11 -52.08 -19.01
O3 SO4 Q . -1.96 -49.63 -18.73
O4 SO4 Q . 0.05 -51.08 -18.82
C1 GOL R . -2.29 -47.15 -15.87
O1 GOL R . -3.52 -46.67 -15.38
C2 GOL R . -2.27 -48.59 -15.30
O2 GOL R . -1.31 -49.24 -16.08
C3 GOL R . -2.05 -48.64 -13.77
O3 GOL R . -2.12 -50.04 -13.38
C1 GOL S . -10.19 -29.81 -44.11
O1 GOL S . -9.47 -28.99 -45.00
C2 GOL S . -9.70 -29.23 -42.87
O2 GOL S . -10.56 -29.86 -41.92
C3 GOL S . -8.38 -29.82 -43.32
O3 GOL S . -7.59 -28.73 -43.74
C1 GOL T . -19.01 -27.74 -23.30
O1 GOL T . -19.12 -29.13 -22.97
C2 GOL T . -20.29 -26.91 -23.03
O2 GOL T . -20.70 -26.35 -24.26
C3 GOL T . -21.45 -27.83 -22.65
O3 GOL T . -21.64 -28.55 -23.85
CL CL U . 18.82 -37.93 -14.35
CHA HEM V . -32.08 8.73 22.65
CHB HEM V . -28.98 10.81 19.56
CHC HEM V . -25.33 8.22 21.45
CHD HEM V . -28.70 5.47 23.65
C1A HEM V . -31.54 9.55 21.71
C2A HEM V . -32.25 10.60 21.00
C3A HEM V . -31.35 11.13 20.14
C4A HEM V . -30.11 10.43 20.27
CMA HEM V . -31.65 12.29 19.16
CAA HEM V . -33.70 11.06 21.18
CBA HEM V . -34.76 10.09 20.69
CGA HEM V . -36.16 10.63 20.75
O1A HEM V . -37.09 10.01 20.24
O2A HEM V . -36.41 11.81 21.18
C1B HEM V . -27.69 10.32 19.82
C2B HEM V . -26.43 10.77 19.19
C3B HEM V . -25.42 10.02 19.70
C4B HEM V . -26.01 9.10 20.65
CMB HEM V . -26.37 11.89 18.11
CAB HEM V . -23.89 10.05 19.51
CBB HEM V . -23.23 11.15 19.04
C1C HEM V . -25.94 7.29 22.27
C2C HEM V . -25.25 6.21 22.98
C3C HEM V . -26.20 5.48 23.57
C4C HEM V . -27.48 6.02 23.25
CMC HEM V . -23.73 6.04 23.12
CAC HEM V . -26.03 4.25 24.48
CBC HEM V . -24.91 4.04 25.21
C1D HEM V . -29.89 6.08 23.50
C2D HEM V . -31.16 5.51 24.03
C3D HEM V . -32.16 6.54 23.84
C4D HEM V . -31.46 7.62 23.15
CMD HEM V . -31.41 4.18 24.73
CAD HEM V . -33.63 6.40 24.18
CBD HEM V . -33.72 7.32 25.48
CGD HEM V . -35.22 7.51 25.73
O1D HEM V . -35.66 7.95 26.87
O2D HEM V . -36.16 7.16 24.97
NA HEM V . -30.22 9.45 21.24
NB HEM V . -27.40 9.28 20.68
NC HEM V . -27.30 7.09 22.42
ND HEM V . -30.13 7.34 22.96
FE HEM V . -28.80 8.36 21.92
O1 1F1 W . -33.76 0.38 20.75
C2 1F1 W . -33.69 1.52 21.26
O3 1F1 W . -34.21 1.82 22.41
C4 1F1 W . -33.17 2.69 20.49
C5 1F1 W . -32.94 2.51 19.08
C6 1F1 W . -32.55 3.54 18.24
C7 1F1 W . -32.39 4.77 18.90
C8 1F1 W . -31.95 6.03 18.28
C9 1F1 W . -31.93 6.98 19.46
N10 1F1 W . -32.30 6.18 20.59
C11 1F1 W . -32.60 4.93 20.26
C12 1F1 W . -33.04 3.95 21.10
O1 1F1 X . -22.68 -3.59 5.76
C2 1F1 X . -23.73 -3.19 6.30
O3 1F1 X . -24.79 -3.88 6.31
C4 1F1 X . -23.74 -1.86 7.00
C5 1F1 X . -24.93 -1.08 6.98
C6 1F1 X . -24.96 0.15 7.64
C7 1F1 X . -23.79 0.57 8.30
C8 1F1 X . -23.63 1.87 9.08
C9 1F1 X . -22.07 1.84 9.38
N10 1F1 X . -21.64 0.42 9.00
C11 1F1 X . -22.64 -0.17 8.31
C12 1F1 X . -22.58 -1.41 7.68
S SO4 Y . -32.90 11.73 33.05
O1 SO4 Y . -31.67 12.03 32.23
O2 SO4 Y . -33.20 10.30 33.03
O3 SO4 Y . -34.10 12.27 32.43
O4 SO4 Y . -32.74 12.16 34.44
S SO4 Z . -44.74 1.28 36.29
O1 SO4 Z . -45.48 1.63 35.06
O2 SO4 Z . -43.88 0.10 36.22
O3 SO4 Z . -43.88 2.42 36.52
O4 SO4 Z . -45.56 1.05 37.46
S SO4 AA . -43.13 32.96 9.53
O1 SO4 AA . -43.52 31.93 8.55
O2 SO4 AA . -41.81 33.48 9.29
O3 SO4 AA . -44.05 34.03 9.38
O4 SO4 AA . -43.20 32.52 10.89
C1 GOL BA . -28.38 11.18 30.58
O1 GOL BA . -27.22 11.98 30.56
C2 GOL BA . -28.46 10.81 32.08
O2 GOL BA . -29.77 10.31 32.29
C3 GOL BA . -27.51 9.64 32.35
O3 GOL BA . -27.25 9.49 33.74
CL CL CA . -34.00 -6.75 17.08
O1 1F1 DA . -9.64 20.25 1.61
C2 1F1 DA . -10.86 20.38 1.94
O3 1F1 DA . -11.12 21.34 2.73
C4 1F1 DA . -11.90 19.42 1.30
C5 1F1 DA . -11.39 18.45 0.38
C6 1F1 DA . -12.18 17.52 -0.32
C7 1F1 DA . -13.56 17.53 -0.10
C8 1F1 DA . -14.61 16.61 -0.75
C9 1F1 DA . -15.90 17.20 -0.14
N10 1F1 DA . -15.49 18.24 0.83
C11 1F1 DA . -14.12 18.45 0.80
C12 1F1 DA . -13.34 19.41 1.51
CHA HEM EA . 8.18 40.91 -10.09
CHB HEM EA . 5.09 38.06 -7.66
CHC HEM EA . 1.40 39.86 -10.42
CHD HEM EA . 4.73 41.61 -13.49
C1A HEM EA . 7.68 40.07 -9.12
C2A HEM EA . 8.46 39.45 -8.00
C3A HEM EA . 7.51 38.67 -7.35
C4A HEM EA . 6.26 38.76 -7.98
CMA HEM EA . 7.67 37.72 -6.10
CAA HEM EA . 9.97 39.71 -7.65
CBA HEM EA . 10.92 38.91 -8.53
CGA HEM EA . 12.35 39.05 -8.00
O1A HEM EA . 13.19 38.41 -8.66
O2A HEM EA . 12.51 39.67 -6.91
C1B HEM EA . 3.84 38.27 -8.16
C2B HEM EA . 2.56 37.80 -7.60
C3B HEM EA . 1.57 38.31 -8.40
C4B HEM EA . 2.15 39.11 -9.46
CMB HEM EA . 2.30 36.86 -6.40
CAB HEM EA . 0.01 38.18 -8.37
CBB HEM EA . -0.81 37.80 -7.33
C1C HEM EA . 1.96 40.50 -11.50
C2C HEM EA . 1.25 41.13 -12.62
C3C HEM EA . 2.17 41.63 -13.47
C4C HEM EA . 3.48 41.28 -12.94
CMC HEM EA . -0.30 41.18 -12.75
CAC HEM EA . 1.95 42.36 -14.84
CBC HEM EA . 0.79 43.02 -15.08
C1D HEM EA . 5.95 41.50 -12.83
C2D HEM EA . 7.21 41.95 -13.43
C3D HEM EA . 8.25 41.79 -12.39
C4D HEM EA . 7.56 41.22 -11.27
CMD HEM EA . 7.45 42.42 -14.89
CAD HEM EA . 9.76 42.09 -12.54
CBD HEM EA . 9.97 43.38 -11.65
CGD HEM EA . 11.47 43.68 -11.60
O1D HEM EA . 11.82 44.90 -11.35
O2D HEM EA . 12.37 42.83 -11.86
NA HEM EA . 6.38 39.56 -9.10
NB HEM EA . 3.49 39.06 -9.24
NC HEM EA . 3.29 40.62 -11.71
ND HEM EA . 6.22 41.13 -11.53
FE HEM EA . 4.82 40.20 -10.36
O1 1F1 FA . 9.70 37.95 -18.17
C2 1F1 FA . 9.76 38.57 -17.08
O3 1F1 FA . 10.19 39.79 -16.94
C4 1F1 FA . 9.23 37.89 -15.85
C5 1F1 FA . 8.91 36.47 -15.90
C6 1F1 FA . 8.42 35.86 -14.72
C7 1F1 FA . 8.20 36.66 -13.60
C8 1F1 FA . 7.76 36.22 -12.25
C9 1F1 FA . 7.75 37.45 -11.40
N10 1F1 FA . 8.28 38.48 -12.28
C11 1F1 FA . 8.54 37.99 -13.54
C12 1F1 FA . 9.03 38.65 -14.65
S SO4 GA . 9.02 51.51 -8.40
O1 SO4 GA . 7.78 50.78 -7.98
O2 SO4 GA . 9.35 51.38 -9.84
O3 SO4 GA . 10.18 50.95 -7.68
O4 SO4 GA . 8.89 52.90 -8.00
S SO4 HA . 20.81 53.80 -18.83
O1 SO4 HA . 20.37 54.47 -20.08
O2 SO4 HA . 20.95 52.39 -19.28
O3 SO4 HA . 22.03 54.38 -18.25
O4 SO4 HA . 19.88 54.07 -17.71
C1 GOL IA . 4.50 49.16 -8.57
O1 GOL IA . 3.88 49.16 -7.30
C2 GOL IA . 4.55 50.64 -9.00
O2 GOL IA . 5.81 50.73 -9.63
C3 GOL IA . 3.59 50.78 -10.17
O3 GOL IA . 3.63 52.10 -10.67
CL CL JA . 9.87 33.53 -24.80
#